data_6NYA
#
_entry.id   6NYA
#
_cell.length_a   126.445
_cell.length_b   68.544
_cell.length_c   171.721
_cell.angle_alpha   90.00
_cell.angle_beta   110.72
_cell.angle_gamma   90.00
#
_symmetry.space_group_name_H-M   'P 1 21 1'
#
loop_
_entity.id
_entity.type
_entity.pdbx_description
1 polymer 'Ubiquitin-activating enzyme E1 1'
2 polymer Ubiquitin
3 polymer 'Ubiquitin-conjugating enzyme E2-34 kDa'
4 non-polymer "ADENOSINE-5'-TRIPHOSPHATE"
5 non-polymer 'MAGNESIUM ION'
6 non-polymer 'SULFATE ION'
7 non-polymer 1,2-ETHANEDIOL
8 water water
#
loop_
_entity_poly.entity_id
_entity_poly.type
_entity_poly.pdbx_seq_one_letter_code
_entity_poly.pdbx_strand_id
1 'polypeptide(L)'
;GAMAGEIDESLYSRQLYVLGKEAMLKMQTSNVLILGLKGLGVEIAKNVVLAGVKSMTVFDPEPVQLADLSTQFFLTEKDI
GQKRGDVTRAKLAELNAYVPVNVLDSLDDVTQLSQFQVVVATDTVSLEDKVKINEFCHSSGIRFISSETRGLFGNTFVDL
GDEFTVLDPTGEEPRTGMVSDIEPDGTVTMLDDNRHGLEDGNFVRFSEVEGLDKLNDGTLFKVEVLGPFAFRIGSVKEYG
EYKKGGIFTEVKVPRKISFKSLKQQLSNPEFVFSDFAKFDRAAQLHLGFQALHQFAVRHNGELPRTMNDEDANELIKLVT
DLSVQQPEVLGEGVDVNEDLIKELSYQARGDIPGVVAFFGGLVAQEVLKACSGKFTPLKQFMYFDSLESLPDPKNFPRNE
KTTQPVNSRYDNQIAVFGLDFQKKIANSKVFLVGSGAIGCEMLKNWALLGLGSGSDGYIVVTDNDSIEKSNLNRQFLFRP
KDVGKNKSEVAAEAVCAMNPDLKGKINAKIDKVGPETEEIFNDSFWESLDFVTNALDNVDARTYVDRRCVFYRKPLLESG
TLGTKGNTQVIIPRLTESYSSSRDPPEKSIPLCTLRSFPNKIDHTIAWAKSLFQGYFTDSAENVNMYLTQPNFVEQTLKQ
SGDVKGVLESISDSLSSKPHNFEDCIKWARLEFEKKFNHDIKQLLFNFPKDAKTSNGEPFWSGAKRAPTPLEFDIYNNDH
FHFVVAGASLRAYNYGIKSDDSNSKPNVDEYKSVIDHMIIPEFTPNANLKIQVNDDDPDPNANAANGSDEIDQLVSSLPD
PSTLAGFKLEPVDFEKDDDTNHHIEFITACSNCRAQNYFIETADRQKTKFIAGRIIPAIATTTSLVTGLVNLELYKLIDN
KTDIEQYKNGFVNLALPFFGFSEPIASPKGEYNNKKYDKIWDRFDIKGDIKLSDLIEHFEKDEGLEITMLSYGVSLLYAS
FFPPKKLKERLNLPITQLVKLVTKKDIPAHVSTMILEICADDKEGEDVEVPFITIHL
;
A,D
2 'polypeptide(L)'
;MHHHHHHGAMQIFVRTLTGRTITLEVESSDTIDNVRARIQDREGIPPDQQRLIFAGRQLEDGRTLADYNIQRESTLHLVL
RLRGG
;
B,E
3 'polypeptide(L)'
;GAMASRKSTASSLLLRQYRELTDPKKAIPSFHIELEDDSNIFTWNIGVMVLNEDSIYHGGFFKAQMRFPEDFPFSPPQFR
FTPAIYHPNVYRDGRLCISILHQSGDPMTDEPDAETWSPVQTVESVLISIVSLLEDPNINSPANVDAAVDYRKNPEQYKQ
RVKMEVERSKQDIPKGFIMPTSESAYISQSKLDEPES
;
C,F
#
loop_
_chem_comp.id
_chem_comp.type
_chem_comp.name
_chem_comp.formula
ATP non-polymer ADENOSINE-5'-TRIPHOSPHATE 'C10 H16 N5 O13 P3'
EDO non-polymer 1,2-ETHANEDIOL 'C2 H6 O2'
MG non-polymer 'MAGNESIUM ION' 'Mg 2'
SO4 non-polymer 'SULFATE ION' 'O4 S -2'
#
# COMPACT_ATOMS: atom_id res chain seq x y z
N ALA A 4 9.60 -3.22 -15.95
CA ALA A 4 10.20 -4.53 -15.72
C ALA A 4 9.65 -5.16 -14.43
N GLY A 5 9.73 -4.42 -13.33
CA GLY A 5 9.28 -4.92 -12.06
C GLY A 5 10.23 -5.87 -11.36
N GLU A 6 11.41 -6.09 -11.91
CA GLU A 6 12.39 -6.96 -11.27
C GLU A 6 13.43 -6.11 -10.56
N ILE A 7 13.91 -6.61 -9.42
CA ILE A 7 14.91 -5.93 -8.63
C ILE A 7 16.14 -6.84 -8.58
N ASP A 8 17.27 -6.31 -9.00
CA ASP A 8 18.52 -7.06 -8.99
C ASP A 8 18.92 -7.29 -7.53
N GLU A 9 18.60 -8.45 -6.98
CA GLU A 9 18.84 -8.71 -5.57
C GLU A 9 20.32 -8.91 -5.27
N SER A 10 21.13 -9.29 -6.26
CA SER A 10 22.56 -9.42 -6.00
C SER A 10 23.25 -8.06 -5.89
N LEU A 11 22.63 -6.99 -6.39
CA LEU A 11 23.18 -5.65 -6.26
C LEU A 11 22.58 -4.89 -5.08
N TYR A 12 21.25 -4.95 -4.93
CA TYR A 12 20.53 -4.14 -3.97
C TYR A 12 20.29 -4.87 -2.65
N SER A 13 20.87 -6.06 -2.48
CA SER A 13 20.68 -6.92 -1.30
C SER A 13 20.55 -6.12 -0.01
N ARG A 14 21.60 -5.40 0.38
CA ARG A 14 21.62 -4.75 1.68
C ARG A 14 20.62 -3.59 1.74
N GLN A 15 20.42 -2.91 0.61
CA GLN A 15 19.45 -1.82 0.56
C GLN A 15 18.01 -2.32 0.60
N LEU A 16 17.74 -3.48 -0.02
CA LEU A 16 16.41 -4.04 0.03
C LEU A 16 15.97 -4.30 1.46
N TYR A 17 16.90 -4.75 2.31
CA TYR A 17 16.58 -4.92 3.72
C TYR A 17 16.27 -3.61 4.43
N VAL A 18 16.59 -2.47 3.82
CA VAL A 18 16.24 -1.17 4.40
C VAL A 18 14.90 -0.66 3.88
N LEU A 19 14.71 -0.71 2.56
CA LEU A 19 13.56 -0.07 1.93
C LEU A 19 12.43 -1.03 1.64
N GLY A 20 12.73 -2.30 1.41
CA GLY A 20 11.73 -3.25 0.96
C GLY A 20 11.51 -3.18 -0.54
N LYS A 21 10.92 -4.26 -1.06
CA LYS A 21 10.74 -4.41 -2.50
C LYS A 21 9.75 -3.39 -3.06
N GLU A 22 8.62 -3.19 -2.39
CA GLU A 22 7.61 -2.27 -2.93
C GLU A 22 8.16 -0.86 -3.09
N ALA A 23 8.92 -0.38 -2.09
CA ALA A 23 9.50 0.95 -2.19
C ALA A 23 10.45 1.06 -3.37
N MET A 24 11.26 0.03 -3.62
CA MET A 24 12.19 0.12 -4.73
C MET A 24 11.47 -0.01 -6.07
N LEU A 25 10.34 -0.71 -6.10
CA LEU A 25 9.53 -0.72 -7.32
C LEU A 25 9.05 0.67 -7.67
N LYS A 26 8.56 1.43 -6.68
CA LYS A 26 8.17 2.81 -6.94
C LYS A 26 9.38 3.66 -7.33
N MET A 27 10.50 3.49 -6.62
CA MET A 27 11.72 4.23 -6.96
C MET A 27 12.10 4.02 -8.42
N GLN A 28 12.02 2.78 -8.90
CA GLN A 28 12.36 2.46 -10.28
C GLN A 28 11.37 3.00 -11.29
N THR A 29 10.29 3.65 -10.85
CA THR A 29 9.42 4.39 -11.75
C THR A 29 9.55 5.90 -11.60
N SER A 30 10.49 6.39 -10.80
CA SER A 30 10.60 7.81 -10.50
C SER A 30 11.77 8.45 -11.23
N ASN A 31 11.49 9.52 -11.97
CA ASN A 31 12.52 10.32 -12.62
C ASN A 31 12.83 11.53 -11.75
N VAL A 32 14.11 11.71 -11.43
CA VAL A 32 14.56 12.73 -10.49
C VAL A 32 15.38 13.77 -11.25
N LEU A 33 15.14 15.04 -10.94
CA LEU A 33 15.90 16.16 -11.49
C LEU A 33 16.61 16.88 -10.35
N ILE A 34 17.90 17.11 -10.50
CA ILE A 34 18.70 17.83 -9.51
C ILE A 34 19.27 19.08 -10.16
N LEU A 35 19.00 20.23 -9.57
CA LEU A 35 19.46 21.53 -10.08
C LEU A 35 20.72 21.95 -9.32
N GLY A 36 21.83 22.06 -10.05
CA GLY A 36 23.09 22.44 -9.45
C GLY A 36 23.94 21.25 -9.07
N LEU A 37 25.17 21.21 -9.58
CA LEU A 37 26.07 20.09 -9.35
C LEU A 37 27.39 20.56 -8.76
N LYS A 38 27.32 21.41 -7.74
CA LYS A 38 28.45 21.62 -6.87
C LYS A 38 28.47 20.48 -5.87
N GLY A 39 29.24 20.61 -4.79
CA GLY A 39 29.39 19.51 -3.85
C GLY A 39 28.07 18.95 -3.36
N LEU A 40 27.16 19.83 -2.95
CA LEU A 40 25.87 19.38 -2.41
C LEU A 40 25.10 18.58 -3.45
N GLY A 41 24.98 19.13 -4.67
CA GLY A 41 24.21 18.46 -5.70
C GLY A 41 24.79 17.11 -6.10
N VAL A 42 26.11 17.03 -6.24
CA VAL A 42 26.70 15.77 -6.67
C VAL A 42 26.63 14.74 -5.54
N GLU A 43 26.71 15.18 -4.28
CA GLU A 43 26.55 14.24 -3.18
C GLU A 43 25.13 13.66 -3.15
N ILE A 44 24.12 14.51 -3.37
CA ILE A 44 22.74 14.03 -3.47
C ILE A 44 22.59 13.10 -4.67
N ALA A 45 23.13 13.50 -5.82
CA ALA A 45 22.98 12.69 -7.02
C ALA A 45 23.67 11.34 -6.86
N LYS A 46 24.84 11.32 -6.23
CA LYS A 46 25.55 10.07 -6.01
C LYS A 46 24.68 9.08 -5.24
N ASN A 47 24.08 9.54 -4.15
CA ASN A 47 23.30 8.63 -3.30
C ASN A 47 21.99 8.23 -3.96
N VAL A 48 21.37 9.12 -4.74
CA VAL A 48 20.11 8.76 -5.40
C VAL A 48 20.37 7.79 -6.55
N VAL A 49 21.45 8.00 -7.32
CA VAL A 49 21.77 7.08 -8.41
C VAL A 49 22.12 5.70 -7.86
N LEU A 50 22.86 5.65 -6.75
CA LEU A 50 23.15 4.35 -6.14
C LEU A 50 21.87 3.65 -5.70
N ALA A 51 20.89 4.40 -5.19
CA ALA A 51 19.67 3.79 -4.71
C ALA A 51 18.87 3.12 -5.81
N GLY A 52 18.96 3.63 -7.05
CA GLY A 52 18.30 3.01 -8.17
C GLY A 52 16.93 3.60 -8.50
N VAL A 53 16.89 4.85 -8.94
CA VAL A 53 15.67 5.45 -9.44
C VAL A 53 15.58 5.20 -10.94
N LYS A 54 14.46 5.57 -11.56
CA LYS A 54 14.29 5.28 -12.98
C LYS A 54 15.29 6.05 -13.83
N SER A 55 15.55 7.30 -13.49
CA SER A 55 16.52 8.10 -14.22
C SER A 55 16.92 9.28 -13.36
N MET A 56 18.12 9.79 -13.61
CA MET A 56 18.63 10.97 -12.97
C MET A 56 18.95 12.00 -14.06
N THR A 57 18.47 13.22 -13.89
CA THR A 57 18.79 14.32 -14.78
C THR A 57 19.42 15.43 -13.96
N VAL A 58 20.53 15.98 -14.46
CA VAL A 58 21.24 17.06 -13.78
C VAL A 58 21.21 18.30 -14.65
N PHE A 59 21.15 19.46 -13.99
CA PHE A 59 21.17 20.76 -14.66
C PHE A 59 22.19 21.65 -13.96
N ASP A 60 23.27 21.98 -14.67
CA ASP A 60 24.24 22.96 -14.17
C ASP A 60 25.13 23.42 -15.30
N PRO A 61 24.73 24.45 -16.05
CA PRO A 61 25.55 24.94 -17.16
C PRO A 61 26.67 25.88 -16.74
N GLU A 62 26.86 26.08 -15.44
CA GLU A 62 27.90 26.99 -14.98
C GLU A 62 29.29 26.36 -15.22
N PRO A 63 30.28 27.17 -15.59
CA PRO A 63 31.62 26.61 -15.80
C PRO A 63 32.25 26.17 -14.48
N VAL A 64 32.98 25.05 -14.55
CA VAL A 64 33.75 24.57 -13.42
C VAL A 64 34.82 25.60 -13.06
N GLN A 65 34.88 25.96 -11.77
CA GLN A 65 35.95 26.77 -11.20
C GLN A 65 36.72 25.94 -10.17
N LEU A 66 37.97 26.33 -9.96
CA LEU A 66 38.84 25.58 -9.06
C LEU A 66 38.22 25.44 -7.66
N ALA A 67 37.62 26.52 -7.15
CA ALA A 67 37.03 26.47 -5.82
C ALA A 67 35.91 25.44 -5.70
N ASP A 68 35.26 25.07 -6.81
CA ASP A 68 34.20 24.06 -6.75
C ASP A 68 34.72 22.73 -6.23
N LEU A 69 36.00 22.44 -6.46
CA LEU A 69 36.54 21.14 -6.07
C LEU A 69 36.62 20.96 -4.56
N SER A 70 36.26 21.98 -3.77
CA SER A 70 36.29 21.85 -2.32
C SER A 70 35.49 20.65 -1.83
N THR A 71 34.30 20.44 -2.40
CA THR A 71 33.47 19.29 -2.07
C THR A 71 32.94 18.53 -3.29
N GLN A 72 33.17 19.01 -4.52
CA GLN A 72 32.67 18.30 -5.70
C GLN A 72 33.72 17.28 -6.13
N PHE A 73 33.59 16.06 -5.60
CA PHE A 73 34.60 15.02 -5.73
C PHE A 73 34.67 14.43 -7.13
N PHE A 74 33.77 14.80 -8.03
CA PHE A 74 33.83 14.34 -9.41
C PHE A 74 34.48 15.35 -10.36
N LEU A 75 34.82 16.54 -9.87
CA LEU A 75 35.51 17.52 -10.71
C LEU A 75 37.02 17.38 -10.57
N THR A 76 37.73 17.69 -11.64
CA THR A 76 39.18 17.71 -11.68
C THR A 76 39.64 19.04 -12.27
N GLU A 77 40.94 19.33 -12.11
CA GLU A 77 41.47 20.59 -12.64
C GLU A 77 41.35 20.66 -14.16
N LYS A 78 41.44 19.52 -14.85
CA LYS A 78 41.28 19.52 -16.29
C LYS A 78 39.88 19.93 -16.73
N ASP A 79 38.89 19.86 -15.84
CA ASP A 79 37.52 20.21 -16.17
C ASP A 79 37.23 21.70 -16.05
N ILE A 80 38.19 22.49 -15.58
CA ILE A 80 37.93 23.91 -15.33
C ILE A 80 37.58 24.60 -16.64
N GLY A 81 36.50 25.38 -16.61
CA GLY A 81 36.00 26.06 -17.78
C GLY A 81 34.84 25.36 -18.46
N GLN A 82 34.70 24.06 -18.27
CA GLN A 82 33.59 23.31 -18.84
C GLN A 82 32.38 23.33 -17.90
N LYS A 83 31.23 22.99 -18.46
CA LYS A 83 29.99 23.01 -17.67
C LYS A 83 30.00 21.89 -16.64
N ARG A 84 29.57 22.24 -15.41
CA ARG A 84 29.61 21.27 -14.32
C ARG A 84 28.72 20.07 -14.60
N GLY A 85 27.54 20.30 -15.18
CA GLY A 85 26.65 19.18 -15.47
C GLY A 85 27.23 18.20 -16.46
N ASP A 86 27.88 18.71 -17.50
CA ASP A 86 28.39 17.83 -18.56
C ASP A 86 29.52 16.93 -18.05
N VAL A 87 30.49 17.51 -17.35
CA VAL A 87 31.66 16.74 -16.94
C VAL A 87 31.35 15.79 -15.80
N THR A 88 30.22 15.99 -15.12
CA THR A 88 29.82 15.11 -14.03
C THR A 88 28.89 13.99 -14.48
N ARG A 89 28.22 14.15 -15.62
CA ARG A 89 27.19 13.20 -16.02
C ARG A 89 27.75 11.78 -16.16
N ALA A 90 28.85 11.64 -16.91
CA ALA A 90 29.39 10.31 -17.17
C ALA A 90 29.91 9.65 -15.91
N LYS A 91 30.43 10.44 -14.97
CA LYS A 91 30.90 9.87 -13.72
C LYS A 91 29.74 9.38 -12.87
N LEU A 92 28.63 10.12 -12.83
CA LEU A 92 27.45 9.64 -12.12
C LEU A 92 26.91 8.37 -12.77
N ALA A 93 26.91 8.32 -14.11
CA ALA A 93 26.37 7.15 -14.81
C ALA A 93 27.13 5.88 -14.47
N GLU A 94 28.42 5.98 -14.17
CA GLU A 94 29.20 4.80 -13.81
C GLU A 94 28.78 4.21 -12.49
N LEU A 95 28.06 4.95 -11.65
CA LEU A 95 27.71 4.46 -10.32
C LEU A 95 26.71 3.31 -10.40
N ASN A 96 25.81 3.33 -11.38
CA ASN A 96 24.73 2.34 -11.42
C ASN A 96 24.26 2.21 -12.86
N ALA A 97 24.64 1.10 -13.50
CA ALA A 97 24.25 0.88 -14.90
C ALA A 97 22.74 0.83 -15.09
N TYR A 98 21.97 0.59 -14.01
CA TYR A 98 20.53 0.56 -14.13
C TYR A 98 19.88 1.93 -14.22
N VAL A 99 20.63 3.00 -13.97
CA VAL A 99 20.07 4.35 -13.90
C VAL A 99 20.69 5.23 -14.98
N PRO A 100 19.94 5.58 -16.03
CA PRO A 100 20.48 6.53 -17.02
C PRO A 100 20.60 7.92 -16.42
N VAL A 101 21.71 8.59 -16.74
CA VAL A 101 21.98 9.93 -16.24
C VAL A 101 22.06 10.87 -17.43
N ASN A 102 21.17 11.86 -17.46
CA ASN A 102 21.09 12.81 -18.56
C ASN A 102 21.32 14.22 -18.05
N VAL A 103 21.67 15.10 -18.98
CA VAL A 103 21.93 16.50 -18.70
C VAL A 103 20.81 17.33 -19.29
N LEU A 104 20.21 18.17 -18.46
CA LEU A 104 19.26 19.17 -18.95
C LEU A 104 20.06 20.38 -19.43
N ASP A 105 19.93 20.71 -20.72
CA ASP A 105 20.73 21.80 -21.29
C ASP A 105 20.30 23.15 -20.73
N SER A 106 19.02 23.50 -20.86
CA SER A 106 18.53 24.80 -20.43
C SER A 106 17.26 24.64 -19.61
N LEU A 107 17.09 25.58 -18.67
CA LEU A 107 15.88 25.66 -17.85
C LEU A 107 15.07 26.90 -18.19
N ASP A 108 15.14 27.35 -19.45
CA ASP A 108 14.38 28.52 -19.86
C ASP A 108 12.88 28.26 -19.81
N ASP A 109 12.46 27.05 -20.18
CA ASP A 109 11.06 26.66 -20.15
C ASP A 109 10.81 25.83 -18.89
N VAL A 110 10.04 26.39 -17.96
CA VAL A 110 9.77 25.70 -16.70
C VAL A 110 8.90 24.48 -16.88
N THR A 111 8.15 24.39 -17.99
CA THR A 111 7.30 23.24 -18.23
C THR A 111 8.10 21.96 -18.47
N GLN A 112 9.42 22.06 -18.66
CA GLN A 112 10.24 20.85 -18.77
C GLN A 112 10.23 20.04 -17.49
N LEU A 113 9.92 20.66 -16.35
CA LEU A 113 9.87 19.93 -15.09
C LEU A 113 8.73 18.93 -15.03
N SER A 114 7.73 19.03 -15.91
CA SER A 114 6.56 18.15 -15.85
C SER A 114 6.94 16.68 -16.00
N GLN A 115 8.07 16.38 -16.60
CA GLN A 115 8.46 14.99 -16.83
C GLN A 115 9.18 14.37 -15.64
N PHE A 116 9.35 15.10 -14.54
CA PHE A 116 10.04 14.59 -13.37
C PHE A 116 9.06 14.41 -12.21
N GLN A 117 9.33 13.41 -11.36
CA GLN A 117 8.51 13.16 -10.20
C GLN A 117 9.03 13.88 -8.96
N VAL A 118 10.34 14.13 -8.91
CA VAL A 118 10.98 14.83 -7.80
C VAL A 118 11.98 15.82 -8.39
N VAL A 119 11.91 17.07 -7.96
CA VAL A 119 12.83 18.12 -8.37
C VAL A 119 13.59 18.57 -7.14
N VAL A 120 14.91 18.65 -7.25
CA VAL A 120 15.79 19.02 -6.14
C VAL A 120 16.57 20.26 -6.55
N ALA A 121 16.43 21.33 -5.76
CA ALA A 121 17.11 22.59 -6.02
C ALA A 121 18.17 22.81 -4.96
N THR A 122 19.43 22.88 -5.38
CA THR A 122 20.54 23.01 -4.44
C THR A 122 20.95 24.48 -4.30
N ASP A 123 22.16 24.72 -3.81
CA ASP A 123 22.60 26.07 -3.46
C ASP A 123 22.93 26.94 -4.67
N THR A 124 22.87 26.40 -5.88
CA THR A 124 23.09 27.22 -7.07
C THR A 124 21.83 27.93 -7.55
N VAL A 125 20.67 27.62 -6.97
CA VAL A 125 19.40 28.19 -7.40
C VAL A 125 19.05 29.34 -6.46
N SER A 126 18.74 30.50 -7.03
CA SER A 126 18.36 31.65 -6.22
C SER A 126 17.03 31.40 -5.54
N LEU A 127 16.81 32.11 -4.42
CA LEU A 127 15.55 31.96 -3.69
C LEU A 127 14.36 32.35 -4.56
N GLU A 128 14.52 33.40 -5.38
CA GLU A 128 13.45 33.76 -6.32
C GLU A 128 13.13 32.61 -7.25
N ASP A 129 14.16 31.94 -7.79
CA ASP A 129 13.94 30.82 -8.68
C ASP A 129 13.40 29.60 -7.94
N LYS A 130 13.87 29.38 -6.70
CA LYS A 130 13.31 28.28 -5.90
C LYS A 130 11.81 28.46 -5.70
N VAL A 131 11.37 29.69 -5.45
CA VAL A 131 9.95 29.93 -5.22
C VAL A 131 9.15 29.69 -6.50
N LYS A 132 9.67 30.17 -7.63
CA LYS A 132 9.00 29.92 -8.91
C LYS A 132 8.95 28.44 -9.24
N ILE A 133 10.07 27.74 -9.07
CA ILE A 133 10.10 26.31 -9.35
C ILE A 133 9.18 25.56 -8.41
N ASN A 134 9.22 25.90 -7.12
CA ASN A 134 8.35 25.22 -6.16
C ASN A 134 6.89 25.46 -6.47
N GLU A 135 6.55 26.67 -6.94
CA GLU A 135 5.16 26.95 -7.29
C GLU A 135 4.69 26.06 -8.42
N PHE A 136 5.50 25.93 -9.47
CA PHE A 136 5.18 25.01 -10.56
C PHE A 136 5.04 23.59 -10.05
N CYS A 137 6.02 23.11 -9.27
CA CYS A 137 5.99 21.74 -8.80
C CYS A 137 4.78 21.49 -7.89
N HIS A 138 4.54 22.39 -6.93
CA HIS A 138 3.42 22.20 -6.01
C HIS A 138 2.10 22.16 -6.76
N SER A 139 1.87 23.12 -7.65
CA SER A 139 0.60 23.20 -8.36
C SER A 139 0.44 22.05 -9.36
N SER A 140 1.54 21.42 -9.78
CA SER A 140 1.52 20.29 -10.71
C SER A 140 1.55 18.93 -10.02
N GLY A 141 1.73 18.88 -8.71
CA GLY A 141 1.87 17.59 -8.05
C GLY A 141 3.26 17.00 -8.08
N ILE A 142 4.28 17.79 -8.42
CA ILE A 142 5.66 17.32 -8.47
C ILE A 142 6.32 17.55 -7.12
N ARG A 143 6.94 16.51 -6.56
CA ARG A 143 7.60 16.65 -5.27
C ARG A 143 8.81 17.56 -5.38
N PHE A 144 8.96 18.46 -4.39
CA PHE A 144 9.99 19.48 -4.41
C PHE A 144 10.82 19.38 -3.13
N ILE A 145 12.14 19.43 -3.27
CA ILE A 145 13.08 19.43 -2.15
C ILE A 145 14.17 20.45 -2.47
N SER A 146 14.54 21.26 -1.48
CA SER A 146 15.56 22.27 -1.63
C SER A 146 16.59 22.12 -0.51
N SER A 147 17.81 22.57 -0.77
CA SER A 147 18.85 22.46 0.24
C SER A 147 19.99 23.39 -0.13
N GLU A 148 20.69 23.86 0.90
CA GLU A 148 21.86 24.69 0.68
C GLU A 148 22.72 24.65 1.93
N THR A 149 24.03 24.71 1.71
CA THR A 149 25.01 24.76 2.78
C THR A 149 25.83 26.03 2.63
N ARG A 150 26.16 26.65 3.76
CA ARG A 150 26.91 27.91 3.82
C ARG A 150 27.88 27.76 4.97
N GLY A 151 29.15 27.49 4.65
CA GLY A 151 30.12 27.24 5.70
C GLY A 151 29.70 26.08 6.58
N LEU A 152 29.77 26.28 7.90
CA LEU A 152 29.33 25.29 8.86
C LEU A 152 27.82 25.32 9.12
N PHE A 153 27.05 25.97 8.25
CA PHE A 153 25.60 26.02 8.34
C PHE A 153 24.98 25.30 7.14
N GLY A 154 23.73 24.89 7.30
CA GLY A 154 23.00 24.30 6.19
C GLY A 154 21.52 24.22 6.50
N ASN A 155 20.73 24.01 5.45
CA ASN A 155 19.31 23.80 5.64
C ASN A 155 18.77 22.88 4.54
N THR A 156 17.58 22.36 4.79
CA THR A 156 16.83 21.65 3.76
C THR A 156 15.35 22.01 3.91
N PHE A 157 14.65 22.04 2.78
CA PHE A 157 13.21 22.26 2.73
C PHE A 157 12.57 21.14 1.90
N VAL A 158 11.45 20.61 2.39
CA VAL A 158 10.71 19.54 1.73
C VAL A 158 9.27 19.98 1.52
N ASP A 159 8.79 19.85 0.28
CA ASP A 159 7.39 20.14 -0.07
C ASP A 159 6.92 19.03 -1.02
N LEU A 160 6.26 18.02 -0.46
CA LEU A 160 5.79 16.90 -1.26
C LEU A 160 4.37 17.09 -1.79
N GLY A 161 3.80 18.29 -1.68
CA GLY A 161 2.54 18.61 -2.32
C GLY A 161 1.37 18.54 -1.35
N ASP A 162 0.18 18.85 -1.88
CA ASP A 162 -1.02 18.88 -1.06
C ASP A 162 -1.41 17.50 -0.57
N GLU A 163 -1.05 16.47 -1.33
CA GLU A 163 -1.46 15.11 -1.06
C GLU A 163 -0.23 14.21 -1.13
N PHE A 164 0.12 13.60 -0.02
CA PHE A 164 1.18 12.61 0.01
C PHE A 164 0.81 11.56 1.04
N THR A 165 1.03 10.29 0.71
CA THR A 165 0.68 9.19 1.59
C THR A 165 1.94 8.50 2.07
N VAL A 166 2.14 8.48 3.39
CA VAL A 166 3.18 7.67 4.02
C VAL A 166 2.63 6.26 4.20
N LEU A 167 3.33 5.28 3.63
CA LEU A 167 2.91 3.89 3.73
C LEU A 167 3.55 3.14 4.89
N ASP A 168 4.74 3.58 5.31
CA ASP A 168 5.45 2.94 6.40
C ASP A 168 6.27 4.00 7.12
N PRO A 169 5.86 4.40 8.33
CA PRO A 169 6.50 5.57 8.97
C PRO A 169 7.92 5.32 9.45
N THR A 170 8.24 4.10 9.88
CA THR A 170 9.54 3.83 10.49
C THR A 170 10.38 2.80 9.76
N GLY A 171 9.77 1.90 8.99
CA GLY A 171 10.52 0.82 8.38
C GLY A 171 11.03 -0.20 9.35
N GLU A 172 10.49 -0.23 10.57
CA GLU A 172 10.91 -1.22 11.56
C GLU A 172 10.16 -2.52 11.37
N GLU A 173 10.75 -3.59 11.90
CA GLU A 173 10.11 -4.90 11.86
C GLU A 173 8.81 -4.86 12.66
N PRO A 174 7.69 -5.29 12.10
CA PRO A 174 6.44 -5.28 12.84
C PRO A 174 6.54 -6.09 14.13
N ARG A 175 6.03 -5.50 15.21
CA ARG A 175 5.94 -6.21 16.48
C ARG A 175 5.00 -7.39 16.34
N THR A 176 5.33 -8.48 17.01
CA THR A 176 4.47 -9.66 17.04
C THR A 176 4.64 -10.33 18.38
N GLY A 177 3.65 -11.14 18.76
CA GLY A 177 3.72 -11.82 20.04
C GLY A 177 2.60 -12.81 20.21
N MET A 178 2.83 -13.76 21.11
CA MET A 178 1.85 -14.80 21.40
C MET A 178 0.90 -14.34 22.50
N VAL A 179 -0.37 -14.70 22.33
CA VAL A 179 -1.45 -14.26 23.21
C VAL A 179 -1.89 -15.44 24.07
N SER A 180 -2.12 -15.18 25.35
CA SER A 180 -2.61 -16.20 26.27
C SER A 180 -4.09 -16.07 26.60
N ASP A 181 -4.68 -14.89 26.40
CA ASP A 181 -6.10 -14.70 26.70
C ASP A 181 -6.58 -13.44 25.98
N ILE A 182 -7.84 -13.48 25.53
CA ILE A 182 -8.52 -12.31 24.98
C ILE A 182 -9.89 -12.27 25.64
N GLU A 183 -10.09 -11.36 26.58
CA GLU A 183 -11.33 -11.30 27.32
C GLU A 183 -12.43 -10.64 26.48
N PRO A 184 -13.71 -10.85 26.84
CA PRO A 184 -14.80 -10.30 26.03
C PRO A 184 -14.70 -8.79 25.78
N ASP A 185 -14.15 -8.03 26.72
CA ASP A 185 -13.96 -6.60 26.51
C ASP A 185 -12.81 -6.28 25.57
N GLY A 186 -12.10 -7.29 25.07
CA GLY A 186 -10.97 -7.06 24.19
C GLY A 186 -9.63 -6.92 24.86
N THR A 187 -9.55 -7.17 26.17
CA THR A 187 -8.27 -7.10 26.88
C THR A 187 -7.39 -8.26 26.44
N VAL A 188 -6.32 -7.96 25.72
CA VAL A 188 -5.39 -8.97 25.22
C VAL A 188 -4.25 -9.09 26.23
N THR A 189 -4.03 -10.31 26.73
CA THR A 189 -2.97 -10.59 27.68
C THR A 189 -1.88 -11.37 26.98
N MET A 190 -0.64 -10.98 27.20
CA MET A 190 0.50 -11.64 26.59
C MET A 190 0.79 -12.96 27.29
N LEU A 191 1.41 -13.87 26.54
CA LEU A 191 1.84 -15.17 27.09
C LEU A 191 2.96 -14.94 28.09
N ASP A 192 2.68 -15.23 29.37
CA ASP A 192 3.58 -15.07 30.51
C ASP A 192 4.45 -13.81 30.44
N ASP A 193 5.75 -13.95 30.70
CA ASP A 193 6.67 -12.80 30.76
C ASP A 193 7.11 -12.42 29.35
N ASN A 194 6.15 -11.90 28.59
CA ASN A 194 6.41 -11.37 27.26
C ASN A 194 5.75 -10.01 27.13
N ARG A 195 6.49 -9.06 26.57
CA ARG A 195 5.99 -7.71 26.35
C ARG A 195 5.54 -7.56 24.91
N HIS A 196 4.40 -6.89 24.72
CA HIS A 196 3.90 -6.65 23.37
C HIS A 196 4.68 -5.55 22.65
N GLY A 197 5.29 -4.62 23.40
CA GLY A 197 6.04 -3.56 22.77
C GLY A 197 5.22 -2.61 21.93
N LEU A 198 3.91 -2.59 22.12
CA LEU A 198 3.01 -1.71 21.38
C LEU A 198 2.81 -0.39 22.12
N GLU A 199 2.34 0.61 21.39
CA GLU A 199 1.92 1.86 21.99
C GLU A 199 0.53 2.23 21.49
N ASP A 200 -0.10 3.16 22.21
CA ASP A 200 -1.47 3.55 21.88
C ASP A 200 -1.54 4.07 20.46
N GLY A 201 -2.55 3.62 19.71
CA GLY A 201 -2.74 4.04 18.35
C GLY A 201 -2.17 3.11 17.30
N ASN A 202 -1.34 2.15 17.70
CA ASN A 202 -0.95 1.10 16.78
C ASN A 202 -2.16 0.26 16.38
N PHE A 203 -2.02 -0.47 15.27
CA PHE A 203 -3.02 -1.42 14.81
C PHE A 203 -2.41 -2.80 14.75
N VAL A 204 -3.22 -3.82 15.06
CA VAL A 204 -2.77 -5.20 15.00
C VAL A 204 -3.81 -6.03 14.26
N ARG A 205 -3.33 -7.13 13.66
CA ARG A 205 -4.16 -8.23 13.19
C ARG A 205 -3.84 -9.47 14.02
N PHE A 206 -4.65 -10.51 13.85
CA PHE A 206 -4.51 -11.71 14.66
C PHE A 206 -4.49 -12.97 13.79
N SER A 207 -3.90 -14.02 14.35
CA SER A 207 -3.87 -15.34 13.73
C SER A 207 -3.92 -16.39 14.84
N GLU A 208 -4.50 -17.55 14.53
CA GLU A 208 -4.53 -18.71 15.41
C GLU A 208 -5.27 -18.45 16.72
N VAL A 209 -6.13 -17.42 16.79
CA VAL A 209 -6.92 -17.19 17.99
C VAL A 209 -8.14 -18.11 17.90
N GLU A 210 -8.10 -19.24 18.61
CA GLU A 210 -9.21 -20.18 18.58
C GLU A 210 -10.36 -19.67 19.43
N GLY A 211 -11.56 -19.70 18.87
CA GLY A 211 -12.77 -19.28 19.56
C GLY A 211 -13.33 -17.96 19.09
N LEU A 212 -12.52 -17.13 18.42
CA LEU A 212 -12.96 -15.84 17.92
C LEU A 212 -12.96 -15.75 16.41
N ASP A 213 -12.62 -16.83 15.70
CA ASP A 213 -12.85 -17.01 14.27
C ASP A 213 -12.53 -15.79 13.41
N LYS A 214 -13.53 -14.95 13.13
CA LYS A 214 -13.34 -13.82 12.22
C LYS A 214 -12.32 -12.81 12.73
N LEU A 215 -11.96 -12.87 14.01
CA LEU A 215 -10.86 -12.06 14.52
C LEU A 215 -9.57 -12.30 13.76
N ASN A 216 -9.42 -13.46 13.15
CA ASN A 216 -8.20 -13.84 12.44
C ASN A 216 -8.25 -13.54 10.95
N ASP A 217 -9.30 -12.86 10.47
CA ASP A 217 -9.47 -12.69 9.03
C ASP A 217 -8.67 -11.52 8.45
N GLY A 218 -7.77 -10.91 9.23
CA GLY A 218 -6.98 -9.80 8.75
C GLY A 218 -7.48 -8.44 9.15
N THR A 219 -8.69 -8.37 9.73
CA THR A 219 -9.22 -7.11 10.24
C THR A 219 -8.24 -6.48 11.23
N LEU A 220 -8.14 -5.16 11.19
CA LEU A 220 -7.22 -4.43 12.05
C LEU A 220 -7.95 -3.93 13.29
N PHE A 221 -7.25 -3.98 14.42
CA PHE A 221 -7.80 -3.54 15.70
C PHE A 221 -6.88 -2.47 16.27
N LYS A 222 -7.47 -1.40 16.77
CA LYS A 222 -6.68 -0.31 17.33
C LYS A 222 -6.28 -0.63 18.77
N VAL A 223 -5.03 -0.37 19.09
CA VAL A 223 -4.42 -0.80 20.34
C VAL A 223 -4.62 0.25 21.41
N GLU A 224 -5.22 -0.14 22.52
CA GLU A 224 -5.25 0.66 23.75
C GLU A 224 -4.34 -0.05 24.74
N VAL A 225 -3.15 0.52 25.00
CA VAL A 225 -2.21 -0.12 25.90
C VAL A 225 -2.68 0.03 27.33
N LEU A 226 -2.70 -1.08 28.07
CA LEU A 226 -3.01 -1.07 29.49
C LEU A 226 -1.76 -1.10 30.35
N GLY A 227 -0.87 -2.06 30.11
CA GLY A 227 0.44 -2.07 30.69
C GLY A 227 1.44 -2.63 29.70
N PRO A 228 2.65 -2.93 30.16
CA PRO A 228 3.64 -3.53 29.27
C PRO A 228 3.29 -4.97 28.86
N PHE A 229 2.34 -5.62 29.52
CA PHE A 229 2.00 -7.00 29.22
C PHE A 229 0.57 -7.19 28.70
N ALA A 230 -0.18 -6.10 28.51
CA ALA A 230 -1.57 -6.24 28.11
C ALA A 230 -2.00 -5.01 27.31
N PHE A 231 -2.96 -5.22 26.41
CA PHE A 231 -3.56 -4.12 25.66
C PHE A 231 -5.00 -4.50 25.32
N ARG A 232 -5.76 -3.52 24.87
CA ARG A 232 -7.17 -3.71 24.60
C ARG A 232 -7.48 -3.30 23.17
N ILE A 233 -8.38 -4.05 22.53
CA ILE A 233 -8.75 -3.85 21.14
C ILE A 233 -10.23 -3.55 20.97
N GLY A 234 -10.98 -3.41 22.05
CA GLY A 234 -12.43 -3.29 21.98
C GLY A 234 -13.12 -4.64 22.12
N SER A 235 -14.42 -4.57 22.41
CA SER A 235 -15.18 -5.78 22.69
C SER A 235 -15.08 -6.79 21.55
N VAL A 236 -14.93 -8.06 21.92
CA VAL A 236 -14.87 -9.15 20.96
C VAL A 236 -16.03 -10.12 21.13
N LYS A 237 -17.09 -9.69 21.82
CA LYS A 237 -18.22 -10.58 22.05
C LYS A 237 -18.86 -11.01 20.74
N GLU A 238 -18.92 -10.11 19.75
CA GLU A 238 -19.52 -10.45 18.46
C GLU A 238 -18.75 -11.55 17.74
N TYR A 239 -17.45 -11.71 18.04
CA TYR A 239 -16.65 -12.73 17.37
C TYR A 239 -16.76 -14.10 18.06
N GLY A 240 -17.16 -14.14 19.32
CA GLY A 240 -17.26 -15.40 20.03
C GLY A 240 -16.68 -15.36 21.43
N GLU A 241 -16.07 -16.46 21.86
CA GLU A 241 -15.46 -16.56 23.18
C GLU A 241 -14.08 -17.20 23.03
N TYR A 242 -13.08 -16.58 23.63
CA TYR A 242 -11.70 -17.04 23.49
C TYR A 242 -11.52 -18.44 24.07
N LYS A 243 -10.76 -19.28 23.37
CA LYS A 243 -10.40 -20.60 23.87
C LYS A 243 -8.90 -20.69 24.15
N LYS A 244 -8.06 -20.65 23.12
CA LYS A 244 -6.63 -20.80 23.32
C LYS A 244 -5.90 -20.29 22.09
N GLY A 245 -4.57 -20.16 22.23
CA GLY A 245 -3.72 -19.79 21.12
C GLY A 245 -3.83 -18.32 20.76
N GLY A 246 -3.18 -17.99 19.65
CA GLY A 246 -3.26 -16.64 19.13
C GLY A 246 -1.91 -15.95 18.97
N ILE A 247 -1.76 -15.23 17.86
CA ILE A 247 -0.58 -14.42 17.60
C ILE A 247 -1.04 -13.08 17.03
N PHE A 248 -0.60 -11.99 17.63
CA PHE A 248 -0.89 -10.68 17.09
C PHE A 248 0.29 -10.21 16.24
N THR A 249 -0.02 -9.45 15.19
CA THR A 249 1.02 -8.85 14.35
C THR A 249 0.66 -7.40 14.12
N GLU A 250 1.60 -6.51 14.42
CA GLU A 250 1.37 -5.09 14.18
C GLU A 250 1.29 -4.83 12.68
N VAL A 251 0.38 -3.95 12.29
CA VAL A 251 0.22 -3.53 10.90
C VAL A 251 0.41 -2.02 10.83
N LYS A 252 1.21 -1.56 9.87
CA LYS A 252 1.36 -0.14 9.61
C LYS A 252 0.29 0.31 8.63
N VAL A 253 -0.41 1.39 8.98
CA VAL A 253 -1.50 1.87 8.14
C VAL A 253 -1.03 3.09 7.36
N PRO A 254 -1.60 3.35 6.17
CA PRO A 254 -1.21 4.55 5.42
C PRO A 254 -1.63 5.81 6.16
N ARG A 255 -0.82 6.85 5.99
CA ARG A 255 -1.11 8.17 6.56
C ARG A 255 -1.00 9.21 5.46
N LYS A 256 -2.11 9.90 5.19
CA LYS A 256 -2.11 10.98 4.20
C LYS A 256 -1.71 12.27 4.90
N ILE A 257 -0.80 13.02 4.29
CA ILE A 257 -0.32 14.27 4.86
C ILE A 257 -0.29 15.34 3.77
N SER A 258 -0.12 16.59 4.20
CA SER A 258 -0.21 17.74 3.33
C SER A 258 0.92 18.71 3.63
N PHE A 259 1.53 19.23 2.56
CA PHE A 259 2.67 20.13 2.66
C PHE A 259 2.29 21.53 2.15
N LYS A 260 2.89 22.54 2.77
CA LYS A 260 2.72 23.92 2.34
C LYS A 260 3.82 24.30 1.35
N SER A 261 3.51 25.26 0.48
CA SER A 261 4.45 25.74 -0.50
C SER A 261 5.63 26.44 0.18
N LEU A 262 6.74 26.56 -0.56
CA LEU A 262 7.90 27.27 -0.04
C LEU A 262 7.55 28.71 0.32
N LYS A 263 6.80 29.40 -0.56
CA LYS A 263 6.42 30.78 -0.29
C LYS A 263 5.68 30.89 1.04
N GLN A 264 4.70 30.01 1.26
CA GLN A 264 3.97 30.00 2.54
C GLN A 264 4.91 29.68 3.70
N GLN A 265 5.82 28.73 3.51
CA GLN A 265 6.70 28.31 4.59
C GLN A 265 7.80 29.31 4.92
N LEU A 266 8.14 30.21 4.00
CA LEU A 266 9.11 31.24 4.34
C LEU A 266 8.57 32.16 5.43
N SER A 267 7.28 32.47 5.41
CA SER A 267 6.69 33.33 6.43
C SER A 267 6.21 32.56 7.65
N ASN A 268 5.86 31.28 7.51
CA ASN A 268 5.32 30.48 8.61
C ASN A 268 5.92 29.09 8.54
N PRO A 269 7.19 28.95 8.89
CA PRO A 269 7.87 27.66 8.72
C PRO A 269 7.48 26.65 9.79
N GLU A 270 7.37 25.39 9.37
CA GLU A 270 7.25 24.26 10.29
C GLU A 270 8.63 23.64 10.41
N PHE A 271 9.24 23.76 11.60
CA PHE A 271 10.62 23.35 11.80
C PHE A 271 10.70 21.90 12.25
N VAL A 272 11.72 21.20 11.75
CA VAL A 272 12.22 19.98 12.34
C VAL A 272 13.66 20.28 12.78
N PHE A 273 13.99 19.98 14.03
CA PHE A 273 15.26 20.39 14.58
C PHE A 273 16.32 19.32 14.37
N SER A 274 17.53 19.76 14.01
CA SER A 274 18.66 18.86 13.89
C SER A 274 19.41 18.69 15.22
N ASP A 275 19.13 19.55 16.20
CA ASP A 275 19.81 19.50 17.49
C ASP A 275 18.94 20.27 18.47
N PHE A 276 18.22 19.55 19.33
CA PHE A 276 17.29 20.21 20.23
C PHE A 276 17.99 21.19 21.17
N ALA A 277 19.28 20.97 21.45
CA ALA A 277 20.04 21.94 22.25
C ALA A 277 20.19 23.29 21.54
N LYS A 278 19.99 23.34 20.24
CA LYS A 278 20.14 24.59 19.48
C LYS A 278 18.82 25.03 18.88
N PHE A 279 17.70 24.63 19.49
CA PHE A 279 16.40 24.82 18.85
C PHE A 279 16.06 26.30 18.65
N ASP A 280 16.60 27.20 19.46
CA ASP A 280 16.38 28.63 19.28
C ASP A 280 17.04 29.17 18.01
N ARG A 281 18.06 28.48 17.49
CA ARG A 281 18.78 28.95 16.32
C ARG A 281 18.03 28.72 15.01
N ALA A 282 17.09 27.77 14.98
CA ALA A 282 16.39 27.45 13.73
C ALA A 282 15.70 28.69 13.17
N ALA A 283 14.93 29.39 14.00
CA ALA A 283 14.25 30.59 13.53
C ALA A 283 15.24 31.67 13.12
N GLN A 284 16.36 31.78 13.85
CA GLN A 284 17.38 32.76 13.49
C GLN A 284 18.01 32.43 12.15
N LEU A 285 18.44 31.17 11.97
CA LEU A 285 19.04 30.79 10.70
C LEU A 285 18.03 30.85 9.56
N HIS A 286 16.74 30.64 9.86
CA HIS A 286 15.72 30.79 8.83
C HIS A 286 15.71 32.20 8.24
N LEU A 287 15.83 33.21 9.11
CA LEU A 287 15.93 34.58 8.61
C LEU A 287 17.29 34.82 7.96
N GLY A 288 18.35 34.26 8.54
CA GLY A 288 19.69 34.47 7.99
C GLY A 288 19.84 33.95 6.57
N PHE A 289 19.33 32.75 6.29
CA PHE A 289 19.49 32.20 4.95
C PHE A 289 18.70 33.02 3.92
N GLN A 290 17.50 33.46 4.28
CA GLN A 290 16.77 34.38 3.42
C GLN A 290 17.54 35.68 3.21
N ALA A 291 18.17 36.18 4.27
CA ALA A 291 18.91 37.44 4.17
C ALA A 291 20.11 37.30 3.25
N LEU A 292 20.77 36.14 3.26
CA LEU A 292 21.84 35.89 2.29
C LEU A 292 21.35 36.08 0.86
N HIS A 293 20.14 35.58 0.56
CA HIS A 293 19.60 35.79 -0.78
C HIS A 293 19.30 37.25 -1.05
N GLN A 294 18.74 37.97 -0.07
CA GLN A 294 18.51 39.39 -0.26
C GLN A 294 19.83 40.15 -0.43
N PHE A 295 20.88 39.70 0.26
CA PHE A 295 22.19 40.32 0.10
C PHE A 295 22.70 40.15 -1.32
N ALA A 296 22.51 38.96 -1.89
CA ALA A 296 22.95 38.70 -3.25
C ALA A 296 22.18 39.54 -4.26
N VAL A 297 20.88 39.75 -4.03
CA VAL A 297 20.10 40.60 -4.93
C VAL A 297 20.67 42.02 -4.94
N ARG A 298 21.05 42.53 -3.78
CA ARG A 298 21.56 43.89 -3.67
C ARG A 298 23.02 44.02 -4.07
N HIS A 299 23.73 42.93 -4.27
CA HIS A 299 25.16 42.97 -4.56
C HIS A 299 25.51 42.12 -5.77
N ASN A 300 24.67 42.18 -6.80
CA ASN A 300 24.95 41.55 -8.09
C ASN A 300 25.21 40.04 -7.95
N GLY A 301 24.40 39.39 -7.13
CA GLY A 301 24.52 37.95 -6.98
C GLY A 301 25.71 37.47 -6.19
N GLU A 302 26.37 38.37 -5.46
CA GLU A 302 27.55 38.03 -4.67
C GLU A 302 27.14 37.74 -3.23
N LEU A 303 27.80 36.74 -2.63
CA LEU A 303 27.64 36.47 -1.22
C LEU A 303 28.42 37.49 -0.39
N PRO A 304 28.12 37.59 0.91
CA PRO A 304 28.96 38.41 1.79
C PRO A 304 30.41 37.98 1.73
N ARG A 305 31.31 38.96 1.80
CA ARG A 305 32.73 38.66 1.76
C ARG A 305 33.16 37.90 3.01
N THR A 306 34.17 37.05 2.85
CA THR A 306 34.66 36.22 3.94
C THR A 306 35.21 37.07 5.08
N MET A 307 34.72 36.81 6.30
CA MET A 307 35.21 37.47 7.52
C MET A 307 35.08 39.00 7.45
N ASN A 308 34.17 39.50 6.63
CA ASN A 308 34.02 40.95 6.46
C ASN A 308 32.95 41.48 7.41
N ASP A 309 33.34 42.43 8.25
CA ASP A 309 32.41 43.00 9.23
C ASP A 309 31.39 43.92 8.59
N GLU A 310 31.78 44.66 7.54
CA GLU A 310 30.84 45.54 6.87
C GLU A 310 29.70 44.75 6.27
N ASP A 311 30.00 43.61 5.64
CA ASP A 311 28.94 42.79 5.07
C ASP A 311 28.13 42.11 6.16
N ALA A 312 28.79 41.65 7.23
CA ALA A 312 28.07 40.97 8.30
C ALA A 312 27.10 41.93 9.01
N ASN A 313 27.50 43.20 9.15
CA ASN A 313 26.57 44.18 9.71
C ASN A 313 25.39 44.42 8.79
N GLU A 314 25.62 44.41 7.47
CA GLU A 314 24.52 44.56 6.54
C GLU A 314 23.58 43.37 6.60
N LEU A 315 24.12 42.16 6.82
CA LEU A 315 23.27 40.99 6.93
C LEU A 315 22.41 41.04 8.19
N ILE A 316 22.94 41.62 9.27
CA ILE A 316 22.14 41.76 10.49
C ILE A 316 20.97 42.71 10.25
N LYS A 317 21.21 43.79 9.52
CA LYS A 317 20.14 44.72 9.18
C LYS A 317 19.09 44.06 8.29
N LEU A 318 19.53 43.24 7.33
CA LEU A 318 18.58 42.51 6.49
C LEU A 318 17.75 41.55 7.34
N VAL A 319 18.38 40.87 8.29
CA VAL A 319 17.64 39.96 9.16
C VAL A 319 16.63 40.72 10.00
N THR A 320 17.04 41.87 10.53
CA THR A 320 16.14 42.69 11.33
C THR A 320 14.93 43.12 10.51
N ASP A 321 15.16 43.58 9.28
CA ASP A 321 14.03 43.96 8.42
C ASP A 321 13.17 42.76 8.07
N LEU A 322 13.77 41.57 7.93
CA LEU A 322 13.00 40.37 7.63
C LEU A 322 12.12 39.95 8.79
N SER A 323 12.58 40.14 10.02
CA SER A 323 11.77 39.77 11.18
C SER A 323 10.53 40.64 11.28
N VAL A 324 10.61 41.88 10.81
CA VAL A 324 9.44 42.74 10.78
C VAL A 324 8.45 42.25 9.73
N GLN A 325 8.95 41.85 8.55
CA GLN A 325 8.07 41.35 7.50
C GLN A 325 7.54 39.96 7.82
N GLN A 326 8.28 39.17 8.61
CA GLN A 326 7.89 37.81 8.97
C GLN A 326 7.87 37.68 10.49
N PRO A 327 6.89 38.29 11.16
CA PRO A 327 6.91 38.33 12.63
C PRO A 327 6.66 36.99 13.29
N GLU A 328 6.09 36.01 12.59
CA GLU A 328 5.84 34.69 13.16
C GLU A 328 7.11 33.84 13.26
N VAL A 329 8.22 34.27 12.64
CA VAL A 329 9.42 33.44 12.65
C VAL A 329 10.08 33.46 14.02
N LEU A 330 10.49 34.64 14.49
CA LEU A 330 11.12 34.73 15.80
C LEU A 330 10.10 34.81 16.92
N GLY A 331 8.99 35.48 16.69
CA GLY A 331 8.00 35.73 17.72
C GLY A 331 8.24 37.03 18.45
N GLU A 332 7.26 37.41 19.26
CA GLU A 332 7.32 38.67 19.98
C GLU A 332 8.36 38.63 21.09
N GLY A 333 9.09 39.74 21.24
CA GLY A 333 10.10 39.87 22.26
C GLY A 333 11.41 39.16 21.98
N VAL A 334 11.50 38.41 20.89
CA VAL A 334 12.72 37.67 20.55
C VAL A 334 13.60 38.55 19.68
N ASP A 335 14.80 38.84 20.18
CA ASP A 335 15.76 39.67 19.46
C ASP A 335 16.55 38.84 18.46
N VAL A 336 17.18 39.53 17.51
CA VAL A 336 18.04 38.89 16.53
C VAL A 336 19.34 38.48 17.21
N ASN A 337 19.75 37.24 17.01
CA ASN A 337 21.03 36.77 17.51
C ASN A 337 22.11 37.28 16.57
N GLU A 338 22.69 38.43 16.91
CA GLU A 338 23.63 39.09 16.00
C GLU A 338 24.91 38.28 15.85
N ASP A 339 25.41 37.70 16.94
CA ASP A 339 26.62 36.88 16.84
C ASP A 339 26.41 35.72 15.88
N LEU A 340 25.27 35.05 15.97
CA LEU A 340 24.99 33.92 15.08
C LEU A 340 24.90 34.37 13.63
N ILE A 341 24.17 35.46 13.36
CA ILE A 341 24.05 35.95 12.00
C ILE A 341 25.41 36.42 11.47
N LYS A 342 26.24 37.00 12.34
CA LYS A 342 27.57 37.43 11.91
C LYS A 342 28.41 36.24 11.45
N GLU A 343 28.37 35.13 12.19
CA GLU A 343 29.12 33.94 11.76
C GLU A 343 28.59 33.40 10.44
N LEU A 344 27.27 33.45 10.23
CA LEU A 344 26.72 33.04 8.94
C LEU A 344 27.26 33.92 7.82
N SER A 345 27.34 35.23 8.04
CA SER A 345 27.92 36.10 7.03
C SER A 345 29.39 35.79 6.81
N TYR A 346 30.15 35.65 7.90
CA TYR A 346 31.57 35.34 7.82
C TYR A 346 31.84 34.09 6.97
N GLN A 347 31.00 33.07 7.12
CA GLN A 347 31.21 31.77 6.51
C GLN A 347 30.38 31.54 5.27
N ALA A 348 29.78 32.60 4.72
CA ALA A 348 28.79 32.43 3.65
C ALA A 348 29.37 31.71 2.45
N ARG A 349 30.63 31.98 2.13
CA ARG A 349 31.27 31.36 0.97
C ARG A 349 31.91 30.02 1.30
N GLY A 350 31.86 29.58 2.55
CA GLY A 350 32.49 28.33 2.92
C GLY A 350 31.73 27.13 2.37
N ASP A 351 32.50 26.08 2.08
CA ASP A 351 31.98 24.86 1.46
C ASP A 351 32.70 23.70 2.13
N ILE A 352 32.05 23.07 3.10
CA ILE A 352 32.71 22.21 4.08
C ILE A 352 32.31 20.76 3.82
N PRO A 353 33.27 19.86 3.61
CA PRO A 353 32.91 18.47 3.24
C PRO A 353 31.96 17.78 4.22
N GLY A 354 32.19 17.91 5.53
CA GLY A 354 31.32 17.24 6.49
C GLY A 354 29.89 17.75 6.45
N VAL A 355 29.71 19.06 6.24
CA VAL A 355 28.36 19.62 6.16
C VAL A 355 27.68 19.16 4.87
N VAL A 356 28.43 19.17 3.76
CA VAL A 356 27.88 18.72 2.48
C VAL A 356 27.52 17.25 2.55
N ALA A 357 28.33 16.45 3.25
CA ALA A 357 28.02 15.03 3.38
C ALA A 357 26.75 14.84 4.20
N PHE A 358 26.61 15.59 5.30
CA PHE A 358 25.41 15.51 6.12
C PHE A 358 24.14 15.79 5.30
N PHE A 359 24.11 16.92 4.60
CA PHE A 359 22.90 17.25 3.84
C PHE A 359 22.78 16.42 2.57
N GLY A 360 23.90 16.01 1.98
CA GLY A 360 23.85 15.12 0.84
C GLY A 360 23.14 13.81 1.16
N GLY A 361 23.45 13.22 2.32
CA GLY A 361 22.80 11.98 2.72
C GLY A 361 21.36 12.19 3.16
N LEU A 362 21.11 13.26 3.90
CA LEU A 362 19.76 13.56 4.39
C LEU A 362 18.81 13.86 3.24
N VAL A 363 19.23 14.74 2.32
CA VAL A 363 18.35 15.13 1.23
C VAL A 363 18.13 13.97 0.28
N ALA A 364 19.19 13.20 0.00
CA ALA A 364 19.04 12.02 -0.83
C ALA A 364 18.00 11.07 -0.27
N GLN A 365 18.04 10.83 1.04
CA GLN A 365 17.03 9.97 1.66
C GLN A 365 15.64 10.57 1.53
N GLU A 366 15.51 11.90 1.67
CA GLU A 366 14.21 12.55 1.47
C GLU A 366 13.71 12.36 0.05
N VAL A 367 14.61 12.41 -0.94
CA VAL A 367 14.25 12.07 -2.31
C VAL A 367 13.63 10.68 -2.39
N LEU A 368 14.25 9.71 -1.73
CA LEU A 368 13.74 8.35 -1.80
C LEU A 368 12.39 8.22 -1.09
N LYS A 369 12.20 8.95 0.00
CA LYS A 369 10.88 8.97 0.65
C LYS A 369 9.83 9.52 -0.30
N ALA A 370 10.17 10.56 -1.05
CA ALA A 370 9.23 11.19 -1.96
C ALA A 370 8.88 10.29 -3.14
N CYS A 371 9.78 9.35 -3.50
CA CYS A 371 9.52 8.41 -4.58
C CYS A 371 8.64 7.24 -4.16
N SER A 372 8.59 6.93 -2.87
CA SER A 372 8.15 5.62 -2.41
C SER A 372 7.09 5.65 -1.32
N GLY A 373 6.90 6.76 -0.62
CA GLY A 373 6.07 6.71 0.56
C GLY A 373 6.65 5.91 1.71
N LYS A 374 7.93 5.57 1.64
CA LYS A 374 8.62 4.81 2.69
C LYS A 374 9.35 5.77 3.62
N PHE A 375 9.10 5.64 4.93
CA PHE A 375 9.63 6.48 6.01
C PHE A 375 8.88 7.80 6.09
N THR A 376 9.07 8.51 7.20
CA THR A 376 8.33 9.74 7.47
C THR A 376 9.11 10.92 6.93
N PRO A 377 8.54 11.72 6.03
CA PRO A 377 9.31 12.81 5.42
C PRO A 377 9.54 13.95 6.40
N LEU A 378 10.66 14.63 6.20
CA LEU A 378 10.93 15.87 6.90
C LEU A 378 9.86 16.89 6.54
N LYS A 379 9.36 17.59 7.55
CA LYS A 379 8.19 18.45 7.34
C LYS A 379 8.24 19.69 8.24
N GLN A 380 8.69 20.84 7.72
CA GLN A 380 9.15 20.97 6.33
C GLN A 380 10.57 21.56 6.25
N PHE A 381 10.99 22.27 7.28
CA PHE A 381 12.29 22.95 7.32
C PHE A 381 13.20 22.33 8.38
N MET A 382 14.48 22.16 8.04
CA MET A 382 15.49 21.80 9.03
C MET A 382 16.75 22.63 8.82
N TYR A 383 17.21 23.28 9.89
CA TYR A 383 18.47 24.02 9.88
C TYR A 383 19.48 23.31 10.76
N PHE A 384 20.75 23.59 10.47
CA PHE A 384 21.87 22.89 11.09
C PHE A 384 23.06 23.83 11.17
N ASP A 385 23.85 23.68 12.23
CA ASP A 385 25.17 24.30 12.27
C ASP A 385 26.09 23.41 13.09
N SER A 386 27.38 23.43 12.75
CA SER A 386 28.39 22.77 13.55
C SER A 386 29.43 23.79 14.01
N LEU A 387 29.00 24.86 14.67
CA LEU A 387 29.91 25.93 15.02
C LEU A 387 30.98 25.49 16.03
N GLU A 388 30.72 24.41 16.77
CA GLU A 388 31.74 23.88 17.68
C GLU A 388 32.97 23.38 16.94
N SER A 389 32.87 23.12 15.63
CA SER A 389 34.03 22.69 14.86
C SER A 389 35.08 23.79 14.70
N LEU A 390 34.70 25.06 14.90
CA LEU A 390 35.66 26.15 14.75
C LEU A 390 36.81 25.99 15.74
N PRO A 391 38.06 26.12 15.31
CA PRO A 391 39.18 26.03 16.23
C PRO A 391 39.26 27.28 17.11
N ASP A 392 40.10 27.18 18.13
CA ASP A 392 40.29 28.31 19.04
C ASP A 392 40.90 29.48 18.27
N PRO A 393 40.28 30.67 18.30
CA PRO A 393 40.83 31.81 17.55
C PRO A 393 42.22 32.24 18.02
N LYS A 394 42.67 31.82 19.20
CA LYS A 394 44.01 32.22 19.65
C LYS A 394 45.09 31.44 18.92
N ASN A 395 44.86 30.15 18.67
CA ASN A 395 45.84 29.35 17.94
C ASN A 395 45.71 29.54 16.44
N PHE A 396 44.48 29.70 15.94
CA PHE A 396 44.21 29.85 14.51
C PHE A 396 43.28 31.03 14.33
N PRO A 397 43.83 32.25 14.33
CA PRO A 397 42.96 33.43 14.17
C PRO A 397 42.27 33.44 12.81
N ARG A 398 41.02 33.88 12.81
CA ARG A 398 40.21 34.00 11.60
C ARG A 398 40.02 35.48 11.32
N ASN A 399 40.59 35.94 10.21
CA ASN A 399 40.36 37.31 9.75
C ASN A 399 40.37 37.29 8.23
N GLU A 400 40.25 38.48 7.64
CA GLU A 400 40.18 38.58 6.18
C GLU A 400 41.48 38.16 5.52
N LYS A 401 42.60 38.18 6.23
CA LYS A 401 43.87 37.76 5.65
C LYS A 401 44.09 36.25 5.73
N THR A 402 43.83 35.64 6.89
CA THR A 402 44.12 34.22 7.06
C THR A 402 43.12 33.32 6.32
N THR A 403 41.94 33.83 6.00
CA THR A 403 40.92 33.07 5.28
C THR A 403 40.83 33.42 3.80
N GLN A 404 41.74 34.25 3.30
CA GLN A 404 41.69 34.64 1.90
C GLN A 404 42.04 33.46 1.01
N PRO A 405 41.50 33.41 -0.21
CA PRO A 405 41.84 32.32 -1.12
C PRO A 405 43.30 32.38 -1.54
N VAL A 406 43.89 31.20 -1.73
CA VAL A 406 45.27 31.09 -2.18
C VAL A 406 45.36 30.38 -3.52
N ASN A 407 44.26 30.37 -4.28
CA ASN A 407 44.18 29.72 -5.59
C ASN A 407 44.42 28.21 -5.47
N SER A 408 43.57 27.58 -4.65
CA SER A 408 43.63 26.13 -4.47
C SER A 408 42.22 25.59 -4.30
N ARG A 409 42.10 24.27 -4.52
CA ARG A 409 40.82 23.60 -4.33
C ARG A 409 40.30 23.73 -2.91
N TYR A 410 41.15 24.04 -1.94
CA TYR A 410 40.75 24.15 -0.54
C TYR A 410 40.28 25.56 -0.17
N ASP A 411 40.19 26.48 -1.14
CA ASP A 411 39.94 27.88 -0.82
C ASP A 411 38.64 28.09 -0.05
N ASN A 412 37.59 27.33 -0.40
CA ASN A 412 36.34 27.51 0.34
C ASN A 412 36.32 26.77 1.67
N GLN A 413 37.37 26.01 1.98
CA GLN A 413 37.56 25.50 3.33
C GLN A 413 38.42 26.46 4.16
N ILE A 414 39.48 26.99 3.54
CA ILE A 414 40.29 28.05 4.13
C ILE A 414 39.43 29.24 4.52
N ALA A 415 38.37 29.51 3.74
CA ALA A 415 37.49 30.65 4.02
C ALA A 415 36.88 30.56 5.40
N VAL A 416 36.59 29.35 5.87
CA VAL A 416 36.05 29.16 7.21
C VAL A 416 37.16 29.03 8.24
N PHE A 417 38.14 28.17 8.00
CA PHE A 417 39.07 27.77 9.04
C PHE A 417 40.40 28.52 9.02
N GLY A 418 40.78 29.13 7.90
CA GLY A 418 42.06 29.77 7.78
C GLY A 418 43.14 28.84 7.24
N LEU A 419 44.22 29.44 6.74
CA LEU A 419 45.27 28.69 6.05
C LEU A 419 46.01 27.76 7.00
N ASP A 420 46.46 28.29 8.15
CA ASP A 420 47.24 27.49 9.08
C ASP A 420 46.49 26.23 9.52
N PHE A 421 45.20 26.36 9.83
CA PHE A 421 44.43 25.19 10.23
C PHE A 421 44.37 24.16 9.12
N GLN A 422 44.10 24.58 7.88
CA GLN A 422 44.07 23.64 6.77
C GLN A 422 45.41 22.95 6.58
N LYS A 423 46.50 23.66 6.84
CA LYS A 423 47.82 23.05 6.72
C LYS A 423 48.04 21.97 7.78
N LYS A 424 47.54 22.20 9.00
CA LYS A 424 47.64 21.16 10.02
C LYS A 424 46.79 19.95 9.67
N ILE A 425 45.64 20.17 9.02
CA ILE A 425 44.86 19.06 8.51
C ILE A 425 45.67 18.24 7.52
N ALA A 426 46.36 18.93 6.60
CA ALA A 426 47.19 18.23 5.62
C ALA A 426 48.31 17.44 6.31
N ASN A 427 48.89 18.00 7.36
CA ASN A 427 50.02 17.39 8.06
C ASN A 427 49.61 16.37 9.12
N SER A 428 48.37 15.88 9.08
CA SER A 428 47.91 14.90 10.06
C SER A 428 48.26 13.48 9.64
N LYS A 429 48.57 12.64 10.64
CA LYS A 429 48.88 11.23 10.44
C LYS A 429 47.72 10.43 11.03
N VAL A 430 46.99 9.71 10.16
CA VAL A 430 45.71 9.10 10.56
C VAL A 430 45.64 7.65 10.12
N PHE A 431 44.95 6.85 10.91
CA PHE A 431 44.72 5.43 10.65
C PHE A 431 43.24 5.21 10.44
N LEU A 432 42.87 4.62 9.32
CA LEU A 432 41.49 4.26 9.03
C LEU A 432 41.37 2.74 9.02
N VAL A 433 40.51 2.21 9.90
CA VAL A 433 40.37 0.76 10.04
C VAL A 433 39.08 0.35 9.34
N GLY A 434 39.21 -0.28 8.19
CA GLY A 434 38.05 -0.69 7.42
C GLY A 434 37.88 0.21 6.21
N SER A 435 37.54 -0.39 5.07
CA SER A 435 37.44 0.31 3.80
C SER A 435 36.17 -0.09 3.06
N GLY A 436 35.10 -0.30 3.81
CA GLY A 436 33.80 -0.60 3.24
C GLY A 436 32.95 0.66 3.06
N ALA A 437 31.68 0.59 3.46
CA ALA A 437 30.78 1.71 3.24
C ALA A 437 31.28 2.99 3.93
N ILE A 438 31.46 2.94 5.25
CA ILE A 438 31.96 4.12 5.95
C ILE A 438 33.38 4.45 5.49
N GLY A 439 34.20 3.42 5.27
CA GLY A 439 35.56 3.65 4.83
C GLY A 439 35.64 4.43 3.53
N CYS A 440 34.85 4.04 2.53
CA CYS A 440 34.89 4.73 1.24
C CYS A 440 34.46 6.18 1.37
N GLU A 441 33.40 6.43 2.11
CA GLU A 441 32.95 7.80 2.32
C GLU A 441 33.99 8.59 3.11
N MET A 442 34.60 7.96 4.11
CA MET A 442 35.62 8.61 4.91
C MET A 442 36.81 9.04 4.06
N LEU A 443 37.32 8.12 3.23
CA LEU A 443 38.44 8.46 2.35
C LEU A 443 38.05 9.56 1.37
N LYS A 444 36.81 9.57 0.89
CA LYS A 444 36.35 10.65 0.03
C LYS A 444 36.41 11.98 0.76
N ASN A 445 35.87 12.03 1.99
CA ASN A 445 35.92 13.26 2.78
C ASN A 445 37.36 13.70 3.02
N TRP A 446 38.22 12.75 3.36
CA TRP A 446 39.62 13.08 3.63
C TRP A 446 40.32 13.60 2.39
N ALA A 447 39.99 13.03 1.22
CA ALA A 447 40.50 13.54 -0.04
C ALA A 447 40.05 14.99 -0.28
N LEU A 448 38.78 15.29 -0.01
CA LEU A 448 38.34 16.69 -0.17
C LEU A 448 38.98 17.57 0.89
N LEU A 449 39.25 17.02 2.07
CA LEU A 449 39.94 17.78 3.11
C LEU A 449 41.41 18.03 2.78
N GLY A 450 41.98 17.26 1.86
CA GLY A 450 43.42 17.26 1.72
C GLY A 450 44.12 16.66 2.92
N LEU A 451 43.38 15.93 3.75
CA LEU A 451 43.95 15.36 4.97
C LEU A 451 45.04 14.36 4.62
N GLY A 452 46.19 14.49 5.29
CA GLY A 452 47.31 13.62 5.02
C GLY A 452 48.11 13.96 3.78
N SER A 453 47.78 15.06 3.08
CA SER A 453 48.50 15.43 1.88
C SER A 453 49.75 16.27 2.14
N GLY A 454 49.93 16.78 3.37
CA GLY A 454 51.08 17.61 3.66
C GLY A 454 52.36 16.80 3.79
N SER A 455 53.49 17.52 3.89
CA SER A 455 54.77 16.83 3.95
C SER A 455 54.92 15.99 5.22
N ASP A 456 54.25 16.38 6.31
CA ASP A 456 54.34 15.65 7.57
C ASP A 456 53.14 14.74 7.81
N GLY A 457 52.19 14.67 6.86
CA GLY A 457 51.00 13.86 7.02
C GLY A 457 51.05 12.61 6.17
N TYR A 458 50.09 11.72 6.44
CA TYR A 458 49.83 10.56 5.60
C TYR A 458 48.54 9.90 6.10
N ILE A 459 48.02 9.01 5.27
CA ILE A 459 46.85 8.20 5.58
C ILE A 459 47.25 6.73 5.49
N VAL A 460 46.97 5.97 6.55
CA VAL A 460 47.04 4.51 6.49
C VAL A 460 45.61 3.99 6.59
N VAL A 461 45.20 3.18 5.60
CA VAL A 461 43.90 2.52 5.60
C VAL A 461 44.15 1.03 5.38
N THR A 462 43.54 0.20 6.21
CA THR A 462 43.69 -1.25 6.12
C THR A 462 42.33 -1.93 6.09
N ASP A 463 42.26 -3.00 5.30
CA ASP A 463 41.08 -3.85 5.18
C ASP A 463 41.49 -5.15 4.52
N ASN A 464 41.11 -6.29 5.10
CA ASN A 464 41.50 -7.59 4.58
C ASN A 464 40.47 -8.19 3.63
N ASP A 465 39.44 -7.45 3.26
CA ASP A 465 38.34 -8.00 2.48
C ASP A 465 38.43 -7.56 1.02
N SER A 466 37.81 -8.37 0.16
CA SER A 466 37.71 -8.10 -1.26
C SER A 466 36.37 -7.45 -1.59
N ILE A 467 36.29 -6.87 -2.79
CA ILE A 467 35.07 -6.20 -3.23
C ILE A 467 34.07 -7.25 -3.71
N GLU A 468 32.82 -7.12 -3.27
CA GLU A 468 31.74 -8.02 -3.65
C GLU A 468 30.64 -7.21 -4.32
N LYS A 469 29.86 -7.89 -5.17
CA LYS A 469 28.86 -7.19 -5.98
C LYS A 469 27.93 -6.33 -5.14
N SER A 470 27.41 -6.87 -4.02
CA SER A 470 26.47 -6.10 -3.24
C SER A 470 27.12 -4.86 -2.61
N ASN A 471 28.45 -4.86 -2.45
CA ASN A 471 29.11 -3.67 -1.91
C ASN A 471 28.92 -2.45 -2.81
N LEU A 472 28.73 -2.67 -4.11
CA LEU A 472 28.70 -1.56 -5.06
C LEU A 472 27.51 -0.63 -4.83
N ASN A 473 26.48 -1.09 -4.13
CA ASN A 473 25.31 -0.27 -3.85
C ASN A 473 25.62 0.89 -2.91
N ARG A 474 26.69 0.81 -2.11
CA ARG A 474 26.97 1.89 -1.18
C ARG A 474 28.46 2.16 -0.96
N GLN A 475 29.34 1.50 -1.69
CA GLN A 475 30.79 1.73 -1.59
C GLN A 475 31.21 2.28 -2.96
N PHE A 476 31.03 3.59 -3.14
CA PHE A 476 30.96 4.18 -4.46
C PHE A 476 32.32 4.37 -5.11
N LEU A 477 33.41 4.09 -4.38
CA LEU A 477 34.74 4.08 -4.99
C LEU A 477 34.98 2.85 -5.83
N PHE A 478 34.10 1.85 -5.77
CA PHE A 478 34.30 0.58 -6.44
C PHE A 478 33.39 0.47 -7.66
N ARG A 479 33.87 -0.25 -8.66
CA ARG A 479 33.16 -0.45 -9.92
C ARG A 479 32.92 -1.94 -10.16
N PRO A 480 32.00 -2.30 -11.06
CA PRO A 480 31.83 -3.72 -11.39
C PRO A 480 33.11 -4.43 -11.78
N LYS A 481 33.97 -3.78 -12.56
CA LYS A 481 35.25 -4.36 -12.96
C LYS A 481 36.20 -4.59 -11.79
N ASP A 482 35.91 -4.04 -10.61
CA ASP A 482 36.77 -4.16 -9.44
C ASP A 482 36.41 -5.35 -8.55
N VAL A 483 35.29 -6.02 -8.81
CA VAL A 483 34.88 -7.14 -7.98
C VAL A 483 35.99 -8.18 -7.93
N GLY A 484 36.34 -8.61 -6.71
CA GLY A 484 37.44 -9.53 -6.50
C GLY A 484 38.74 -8.88 -6.07
N LYS A 485 38.89 -7.58 -6.28
CA LYS A 485 40.10 -6.87 -5.86
C LYS A 485 39.99 -6.46 -4.39
N ASN A 486 41.11 -6.00 -3.84
CA ASN A 486 41.17 -5.60 -2.44
C ASN A 486 40.62 -4.20 -2.24
N LYS A 487 39.69 -4.06 -1.29
CA LYS A 487 38.99 -2.80 -1.09
C LYS A 487 39.95 -1.64 -0.84
N SER A 488 40.91 -1.82 0.06
CA SER A 488 41.74 -0.69 0.46
C SER A 488 42.59 -0.18 -0.70
N GLU A 489 43.15 -1.10 -1.50
CA GLU A 489 43.97 -0.69 -2.63
C GLU A 489 43.15 0.01 -3.70
N VAL A 490 41.96 -0.51 -4.02
CA VAL A 490 41.11 0.15 -5.01
C VAL A 490 40.66 1.51 -4.50
N ALA A 491 40.26 1.58 -3.22
CA ALA A 491 39.77 2.85 -2.68
C ALA A 491 40.85 3.93 -2.69
N ALA A 492 42.07 3.56 -2.30
CA ALA A 492 43.16 4.54 -2.27
C ALA A 492 43.41 5.12 -3.66
N GLU A 493 43.39 4.27 -4.69
CA GLU A 493 43.58 4.77 -6.05
C GLU A 493 42.43 5.68 -6.49
N ALA A 494 41.20 5.33 -6.12
CA ALA A 494 40.05 6.14 -6.52
C ALA A 494 40.15 7.56 -5.96
N VAL A 495 40.54 7.70 -4.69
CA VAL A 495 40.56 9.05 -4.12
C VAL A 495 41.77 9.84 -4.60
N CYS A 496 42.88 9.16 -4.92
CA CYS A 496 43.99 9.86 -5.55
C CYS A 496 43.63 10.42 -6.92
N ALA A 497 42.77 9.73 -7.66
CA ALA A 497 42.27 10.32 -8.91
C ALA A 497 41.39 11.53 -8.61
N MET A 498 40.66 11.50 -7.51
CA MET A 498 39.83 12.64 -7.15
C MET A 498 40.66 13.82 -6.68
N ASN A 499 41.72 13.57 -5.93
CA ASN A 499 42.61 14.62 -5.45
C ASN A 499 44.04 14.12 -5.55
N PRO A 500 44.75 14.45 -6.64
CA PRO A 500 46.13 13.96 -6.81
C PRO A 500 47.09 14.38 -5.71
N ASP A 501 46.72 15.36 -4.87
CA ASP A 501 47.55 15.71 -3.73
C ASP A 501 47.75 14.54 -2.78
N LEU A 502 46.89 13.54 -2.84
CA LEU A 502 47.05 12.35 -2.02
C LEU A 502 47.92 11.27 -2.66
N LYS A 503 48.36 11.47 -3.90
CA LYS A 503 49.19 10.46 -4.56
C LYS A 503 50.49 10.26 -3.79
N GLY A 504 50.78 9.02 -3.44
CA GLY A 504 51.94 8.69 -2.62
C GLY A 504 51.79 9.00 -1.15
N LYS A 505 50.62 9.46 -0.71
CA LYS A 505 50.38 9.81 0.68
C LYS A 505 49.46 8.83 1.38
N ILE A 506 48.93 7.84 0.67
CA ILE A 506 48.03 6.85 1.24
C ILE A 506 48.72 5.50 1.21
N ASN A 507 48.82 4.87 2.38
CA ASN A 507 49.36 3.53 2.52
C ASN A 507 48.19 2.56 2.65
N ALA A 508 47.82 1.92 1.54
CA ALA A 508 46.70 0.97 1.52
C ALA A 508 47.22 -0.42 1.89
N LYS A 509 46.75 -0.95 3.02
CA LYS A 509 47.16 -2.25 3.51
C LYS A 509 45.97 -3.21 3.47
N ILE A 510 46.27 -4.51 3.40
CA ILE A 510 45.22 -5.50 3.27
C ILE A 510 45.21 -6.41 4.48
N ASP A 511 45.68 -5.90 5.61
CA ASP A 511 45.78 -6.67 6.84
C ASP A 511 44.56 -6.45 7.72
N LYS A 512 44.09 -7.52 8.36
CA LYS A 512 43.05 -7.44 9.37
C LYS A 512 43.64 -6.93 10.67
N VAL A 513 42.96 -5.98 11.32
CA VAL A 513 43.42 -5.48 12.61
C VAL A 513 42.94 -6.43 13.68
N GLY A 514 43.86 -6.89 14.52
CA GLY A 514 43.55 -7.81 15.58
C GLY A 514 44.80 -8.36 16.22
N PRO A 515 44.63 -9.33 17.13
CA PRO A 515 45.79 -9.83 17.88
C PRO A 515 46.82 -10.56 17.03
N GLU A 516 46.46 -11.03 15.84
CA GLU A 516 47.36 -11.77 14.98
C GLU A 516 48.22 -10.88 14.09
N THR A 517 48.00 -9.56 14.09
CA THR A 517 48.76 -8.68 13.21
C THR A 517 49.48 -7.58 13.99
N GLU A 518 49.82 -7.86 15.25
CA GLU A 518 50.46 -6.84 16.08
C GLU A 518 51.91 -6.60 15.69
N GLU A 519 52.52 -7.50 14.92
CA GLU A 519 53.86 -7.21 14.40
C GLU A 519 53.81 -6.15 13.31
N ILE A 520 52.74 -6.13 12.52
CA ILE A 520 52.56 -5.10 11.50
C ILE A 520 52.14 -3.78 12.15
N PHE A 521 51.07 -3.81 12.95
CA PHE A 521 50.61 -2.62 13.66
C PHE A 521 51.20 -2.66 15.08
N ASN A 522 52.48 -2.34 15.16
CA ASN A 522 53.25 -2.48 16.39
C ASN A 522 53.26 -1.15 17.15
N ASP A 523 54.07 -1.07 18.21
CA ASP A 523 54.08 0.15 19.04
C ASP A 523 54.47 1.37 18.22
N SER A 524 55.50 1.25 17.38
CA SER A 524 55.94 2.40 16.60
C SER A 524 54.86 2.88 15.65
N PHE A 525 54.14 1.93 15.03
CA PHE A 525 53.05 2.30 14.12
C PHE A 525 52.00 3.15 14.81
N TRP A 526 51.46 2.66 15.93
CA TRP A 526 50.37 3.36 16.61
C TRP A 526 50.86 4.69 17.20
N GLU A 527 52.05 4.67 17.81
CA GLU A 527 52.54 5.87 18.50
C GLU A 527 52.79 7.02 17.52
N SER A 528 53.05 6.71 16.25
CA SER A 528 53.29 7.75 15.25
C SER A 528 52.01 8.44 14.80
N LEU A 529 50.84 7.89 15.10
CA LEU A 529 49.59 8.44 14.60
C LEU A 529 49.16 9.67 15.39
N ASP A 530 48.45 10.57 14.71
CA ASP A 530 47.73 11.63 15.42
C ASP A 530 46.40 11.14 15.95
N PHE A 531 45.65 10.37 15.16
CA PHE A 531 44.41 9.80 15.66
C PHE A 531 43.95 8.67 14.76
N VAL A 532 42.94 7.94 15.24
CA VAL A 532 42.45 6.72 14.62
C VAL A 532 40.97 6.89 14.33
N THR A 533 40.53 6.35 13.20
CA THR A 533 39.13 6.42 12.80
C THR A 533 38.65 5.01 12.47
N ASN A 534 37.54 4.60 13.10
CA ASN A 534 36.96 3.28 12.82
C ASN A 534 35.99 3.36 11.65
N ALA A 535 35.94 2.27 10.89
CA ALA A 535 34.94 2.09 9.84
C ALA A 535 34.53 0.62 9.80
N LEU A 536 34.25 0.07 10.99
CA LEU A 536 34.13 -1.36 11.21
C LEU A 536 32.67 -1.81 11.25
N ASP A 537 32.46 -3.11 11.04
CA ASP A 537 31.12 -3.68 10.99
C ASP A 537 30.91 -4.78 12.04
N ASN A 538 31.72 -4.80 13.09
CA ASN A 538 31.56 -5.80 14.13
C ASN A 538 32.10 -5.26 15.45
N VAL A 539 31.62 -5.83 16.55
CA VAL A 539 31.93 -5.30 17.88
C VAL A 539 33.32 -5.71 18.31
N ASP A 540 33.75 -6.94 17.97
CA ASP A 540 35.06 -7.41 18.41
C ASP A 540 36.18 -6.51 17.86
N ALA A 541 36.10 -6.12 16.60
CA ALA A 541 37.13 -5.25 16.04
C ALA A 541 37.07 -3.87 16.69
N ARG A 542 35.88 -3.32 16.93
CA ARG A 542 35.79 -2.03 17.62
C ARG A 542 36.41 -2.12 19.01
N THR A 543 36.11 -3.19 19.74
CA THR A 543 36.68 -3.38 21.06
C THR A 543 38.20 -3.49 21.00
N TYR A 544 38.71 -4.23 20.01
CA TYR A 544 40.16 -4.36 19.89
C TYR A 544 40.82 -3.01 19.62
N VAL A 545 40.27 -2.22 18.69
CA VAL A 545 40.86 -0.93 18.36
C VAL A 545 40.75 0.02 19.54
N ASP A 546 39.59 0.04 20.21
CA ASP A 546 39.40 0.89 21.38
C ASP A 546 40.47 0.61 22.43
N ARG A 547 40.78 -0.66 22.68
CA ARG A 547 41.80 -0.98 23.68
C ARG A 547 43.18 -0.54 23.23
N ARG A 548 43.47 -0.59 21.93
CA ARG A 548 44.74 -0.09 21.44
C ARG A 548 44.84 1.42 21.61
N CYS A 549 43.77 2.15 21.30
CA CYS A 549 43.80 3.60 21.45
C CYS A 549 43.93 3.98 22.92
N VAL A 550 43.30 3.23 23.82
CA VAL A 550 43.51 3.46 25.25
C VAL A 550 44.97 3.20 25.60
N PHE A 551 45.54 2.12 25.10
CA PHE A 551 46.93 1.78 25.41
C PHE A 551 47.90 2.86 24.93
N TYR A 552 47.71 3.33 23.70
CA TYR A 552 48.59 4.32 23.11
C TYR A 552 48.14 5.75 23.34
N ARG A 553 47.00 5.94 24.02
CA ARG A 553 46.43 7.27 24.26
C ARG A 553 46.24 8.03 22.95
N LYS A 554 45.53 7.41 22.02
CA LYS A 554 45.24 8.09 20.78
C LYS A 554 43.74 8.41 20.69
N PRO A 555 43.37 9.58 20.17
CA PRO A 555 41.95 9.85 19.94
C PRO A 555 41.39 8.86 18.92
N LEU A 556 40.16 8.44 19.14
CA LEU A 556 39.47 7.53 18.23
C LEU A 556 38.14 8.15 17.82
N LEU A 557 37.87 8.16 16.51
CA LEU A 557 36.56 8.56 15.98
C LEU A 557 35.82 7.28 15.61
N GLU A 558 34.72 7.01 16.32
CA GLU A 558 33.94 5.80 16.10
C GLU A 558 32.61 6.16 15.47
N SER A 559 32.07 5.23 14.67
CA SER A 559 30.77 5.43 14.05
C SER A 559 30.20 4.07 13.64
N GLY A 560 28.89 4.07 13.38
CA GLY A 560 28.21 2.88 12.90
C GLY A 560 26.87 3.22 12.30
N THR A 561 26.32 2.27 11.56
CA THR A 561 25.02 2.44 10.91
C THR A 561 24.24 1.13 10.95
N LEU A 562 22.92 1.26 10.82
CA LEU A 562 22.02 0.12 10.68
C LEU A 562 20.79 0.66 9.95
N GLY A 563 20.71 0.37 8.65
CA GLY A 563 19.64 0.92 7.84
C GLY A 563 19.66 2.43 7.87
N THR A 564 18.56 3.02 8.35
CA THR A 564 18.44 4.47 8.44
C THR A 564 18.99 5.03 9.74
N LYS A 565 19.47 4.17 10.64
CA LYS A 565 19.98 4.59 11.93
C LYS A 565 21.51 4.66 11.90
N GLY A 566 22.05 5.61 12.65
CA GLY A 566 23.48 5.82 12.68
C GLY A 566 23.90 6.49 13.97
N ASN A 567 25.19 6.38 14.26
CA ASN A 567 25.73 6.99 15.47
C ASN A 567 27.21 7.32 15.26
N THR A 568 27.67 8.33 16.00
CA THR A 568 29.08 8.69 16.07
C THR A 568 29.47 8.84 17.53
N GLN A 569 30.72 8.49 17.85
CA GLN A 569 31.25 8.65 19.19
C GLN A 569 32.68 9.15 19.09
N VAL A 570 33.03 10.10 19.95
CA VAL A 570 34.39 10.64 20.03
C VAL A 570 35.03 10.15 21.33
N ILE A 571 36.26 9.67 21.24
CA ILE A 571 37.00 9.15 22.38
C ILE A 571 38.30 9.95 22.48
N ILE A 572 38.47 10.67 23.57
CA ILE A 572 39.57 11.62 23.77
C ILE A 572 40.43 11.13 24.92
N PRO A 573 41.72 10.85 24.70
CA PRO A 573 42.60 10.42 25.79
C PRO A 573 42.58 11.38 26.97
N ARG A 574 42.51 10.81 28.17
CA ARG A 574 42.51 11.53 29.44
C ARG A 574 41.29 12.43 29.63
N LEU A 575 40.27 12.29 28.78
CA LEU A 575 39.12 13.17 28.87
C LEU A 575 37.81 12.38 28.98
N THR A 576 37.54 11.51 28.01
CA THR A 576 36.25 10.84 27.92
C THR A 576 36.39 9.37 28.25
N GLU A 577 35.25 8.70 28.42
CA GLU A 577 35.28 7.26 28.46
C GLU A 577 35.58 6.72 27.06
N SER A 578 35.87 5.43 27.00
CA SER A 578 36.20 4.80 25.74
C SER A 578 34.97 4.09 25.19
N TYR A 579 35.10 3.49 24.01
CA TYR A 579 33.97 2.77 23.41
C TYR A 579 33.51 1.63 24.31
N SER A 580 34.47 0.89 24.89
CA SER A 580 34.19 -0.26 25.74
C SER A 580 33.68 0.11 27.13
N SER A 581 33.65 1.40 27.50
CA SER A 581 33.19 1.78 28.82
C SER A 581 31.68 1.61 28.98
N SER A 582 30.94 1.45 27.89
CA SER A 582 29.49 1.33 27.96
C SER A 582 29.05 0.12 27.15
N ARG A 583 27.84 -0.37 27.45
CA ARG A 583 27.34 -1.60 26.87
C ARG A 583 26.16 -1.32 25.94
N ASP A 584 26.07 -2.13 24.90
CA ASP A 584 24.97 -2.10 23.95
C ASP A 584 24.11 -3.35 24.12
N PRO A 585 22.84 -3.30 23.73
CA PRO A 585 21.99 -4.50 23.81
C PRO A 585 22.57 -5.63 22.99
N PRO A 586 22.65 -6.83 23.56
CA PRO A 586 23.29 -7.95 22.84
C PRO A 586 22.37 -8.47 21.74
N GLU A 587 22.96 -9.27 20.86
CA GLU A 587 22.19 -9.93 19.82
C GLU A 587 21.22 -10.94 20.45
N LYS A 588 20.06 -11.08 19.83
CA LYS A 588 19.04 -11.98 20.35
C LYS A 588 19.52 -13.42 20.30
N SER A 589 19.35 -14.14 21.41
CA SER A 589 19.75 -15.53 21.54
C SER A 589 18.52 -16.41 21.69
N ILE A 590 18.69 -17.69 21.37
CA ILE A 590 17.61 -18.66 21.39
C ILE A 590 17.87 -19.65 22.52
N PRO A 591 16.96 -19.82 23.48
CA PRO A 591 17.16 -20.85 24.50
C PRO A 591 17.30 -22.22 23.85
N LEU A 592 18.22 -23.03 24.40
CA LEU A 592 18.65 -24.25 23.71
C LEU A 592 17.50 -25.23 23.52
N CYS A 593 16.60 -25.31 24.50
CA CYS A 593 15.46 -26.21 24.38
C CYS A 593 14.51 -25.76 23.27
N THR A 594 14.35 -24.44 23.11
CA THR A 594 13.54 -23.93 22.02
C THR A 594 14.17 -24.24 20.66
N LEU A 595 15.49 -24.10 20.57
CA LEU A 595 16.19 -24.36 19.32
C LEU A 595 16.07 -25.82 18.92
N ARG A 596 16.34 -26.74 19.85
CA ARG A 596 16.48 -28.13 19.49
C ARG A 596 15.16 -28.91 19.52
N SER A 597 14.18 -28.47 20.30
CA SER A 597 12.98 -29.30 20.44
C SER A 597 11.68 -28.55 20.20
N PHE A 598 11.58 -27.28 20.59
CA PHE A 598 10.29 -26.58 20.59
C PHE A 598 10.40 -25.22 19.89
N PRO A 599 10.66 -25.21 18.59
CA PRO A 599 10.66 -23.94 17.86
C PRO A 599 9.24 -23.41 17.69
N ASN A 600 9.14 -22.08 17.57
CA ASN A 600 7.85 -21.46 17.27
C ASN A 600 7.97 -20.24 16.35
N LYS A 601 9.18 -19.91 15.90
CA LYS A 601 9.42 -18.82 14.96
C LYS A 601 10.35 -19.31 13.87
N ILE A 602 10.29 -18.65 12.71
CA ILE A 602 11.18 -19.02 11.62
C ILE A 602 12.64 -18.81 12.03
N ASP A 603 12.90 -17.86 12.94
CA ASP A 603 14.27 -17.67 13.42
C ASP A 603 14.80 -18.93 14.09
N HIS A 604 13.94 -19.69 14.75
CA HIS A 604 14.40 -20.91 15.42
C HIS A 604 14.72 -22.00 14.41
N THR A 605 13.94 -22.11 13.33
CA THR A 605 14.25 -23.16 12.37
C THR A 605 15.43 -22.78 11.49
N ILE A 606 15.67 -21.49 11.27
CA ILE A 606 16.84 -21.08 10.50
C ILE A 606 18.12 -21.38 11.27
N ALA A 607 18.15 -21.07 12.58
CA ALA A 607 19.32 -21.39 13.40
C ALA A 607 19.54 -22.90 13.46
N TRP A 608 18.46 -23.67 13.62
CA TRP A 608 18.58 -25.12 13.58
C TRP A 608 19.12 -25.60 12.24
N ALA A 609 18.60 -25.04 11.15
CA ALA A 609 19.07 -25.41 9.82
C ALA A 609 20.53 -25.03 9.61
N LYS A 610 20.92 -23.83 10.06
CA LYS A 610 22.31 -23.42 9.90
C LYS A 610 23.25 -24.35 10.68
N SER A 611 22.86 -24.71 11.90
CA SER A 611 23.65 -25.65 12.69
C SER A 611 23.75 -27.01 12.00
N LEU A 612 22.64 -27.50 11.43
CA LEU A 612 22.68 -28.78 10.74
C LEU A 612 23.58 -28.70 9.50
N PHE A 613 23.46 -27.59 8.76
CA PHE A 613 24.35 -27.34 7.63
C PHE A 613 25.82 -27.45 8.03
N GLN A 614 26.20 -26.79 9.14
CA GLN A 614 27.59 -26.85 9.57
C GLN A 614 27.99 -28.27 9.95
N GLY A 615 27.11 -29.00 10.64
CA GLY A 615 27.43 -30.37 11.00
C GLY A 615 27.53 -31.30 9.81
N TYR A 616 26.59 -31.19 8.87
CA TYR A 616 26.57 -32.06 7.69
C TYR A 616 27.82 -31.88 6.84
N PHE A 617 28.17 -30.63 6.53
CA PHE A 617 29.09 -30.36 5.43
C PHE A 617 30.38 -29.66 5.83
N THR A 618 30.57 -29.34 7.11
CA THR A 618 31.81 -28.70 7.54
C THR A 618 32.46 -29.47 8.68
N ASP A 619 31.76 -29.63 9.81
CA ASP A 619 32.35 -30.30 10.96
C ASP A 619 32.65 -31.76 10.65
N SER A 620 31.75 -32.43 9.93
CA SER A 620 31.96 -33.85 9.62
C SER A 620 33.19 -34.03 8.74
N ALA A 621 33.40 -33.13 7.77
CA ALA A 621 34.58 -33.25 6.91
C ALA A 621 35.85 -32.99 7.69
N GLU A 622 35.85 -32.00 8.59
CA GLU A 622 37.07 -31.67 9.32
C GLU A 622 37.44 -32.76 10.32
N ASN A 623 36.43 -33.40 10.94
CA ASN A 623 36.71 -34.51 11.85
C ASN A 623 37.34 -35.68 11.12
N VAL A 624 36.91 -35.95 9.89
CA VAL A 624 37.46 -37.05 9.13
C VAL A 624 38.91 -36.76 8.75
N ASN A 625 39.18 -35.53 8.29
CA ASN A 625 40.53 -35.18 7.89
C ASN A 625 41.49 -35.21 9.06
N MET A 626 41.01 -34.91 10.27
CA MET A 626 41.85 -35.05 11.44
C MET A 626 42.03 -36.50 11.84
N TYR A 627 41.01 -37.33 11.66
CA TYR A 627 41.15 -38.75 12.00
C TYR A 627 42.09 -39.46 11.05
N LEU A 628 42.21 -38.99 9.81
CA LEU A 628 43.04 -39.65 8.82
C LEU A 628 44.46 -39.10 8.76
N THR A 629 44.75 -38.01 9.47
CA THR A 629 46.07 -37.39 9.42
C THR A 629 46.74 -37.24 10.79
N GLN A 630 45.98 -37.26 11.88
CA GLN A 630 46.56 -37.11 13.20
C GLN A 630 46.62 -38.47 13.88
N PRO A 631 47.79 -38.93 14.30
CA PRO A 631 47.89 -40.30 14.85
C PRO A 631 47.19 -40.46 16.19
N ASN A 632 47.10 -39.40 16.99
CA ASN A 632 46.52 -39.48 18.33
C ASN A 632 45.15 -38.80 18.40
N PHE A 633 44.41 -38.77 17.28
CA PHE A 633 43.12 -38.11 17.29
C PHE A 633 42.10 -38.88 18.12
N VAL A 634 42.10 -40.22 18.02
CA VAL A 634 41.15 -41.01 18.79
C VAL A 634 41.40 -40.85 20.27
N GLU A 635 42.66 -40.70 20.68
CA GLU A 635 42.97 -40.48 22.09
C GLU A 635 42.66 -39.06 22.53
N GLN A 636 42.82 -38.08 21.63
CA GLN A 636 42.52 -36.69 21.98
C GLN A 636 41.04 -36.49 22.29
N THR A 637 40.17 -37.02 21.43
CA THR A 637 38.73 -36.81 21.60
C THR A 637 38.19 -37.57 22.81
N LEU A 638 38.79 -38.72 23.15
CA LEU A 638 38.33 -39.48 24.30
C LEU A 638 38.58 -38.72 25.60
N LYS A 639 39.57 -37.83 25.63
CA LYS A 639 39.89 -37.03 26.80
C LYS A 639 39.85 -35.54 26.51
N GLN A 640 39.04 -35.14 25.54
CA GLN A 640 38.93 -33.73 25.16
C GLN A 640 37.95 -32.93 26.06
N SER A 641 36.70 -33.37 26.28
CA SER A 641 36.08 -34.56 25.69
C SER A 641 34.77 -34.18 25.02
N GLY A 642 33.88 -33.56 25.78
CA GLY A 642 32.61 -33.08 25.25
C GLY A 642 31.69 -34.19 24.79
N ASP A 643 31.28 -34.14 23.52
CA ASP A 643 30.38 -35.15 22.94
C ASP A 643 31.23 -36.14 22.15
N VAL A 644 31.78 -37.13 22.87
CA VAL A 644 32.61 -38.14 22.23
C VAL A 644 31.76 -39.05 21.35
N LYS A 645 30.55 -39.37 21.80
CA LYS A 645 29.69 -40.26 21.02
C LYS A 645 29.30 -39.64 19.69
N GLY A 646 29.16 -38.31 19.64
CA GLY A 646 28.79 -37.63 18.41
C GLY A 646 29.92 -37.59 17.39
N VAL A 647 31.13 -37.28 17.84
CA VAL A 647 32.27 -37.17 16.92
C VAL A 647 32.58 -38.52 16.31
N LEU A 648 32.54 -39.58 17.11
CA LEU A 648 32.87 -40.91 16.60
C LEU A 648 31.81 -41.40 15.61
N GLU A 649 30.52 -41.22 15.94
CA GLU A 649 29.47 -41.58 14.99
C GLU A 649 29.56 -40.75 13.72
N SER A 650 30.00 -39.49 13.84
CA SER A 650 30.16 -38.65 12.66
C SER A 650 31.20 -39.23 11.71
N ILE A 651 32.37 -39.59 12.25
CA ILE A 651 33.42 -40.15 11.42
C ILE A 651 33.01 -41.53 10.90
N SER A 652 32.33 -42.32 11.74
CA SER A 652 31.89 -43.64 11.30
C SER A 652 30.90 -43.52 10.13
N ASP A 653 29.92 -42.63 10.26
CA ASP A 653 28.94 -42.47 9.20
C ASP A 653 29.57 -41.90 7.94
N SER A 654 30.49 -40.95 8.10
CA SER A 654 31.14 -40.34 6.94
C SER A 654 31.96 -41.35 6.14
N LEU A 655 32.46 -42.39 6.79
CA LEU A 655 33.28 -43.40 6.13
C LEU A 655 32.53 -44.69 5.87
N SER A 656 31.24 -44.76 6.19
CA SER A 656 30.45 -45.98 5.95
C SER A 656 29.73 -45.89 4.62
N SER A 657 28.73 -45.01 4.54
CA SER A 657 27.94 -44.83 3.32
C SER A 657 28.62 -43.83 2.38
N LYS A 658 29.86 -44.15 2.01
CA LYS A 658 30.62 -43.27 1.14
C LYS A 658 29.99 -43.26 -0.25
N PRO A 659 29.53 -42.10 -0.75
CA PRO A 659 28.86 -42.09 -2.05
C PRO A 659 29.85 -42.28 -3.19
N HIS A 660 29.44 -43.04 -4.19
CA HIS A 660 30.25 -43.22 -5.39
C HIS A 660 29.92 -42.19 -6.46
N ASN A 661 28.64 -41.86 -6.63
CA ASN A 661 28.22 -40.88 -7.64
C ASN A 661 27.18 -39.93 -7.07
N PHE A 662 26.64 -39.05 -7.90
CA PHE A 662 25.68 -38.07 -7.42
C PHE A 662 24.37 -38.73 -7.02
N GLU A 663 23.98 -39.82 -7.69
CA GLU A 663 22.76 -40.51 -7.33
C GLU A 663 22.82 -41.04 -5.89
N ASP A 664 24.01 -41.47 -5.44
CA ASP A 664 24.17 -41.86 -4.05
C ASP A 664 23.94 -40.68 -3.12
N CYS A 665 24.29 -39.46 -3.56
CA CYS A 665 24.08 -38.27 -2.74
C CYS A 665 22.61 -37.89 -2.68
N ILE A 666 21.86 -38.13 -3.76
CA ILE A 666 20.40 -37.95 -3.74
C ILE A 666 19.77 -38.86 -2.71
N LYS A 667 20.16 -40.16 -2.71
CA LYS A 667 19.59 -41.11 -1.77
C LYS A 667 19.89 -40.72 -0.33
N TRP A 668 21.14 -40.30 -0.07
CA TRP A 668 21.51 -39.84 1.26
C TRP A 668 20.60 -38.69 1.71
N ALA A 669 20.39 -37.70 0.84
CA ALA A 669 19.59 -36.55 1.24
C ALA A 669 18.13 -36.94 1.48
N ARG A 670 17.58 -37.84 0.64
CA ARG A 670 16.22 -38.30 0.86
C ARG A 670 16.08 -39.03 2.19
N LEU A 671 17.08 -39.85 2.55
CA LEU A 671 17.03 -40.55 3.83
C LEU A 671 17.19 -39.58 4.99
N GLU A 672 18.03 -38.56 4.84
CA GLU A 672 18.14 -37.56 5.89
C GLU A 672 16.82 -36.80 6.06
N PHE A 673 16.14 -36.50 4.94
CA PHE A 673 14.80 -35.91 5.03
C PHE A 673 13.89 -36.77 5.90
N GLU A 674 13.86 -38.08 5.64
CA GLU A 674 13.01 -38.97 6.42
C GLU A 674 13.42 -38.97 7.90
N LYS A 675 14.72 -39.01 8.16
CA LYS A 675 15.20 -39.03 9.54
C LYS A 675 14.79 -37.76 10.29
N LYS A 676 15.09 -36.60 9.70
CA LYS A 676 14.96 -35.34 10.45
C LYS A 676 13.52 -34.86 10.54
N PHE A 677 12.74 -35.04 9.49
CA PHE A 677 11.41 -34.45 9.41
C PHE A 677 10.29 -35.47 9.53
N ASN A 678 10.60 -36.74 9.69
CA ASN A 678 9.57 -37.75 9.89
C ASN A 678 9.87 -38.59 11.12
N HIS A 679 10.98 -39.34 11.10
CA HIS A 679 11.28 -40.27 12.18
C HIS A 679 11.51 -39.52 13.50
N ASP A 680 12.40 -38.53 13.49
CA ASP A 680 12.68 -37.77 14.71
C ASP A 680 11.41 -37.12 15.25
N ILE A 681 10.54 -36.63 14.36
CA ILE A 681 9.30 -36.00 14.80
C ILE A 681 8.38 -37.04 15.44
N LYS A 682 8.30 -38.23 14.84
CA LYS A 682 7.52 -39.31 15.44
C LYS A 682 8.11 -39.72 16.78
N GLN A 683 9.43 -39.73 16.91
CA GLN A 683 10.04 -40.09 18.19
C GLN A 683 9.74 -39.05 19.26
N LEU A 684 9.71 -37.77 18.88
CA LEU A 684 9.34 -36.73 19.84
C LEU A 684 7.87 -36.85 20.24
N LEU A 685 6.99 -37.13 19.27
CA LEU A 685 5.58 -37.32 19.58
C LEU A 685 5.33 -38.62 20.34
N PHE A 686 6.20 -39.62 20.19
CA PHE A 686 6.02 -40.87 20.91
C PHE A 686 6.19 -40.69 22.41
N ASN A 687 7.07 -39.78 22.83
CA ASN A 687 7.28 -39.50 24.24
C ASN A 687 6.32 -38.43 24.75
N PHE A 688 6.06 -37.40 23.96
CA PHE A 688 5.14 -36.32 24.32
C PHE A 688 4.00 -36.29 23.29
N PRO A 689 2.96 -37.10 23.48
CA PRO A 689 1.87 -37.15 22.51
C PRO A 689 1.18 -35.80 22.32
N LYS A 690 0.44 -35.70 21.21
CA LYS A 690 -0.26 -34.45 20.89
C LYS A 690 -1.22 -34.06 22.00
N ASP A 691 -1.84 -35.04 22.67
CA ASP A 691 -2.79 -34.79 23.75
C ASP A 691 -2.19 -35.07 25.12
N ALA A 692 -0.89 -34.88 25.28
CA ALA A 692 -0.26 -35.05 26.57
C ALA A 692 -0.57 -33.87 27.50
N LYS A 693 -0.46 -34.12 28.79
CA LYS A 693 -0.77 -33.12 29.81
C LYS A 693 0.47 -32.83 30.64
N THR A 694 0.51 -31.62 31.23
CA THR A 694 1.61 -31.20 32.07
C THR A 694 1.28 -31.53 33.52
N SER A 695 1.92 -30.82 34.47
CA SER A 695 1.67 -31.08 35.88
C SER A 695 0.28 -30.62 36.29
N ASN A 696 -0.15 -29.44 35.84
CA ASN A 696 -1.41 -28.85 36.24
C ASN A 696 -2.60 -29.40 35.45
N GLY A 697 -2.41 -30.48 34.70
CA GLY A 697 -3.47 -30.98 33.83
C GLY A 697 -3.64 -30.21 32.54
N GLU A 698 -2.87 -29.14 32.33
CA GLU A 698 -2.92 -28.37 31.11
C GLU A 698 -2.21 -29.11 29.98
N PRO A 699 -2.55 -28.81 28.73
CA PRO A 699 -1.86 -29.48 27.61
C PRO A 699 -0.39 -29.14 27.56
N PHE A 700 0.43 -30.17 27.32
CA PHE A 700 1.87 -29.97 27.18
C PHE A 700 2.20 -29.15 25.96
N TRP A 701 1.50 -29.39 24.85
CA TRP A 701 1.72 -28.66 23.60
C TRP A 701 0.79 -27.45 23.57
N SER A 702 1.19 -26.41 24.28
CA SER A 702 0.43 -25.17 24.34
C SER A 702 1.39 -23.99 24.50
N GLY A 703 0.87 -22.79 24.24
CA GLY A 703 1.67 -21.59 24.31
C GLY A 703 2.82 -21.56 23.33
N ALA A 704 4.05 -21.54 23.84
CA ALA A 704 5.22 -21.49 22.98
C ALA A 704 5.51 -22.81 22.30
N LYS A 705 4.92 -23.92 22.77
CA LYS A 705 5.16 -25.23 22.19
C LYS A 705 4.10 -25.54 21.15
N ARG A 706 4.53 -25.77 19.91
CA ARG A 706 3.66 -26.10 18.80
C ARG A 706 3.78 -27.59 18.50
N ALA A 707 2.66 -28.30 18.60
CA ALA A 707 2.63 -29.74 18.34
C ALA A 707 3.11 -30.03 16.92
N PRO A 708 4.23 -30.72 16.74
CA PRO A 708 4.71 -30.99 15.39
C PRO A 708 3.95 -32.14 14.73
N THR A 709 4.04 -32.17 13.41
CA THR A 709 3.53 -33.28 12.63
C THR A 709 4.61 -33.77 11.68
N PRO A 710 4.75 -35.08 11.50
CA PRO A 710 5.78 -35.59 10.60
C PRO A 710 5.46 -35.23 9.15
N LEU A 711 6.52 -35.12 8.35
CA LEU A 711 6.36 -34.76 6.93
C LEU A 711 6.32 -36.01 6.06
N GLU A 712 5.41 -35.98 5.09
CA GLU A 712 5.39 -36.95 4.00
C GLU A 712 6.05 -36.32 2.79
N PHE A 713 7.17 -36.91 2.36
CA PHE A 713 7.96 -36.32 1.28
C PHE A 713 7.12 -36.09 0.03
N ASP A 714 7.12 -34.85 -0.46
CA ASP A 714 6.42 -34.47 -1.68
C ASP A 714 7.39 -33.70 -2.56
N ILE A 715 7.87 -34.35 -3.63
CA ILE A 715 8.85 -33.74 -4.52
C ILE A 715 8.31 -32.45 -5.12
N TYR A 716 7.00 -32.28 -5.22
CA TYR A 716 6.47 -31.04 -5.76
C TYR A 716 6.40 -29.92 -4.72
N ASN A 717 6.67 -30.21 -3.46
CA ASN A 717 6.85 -29.15 -2.47
C ASN A 717 8.25 -28.57 -2.62
N ASN A 718 8.33 -27.26 -2.86
CA ASN A 718 9.60 -26.61 -3.18
C ASN A 718 10.64 -26.84 -2.10
N ASP A 719 10.23 -26.90 -0.83
CA ASP A 719 11.19 -27.07 0.25
C ASP A 719 11.68 -28.51 0.36
N HIS A 720 10.80 -29.49 0.18
CA HIS A 720 11.24 -30.89 0.15
C HIS A 720 12.22 -31.12 -1.00
N PHE A 721 11.88 -30.62 -2.18
CA PHE A 721 12.73 -30.80 -3.35
C PHE A 721 14.12 -30.20 -3.13
N HIS A 722 14.18 -28.91 -2.80
CA HIS A 722 15.48 -28.24 -2.71
C HIS A 722 16.30 -28.73 -1.53
N PHE A 723 15.66 -29.26 -0.49
CA PHE A 723 16.42 -29.94 0.56
C PHE A 723 17.22 -31.09 -0.03
N VAL A 724 16.60 -31.89 -0.89
CA VAL A 724 17.30 -33.02 -1.48
C VAL A 724 18.34 -32.52 -2.48
N VAL A 725 17.96 -31.54 -3.32
CA VAL A 725 18.90 -31.00 -4.31
C VAL A 725 20.13 -30.42 -3.61
N ALA A 726 19.92 -29.48 -2.68
CA ALA A 726 21.05 -28.83 -2.05
C ALA A 726 21.82 -29.80 -1.16
N GLY A 727 21.10 -30.63 -0.39
CA GLY A 727 21.78 -31.61 0.44
C GLY A 727 22.64 -32.57 -0.36
N ALA A 728 22.13 -33.02 -1.51
CA ALA A 728 22.92 -33.91 -2.36
C ALA A 728 24.11 -33.19 -2.96
N SER A 729 23.92 -31.93 -3.39
CA SER A 729 25.01 -31.20 -4.01
C SER A 729 26.12 -30.92 -3.01
N LEU A 730 25.76 -30.61 -1.77
CA LEU A 730 26.76 -30.30 -0.77
C LEU A 730 27.50 -31.55 -0.30
N ARG A 731 26.79 -32.67 -0.19
CA ARG A 731 27.49 -33.93 0.09
C ARG A 731 28.43 -34.29 -1.05
N ALA A 732 27.99 -34.12 -2.29
CA ALA A 732 28.86 -34.39 -3.45
C ALA A 732 30.12 -33.54 -3.40
N TYR A 733 30.01 -32.29 -2.96
CA TYR A 733 31.17 -31.44 -2.82
C TYR A 733 32.16 -31.98 -1.77
N ASN A 734 31.65 -32.42 -0.61
CA ASN A 734 32.52 -32.98 0.42
C ASN A 734 33.34 -34.14 -0.13
N TYR A 735 32.70 -35.06 -0.86
CA TYR A 735 33.35 -36.26 -1.35
C TYR A 735 33.96 -36.08 -2.74
N GLY A 736 34.07 -34.84 -3.22
CA GLY A 736 34.71 -34.61 -4.51
C GLY A 736 34.00 -35.22 -5.67
N ILE A 737 32.67 -35.31 -5.62
CA ILE A 737 31.87 -35.83 -6.71
C ILE A 737 31.44 -34.66 -7.59
N LYS A 738 31.77 -34.74 -8.88
CA LYS A 738 31.50 -33.66 -9.82
C LYS A 738 30.00 -33.63 -10.16
N SER A 739 29.63 -32.80 -11.14
CA SER A 739 28.25 -32.66 -11.56
C SER A 739 28.18 -32.72 -13.09
N ASP A 740 27.04 -33.21 -13.58
CA ASP A 740 26.77 -33.34 -15.01
C ASP A 740 27.86 -34.13 -15.75
N LYS A 745 20.40 -26.48 -13.29
CA LYS A 745 19.01 -26.51 -12.88
C LYS A 745 18.53 -27.94 -12.65
N PRO A 746 18.00 -28.22 -11.46
CA PRO A 746 17.56 -29.58 -11.14
C PRO A 746 16.25 -29.94 -11.81
N ASN A 747 16.14 -31.19 -12.24
CA ASN A 747 14.96 -31.70 -12.93
C ASN A 747 14.17 -32.58 -11.98
N VAL A 748 12.91 -32.22 -11.74
CA VAL A 748 12.09 -32.93 -10.76
C VAL A 748 11.90 -34.39 -11.17
N ASP A 749 11.66 -34.65 -12.46
CA ASP A 749 11.42 -36.01 -12.91
C ASP A 749 12.65 -36.89 -12.71
N GLU A 750 13.84 -36.34 -12.94
CA GLU A 750 15.06 -37.12 -12.74
C GLU A 750 15.25 -37.44 -11.26
N TYR A 751 15.01 -36.47 -10.37
CA TYR A 751 15.10 -36.75 -8.95
C TYR A 751 14.00 -37.70 -8.50
N LYS A 752 12.79 -37.53 -9.03
CA LYS A 752 11.66 -38.35 -8.62
C LYS A 752 11.90 -39.82 -8.95
N SER A 753 12.51 -40.09 -10.10
CA SER A 753 12.77 -41.49 -10.48
C SER A 753 13.73 -42.15 -9.51
N VAL A 754 14.78 -41.44 -9.08
CA VAL A 754 15.71 -42.02 -8.12
C VAL A 754 15.01 -42.29 -6.79
N ILE A 755 14.20 -41.33 -6.33
CA ILE A 755 13.56 -41.45 -5.02
C ILE A 755 12.48 -42.51 -5.03
N ASP A 756 11.69 -42.59 -6.10
CA ASP A 756 10.59 -43.55 -6.16
C ASP A 756 11.08 -45.00 -6.17
N HIS A 757 12.32 -45.24 -6.59
CA HIS A 757 12.90 -46.58 -6.55
C HIS A 757 13.59 -46.88 -5.23
N MET A 758 13.58 -45.96 -4.27
CA MET A 758 14.17 -46.19 -2.97
C MET A 758 13.18 -46.92 -2.06
N ILE A 759 13.72 -47.78 -1.20
CA ILE A 759 12.96 -48.41 -0.13
C ILE A 759 13.25 -47.64 1.15
N ILE A 760 12.26 -46.90 1.65
CA ILE A 760 12.44 -46.03 2.80
C ILE A 760 12.10 -46.82 4.05
N PRO A 761 13.04 -47.02 4.98
CA PRO A 761 12.73 -47.79 6.19
C PRO A 761 11.66 -47.09 7.01
N GLU A 762 10.73 -47.88 7.55
CA GLU A 762 9.67 -47.34 8.38
C GLU A 762 10.21 -46.90 9.73
N PHE A 763 9.38 -46.17 10.46
CA PHE A 763 9.75 -45.69 11.78
C PHE A 763 9.47 -46.76 12.83
N THR A 764 10.41 -46.91 13.77
CA THR A 764 10.26 -47.77 14.92
C THR A 764 10.75 -47.01 16.16
N PRO A 765 9.91 -46.86 17.18
CA PRO A 765 10.34 -46.16 18.38
C PRO A 765 11.43 -46.93 19.13
N ASN A 766 12.28 -46.19 19.83
CA ASN A 766 13.37 -46.79 20.59
C ASN A 766 12.93 -47.13 22.00
N GLU A 790 30.37 -50.49 25.15
CA GLU A 790 29.66 -49.22 25.11
C GLU A 790 30.22 -48.32 24.01
N ILE A 791 31.21 -47.50 24.37
CA ILE A 791 31.88 -46.66 23.38
C ILE A 791 33.05 -47.37 22.71
N ASP A 792 33.63 -48.38 23.38
CA ASP A 792 34.75 -49.12 22.82
C ASP A 792 34.41 -49.84 21.53
N GLN A 793 33.12 -50.02 21.22
CA GLN A 793 32.74 -50.67 19.97
C GLN A 793 32.84 -49.71 18.79
N LEU A 794 32.51 -48.43 19.01
CA LEU A 794 32.57 -47.47 17.93
C LEU A 794 34.02 -47.21 17.49
N VAL A 795 34.94 -47.09 18.45
CA VAL A 795 36.34 -46.87 18.12
C VAL A 795 36.95 -48.06 17.39
N SER A 796 36.39 -49.25 17.57
CA SER A 796 36.86 -50.42 16.85
C SER A 796 36.19 -50.59 15.49
N SER A 797 35.00 -50.03 15.31
CA SER A 797 34.31 -50.08 14.02
C SER A 797 34.86 -49.07 13.02
N LEU A 798 35.69 -48.13 13.46
CA LEU A 798 36.27 -47.18 12.54
C LEU A 798 37.31 -47.85 11.65
N PRO A 799 37.35 -47.55 10.36
CA PRO A 799 38.37 -48.14 9.50
C PRO A 799 39.75 -47.58 9.79
N ASP A 800 40.76 -48.36 9.45
CA ASP A 800 42.13 -47.93 9.68
C ASP A 800 42.49 -46.82 8.69
N PRO A 801 43.19 -45.77 9.15
CA PRO A 801 43.59 -44.70 8.24
C PRO A 801 44.47 -45.17 7.10
N SER A 802 45.19 -46.29 7.26
CA SER A 802 45.99 -46.83 6.17
C SER A 802 45.11 -47.31 5.02
N THR A 803 43.90 -47.77 5.33
CA THR A 803 42.97 -48.17 4.27
C THR A 803 42.52 -46.97 3.43
N LEU A 804 42.48 -45.78 4.04
CA LEU A 804 42.04 -44.59 3.33
C LEU A 804 43.20 -43.63 3.12
N ALA A 805 44.32 -44.13 2.62
CA ALA A 805 45.47 -43.29 2.37
C ALA A 805 45.18 -42.34 1.22
N GLY A 806 45.50 -41.05 1.41
CA GLY A 806 45.20 -40.03 0.43
C GLY A 806 43.77 -39.56 0.40
N PHE A 807 42.86 -40.25 1.08
CA PHE A 807 41.46 -39.83 1.11
C PHE A 807 41.32 -38.52 1.88
N LYS A 808 40.50 -37.62 1.37
CA LYS A 808 40.30 -36.32 1.97
C LYS A 808 38.89 -35.83 1.67
N LEU A 809 38.25 -35.22 2.66
CA LEU A 809 36.96 -34.58 2.48
C LEU A 809 37.15 -33.07 2.39
N GLU A 810 36.34 -32.43 1.55
CA GLU A 810 36.42 -31.00 1.32
C GLU A 810 35.38 -30.28 2.16
N PRO A 811 35.74 -29.68 3.29
CA PRO A 811 34.73 -29.01 4.11
C PRO A 811 34.16 -27.79 3.42
N VAL A 812 32.90 -27.50 3.72
CA VAL A 812 32.23 -26.34 3.15
C VAL A 812 32.51 -25.13 4.03
N ASP A 813 32.78 -24.00 3.40
CA ASP A 813 32.95 -22.72 4.08
C ASP A 813 31.77 -21.85 3.71
N PHE A 814 30.93 -21.54 4.70
CA PHE A 814 29.67 -20.85 4.45
C PHE A 814 29.90 -19.55 3.70
N GLU A 815 29.28 -19.44 2.52
CA GLU A 815 29.33 -18.22 1.71
C GLU A 815 27.91 -17.85 1.32
N LYS A 816 27.38 -16.80 1.96
CA LYS A 816 25.99 -16.41 1.78
C LYS A 816 25.73 -15.64 0.50
N ASP A 817 26.77 -15.13 -0.17
CA ASP A 817 26.58 -14.23 -1.30
C ASP A 817 26.90 -14.88 -2.65
N ASP A 818 27.03 -16.20 -2.69
CA ASP A 818 27.22 -16.95 -3.93
C ASP A 818 25.97 -17.78 -4.17
N ASP A 819 25.09 -17.29 -5.05
CA ASP A 819 23.81 -17.94 -5.31
C ASP A 819 23.93 -19.29 -6.01
N THR A 820 25.13 -19.72 -6.37
CA THR A 820 25.29 -20.98 -7.08
C THR A 820 25.87 -22.09 -6.23
N ASN A 821 26.18 -21.83 -4.96
CA ASN A 821 26.87 -22.82 -4.14
C ASN A 821 25.94 -23.67 -3.29
N HIS A 822 24.63 -23.47 -3.40
CA HIS A 822 23.59 -24.23 -2.71
C HIS A 822 23.54 -24.00 -1.19
N HIS A 823 24.30 -23.03 -0.67
CA HIS A 823 24.33 -22.80 0.78
C HIS A 823 23.01 -22.26 1.29
N ILE A 824 22.56 -21.11 0.75
CA ILE A 824 21.29 -20.54 1.18
C ILE A 824 20.14 -21.44 0.77
N GLU A 825 20.25 -22.07 -0.40
CA GLU A 825 19.24 -23.02 -0.84
C GLU A 825 19.01 -24.11 0.20
N PHE A 826 20.09 -24.71 0.71
CA PHE A 826 19.93 -25.76 1.72
C PHE A 826 19.35 -25.19 3.00
N ILE A 827 19.91 -24.10 3.51
CA ILE A 827 19.46 -23.57 4.80
C ILE A 827 17.98 -23.17 4.71
N THR A 828 17.58 -22.51 3.62
CA THR A 828 16.18 -22.16 3.45
C THR A 828 15.28 -23.39 3.43
N ALA A 829 15.62 -24.38 2.59
CA ALA A 829 14.78 -25.57 2.48
C ALA A 829 14.77 -26.36 3.78
N CYS A 830 15.94 -26.51 4.39
CA CYS A 830 16.02 -27.26 5.65
C CYS A 830 15.23 -26.57 6.75
N SER A 831 15.33 -25.23 6.84
CA SER A 831 14.54 -24.48 7.80
C SER A 831 13.05 -24.57 7.49
N ASN A 832 12.68 -24.50 6.22
CA ASN A 832 11.26 -24.52 5.88
C ASN A 832 10.64 -25.89 6.12
N CYS A 833 11.40 -26.98 5.93
CA CYS A 833 10.89 -28.29 6.27
C CYS A 833 10.62 -28.40 7.77
N ARG A 834 11.55 -27.94 8.60
CA ARG A 834 11.29 -27.93 10.04
C ARG A 834 10.13 -27.00 10.38
N ALA A 835 10.02 -25.87 9.67
CA ALA A 835 8.87 -24.98 9.88
C ALA A 835 7.57 -25.69 9.54
N GLN A 836 7.57 -26.49 8.48
CA GLN A 836 6.37 -27.27 8.16
C GLN A 836 6.02 -28.25 9.27
N ASN A 837 7.03 -28.92 9.84
CA ASN A 837 6.80 -29.79 10.99
C ASN A 837 5.99 -29.09 12.07
N TYR A 838 6.42 -27.89 12.47
CA TYR A 838 5.84 -27.19 13.60
C TYR A 838 4.81 -26.14 13.19
N PHE A 839 4.29 -26.22 11.96
CA PHE A 839 3.25 -25.30 11.49
C PHE A 839 3.73 -23.86 11.59
N ILE A 840 4.99 -23.62 11.27
CA ILE A 840 5.57 -22.29 11.21
C ILE A 840 5.56 -21.85 9.75
N GLU A 841 5.18 -20.60 9.51
CA GLU A 841 5.11 -20.11 8.15
C GLU A 841 6.51 -20.05 7.53
N THR A 842 6.64 -20.62 6.33
CA THR A 842 7.95 -20.71 5.68
C THR A 842 8.41 -19.34 5.18
N ALA A 843 9.72 -19.24 4.91
CA ALA A 843 10.35 -17.99 4.49
C ALA A 843 11.11 -18.18 3.19
N ASP A 844 11.19 -17.10 2.41
CA ASP A 844 11.91 -17.17 1.14
C ASP A 844 13.41 -17.09 1.39
N ARG A 845 14.18 -17.24 0.32
CA ARG A 845 15.65 -17.26 0.43
C ARG A 845 16.20 -15.93 0.91
N GLN A 846 15.56 -14.82 0.54
CA GLN A 846 16.09 -13.51 0.92
C GLN A 846 15.97 -13.28 2.42
N LYS A 847 14.87 -13.70 3.03
CA LYS A 847 14.72 -13.55 4.48
C LYS A 847 15.65 -14.52 5.22
N THR A 848 15.79 -15.75 4.71
CA THR A 848 16.66 -16.72 5.33
C THR A 848 18.12 -16.28 5.28
N LYS A 849 18.56 -15.81 4.11
CA LYS A 849 19.91 -15.24 3.97
C LYS A 849 20.14 -14.11 4.97
N PHE A 850 19.13 -13.24 5.17
CA PHE A 850 19.27 -12.14 6.11
C PHE A 850 19.54 -12.64 7.52
N ILE A 851 18.75 -13.60 7.99
CA ILE A 851 18.89 -14.10 9.35
C ILE A 851 20.11 -15.02 9.47
N ALA A 852 20.24 -15.98 8.56
CA ALA A 852 21.34 -16.94 8.66
C ALA A 852 22.68 -16.28 8.41
N GLY A 853 22.73 -15.31 7.50
CA GLY A 853 23.96 -14.60 7.22
C GLY A 853 24.25 -13.42 8.13
N ARG A 854 23.35 -13.11 9.06
CA ARG A 854 23.53 -11.99 9.98
C ARG A 854 23.85 -10.70 9.23
N ILE A 855 23.16 -10.50 8.11
CA ILE A 855 23.41 -9.34 7.26
C ILE A 855 22.90 -8.08 7.95
N ILE A 856 23.69 -7.02 7.88
CA ILE A 856 23.31 -5.73 8.46
C ILE A 856 22.69 -4.88 7.35
N PRO A 857 21.43 -4.47 7.47
CA PRO A 857 20.84 -3.60 6.45
C PRO A 857 21.67 -2.33 6.30
N ALA A 858 21.85 -1.88 5.06
CA ALA A 858 22.75 -0.76 4.80
C ALA A 858 22.32 -0.01 3.56
N ILE A 859 22.48 1.32 3.59
CA ILE A 859 22.15 2.17 2.45
C ILE A 859 23.16 3.32 2.44
N ALA A 860 23.43 3.85 1.23
CA ALA A 860 24.48 4.87 1.10
C ALA A 860 24.11 6.18 1.76
N THR A 861 22.81 6.49 1.87
CA THR A 861 22.41 7.78 2.44
C THR A 861 22.86 7.91 3.88
N THR A 862 22.53 6.92 4.73
CA THR A 862 22.96 6.96 6.12
C THR A 862 24.47 6.92 6.25
N THR A 863 25.13 6.19 5.35
CA THR A 863 26.59 6.08 5.40
C THR A 863 27.25 7.43 5.15
N SER A 864 26.75 8.19 4.16
CA SER A 864 27.32 9.50 3.87
C SER A 864 27.06 10.47 5.01
N LEU A 865 25.83 10.49 5.53
CA LEU A 865 25.48 11.41 6.59
C LEU A 865 26.35 11.18 7.82
N VAL A 866 26.44 9.94 8.28
CA VAL A 866 27.19 9.63 9.50
C VAL A 866 28.67 9.95 9.31
N THR A 867 29.21 9.70 8.12
CA THR A 867 30.60 10.05 7.84
C THR A 867 30.81 11.56 7.87
N GLY A 868 29.82 12.32 7.41
CA GLY A 868 29.91 13.76 7.52
C GLY A 868 30.03 14.24 8.95
N LEU A 869 29.20 13.67 9.85
CA LEU A 869 29.25 14.04 11.26
C LEU A 869 30.59 13.70 11.88
N VAL A 870 31.18 12.55 11.50
CA VAL A 870 32.50 12.20 12.01
C VAL A 870 33.52 13.27 11.63
N ASN A 871 33.47 13.74 10.38
CA ASN A 871 34.44 14.73 9.94
C ASN A 871 34.19 16.10 10.54
N LEU A 872 32.97 16.36 11.04
CA LEU A 872 32.77 17.60 11.80
C LEU A 872 33.39 17.49 13.19
N GLU A 873 33.42 16.29 13.77
CA GLU A 873 34.16 16.09 15.01
C GLU A 873 35.66 16.05 14.78
N LEU A 874 36.11 15.63 13.59
CA LEU A 874 37.53 15.56 13.32
C LEU A 874 38.20 16.93 13.45
N TYR A 875 37.47 18.00 13.11
CA TYR A 875 38.02 19.36 13.25
C TYR A 875 38.41 19.65 14.69
N LYS A 876 37.66 19.11 15.65
CA LYS A 876 37.95 19.34 17.06
C LYS A 876 39.20 18.60 17.49
N LEU A 877 39.52 17.46 16.85
CA LEU A 877 40.78 16.78 17.13
C LEU A 877 41.96 17.61 16.67
N ILE A 878 41.89 18.17 15.45
CA ILE A 878 42.97 18.99 14.93
C ILE A 878 43.26 20.17 15.86
N ASP A 879 42.23 20.69 16.53
CA ASP A 879 42.39 21.82 17.44
C ASP A 879 42.85 21.39 18.83
N ASN A 880 42.95 20.08 19.09
CA ASN A 880 43.34 19.56 20.40
C ASN A 880 42.42 20.06 21.50
N LYS A 881 41.11 20.08 21.25
CA LYS A 881 40.18 20.64 22.22
C LYS A 881 40.15 19.80 23.49
N THR A 882 40.25 20.47 24.63
CA THR A 882 40.20 19.82 25.93
C THR A 882 38.90 20.08 26.68
N ASP A 883 38.05 20.98 26.18
CA ASP A 883 36.74 21.20 26.77
C ASP A 883 35.79 20.12 26.25
N ILE A 884 35.41 19.20 27.14
CA ILE A 884 34.55 18.09 26.74
C ILE A 884 33.21 18.58 26.17
N GLU A 885 32.77 19.77 26.57
CA GLU A 885 31.48 20.27 26.12
C GLU A 885 31.47 20.64 24.65
N GLN A 886 32.65 20.82 24.03
CA GLN A 886 32.70 21.14 22.60
C GLN A 886 32.48 19.92 21.72
N TYR A 887 32.72 18.72 22.24
CA TYR A 887 32.56 17.50 21.47
C TYR A 887 31.11 17.02 21.50
N LYS A 888 30.74 16.25 20.48
CA LYS A 888 29.37 15.77 20.36
C LYS A 888 29.38 14.33 19.86
N ASN A 889 28.76 13.44 20.63
CA ASN A 889 28.36 12.15 20.11
C ASN A 889 27.05 12.30 19.36
N GLY A 890 26.93 11.62 18.21
CA GLY A 890 25.77 11.76 17.36
C GLY A 890 24.93 10.48 17.32
N PHE A 891 23.62 10.66 17.18
CA PHE A 891 22.65 9.57 17.04
C PHE A 891 21.60 10.01 16.04
N VAL A 892 21.39 9.24 14.97
CA VAL A 892 20.49 9.66 13.90
C VAL A 892 19.56 8.51 13.53
N ASN A 893 18.37 8.87 13.04
CA ASN A 893 17.51 7.92 12.34
C ASN A 893 16.84 8.69 11.21
N LEU A 894 17.35 8.52 9.99
CA LEU A 894 16.84 9.28 8.85
C LEU A 894 15.38 8.95 8.55
N ALA A 895 14.85 7.84 9.09
CA ALA A 895 13.47 7.46 8.80
C ALA A 895 12.45 8.37 9.48
N LEU A 896 12.82 9.04 10.56
CA LEU A 896 11.82 9.74 11.36
C LEU A 896 11.49 11.16 10.85
N PRO A 897 12.49 11.98 10.48
CA PRO A 897 13.94 11.89 10.70
C PRO A 897 14.29 12.44 12.08
N PHE A 898 15.25 11.83 12.75
CA PHE A 898 15.68 12.28 14.06
C PHE A 898 17.19 12.46 14.06
N PHE A 899 17.62 13.58 14.66
CA PHE A 899 19.03 13.87 14.86
C PHE A 899 19.19 14.37 16.30
N GLY A 900 20.07 13.72 17.04
CA GLY A 900 20.30 14.08 18.43
C GLY A 900 21.78 13.99 18.73
N PHE A 901 22.23 14.88 19.61
CA PHE A 901 23.65 14.97 19.96
C PHE A 901 23.80 15.06 21.47
N SER A 902 24.92 14.53 21.97
CA SER A 902 25.17 14.59 23.40
C SER A 902 26.66 14.74 23.66
N GLU A 903 26.98 15.52 24.68
CA GLU A 903 28.36 15.66 25.13
C GLU A 903 28.88 14.30 25.61
N PRO A 904 30.11 13.95 25.28
CA PRO A 904 30.65 12.66 25.74
C PRO A 904 30.71 12.58 27.26
N ILE A 905 30.70 11.35 27.75
CA ILE A 905 30.82 11.07 29.19
C ILE A 905 32.28 11.16 29.59
N ALA A 906 32.55 11.84 30.71
CA ALA A 906 33.91 11.96 31.21
C ALA A 906 34.45 10.61 31.68
N SER A 907 35.76 10.43 31.56
CA SER A 907 36.37 9.21 32.07
C SER A 907 36.21 9.19 33.59
N PRO A 908 35.76 8.07 34.18
CA PRO A 908 35.63 8.02 35.63
C PRO A 908 36.99 8.00 36.31
N LYS A 909 37.01 8.56 37.52
CA LYS A 909 38.21 8.62 38.34
C LYS A 909 38.08 7.65 39.51
N GLY A 910 39.18 6.99 39.85
CA GLY A 910 39.25 6.10 40.98
C GLY A 910 40.39 6.46 41.92
N GLU A 911 40.53 5.66 42.97
CA GLU A 911 41.63 5.89 43.91
C GLU A 911 42.03 4.60 44.58
N TYR A 912 43.31 4.52 44.93
CA TYR A 912 43.85 3.49 45.81
C TYR A 912 44.84 4.15 46.74
N ASN A 913 44.69 3.93 48.04
CA ASN A 913 45.54 4.57 49.05
C ASN A 913 45.56 6.10 48.87
N ASN A 914 44.39 6.67 48.58
CA ASN A 914 44.14 8.09 48.37
C ASN A 914 44.77 8.64 47.09
N LYS A 915 45.44 7.81 46.30
CA LYS A 915 46.05 8.26 45.06
C LYS A 915 45.01 8.18 43.93
N LYS A 916 44.67 9.33 43.36
CA LYS A 916 43.67 9.37 42.32
C LYS A 916 44.26 8.95 40.98
N TYR A 917 43.45 8.27 40.18
CA TYR A 917 43.88 7.83 38.87
C TYR A 917 42.68 7.81 37.94
N ASP A 918 42.95 7.94 36.64
CA ASP A 918 41.92 7.84 35.62
C ASP A 918 41.68 6.36 35.33
N LYS A 919 40.44 5.90 35.54
CA LYS A 919 40.13 4.48 35.43
C LYS A 919 40.23 3.97 34.00
N ILE A 920 40.27 4.85 33.02
CA ILE A 920 40.37 4.46 31.61
C ILE A 920 41.80 4.58 31.12
N TRP A 921 42.44 5.72 31.34
CA TRP A 921 43.65 6.06 30.61
C TRP A 921 44.94 5.89 31.41
N ASP A 922 44.87 5.82 32.74
CA ASP A 922 46.08 5.73 33.54
C ASP A 922 46.58 4.29 33.64
N ARG A 923 47.88 4.16 33.86
CA ARG A 923 48.51 2.84 33.93
C ARG A 923 49.87 2.97 34.59
N PHE A 924 50.34 1.86 35.15
CA PHE A 924 51.70 1.77 35.69
C PHE A 924 52.66 1.42 34.56
N ASP A 925 53.79 2.12 34.52
CA ASP A 925 54.84 1.84 33.56
C ASP A 925 56.05 1.29 34.31
N ILE A 926 56.47 0.07 33.94
CA ILE A 926 57.65 -0.57 34.50
C ILE A 926 58.67 -0.73 33.37
N LYS A 927 59.92 -0.39 33.65
CA LYS A 927 61.00 -0.48 32.67
C LYS A 927 61.75 -1.80 32.84
N GLY A 928 61.95 -2.52 31.73
CA GLY A 928 62.75 -3.71 31.71
C GLY A 928 61.96 -4.97 32.03
N ASP A 929 62.53 -6.11 31.62
CA ASP A 929 61.96 -7.42 31.90
C ASP A 929 62.14 -7.77 33.37
N ILE A 930 61.40 -7.09 34.24
CA ILE A 930 61.62 -7.16 35.67
C ILE A 930 61.24 -8.54 36.20
N LYS A 931 61.89 -8.95 37.29
CA LYS A 931 61.54 -10.20 37.94
C LYS A 931 60.27 -10.02 38.78
N LEU A 932 59.53 -11.13 38.91
CA LEU A 932 58.25 -11.06 39.62
C LEU A 932 58.42 -10.56 41.05
N SER A 933 59.48 -10.99 41.72
CA SER A 933 59.72 -10.53 43.09
C SER A 933 60.01 -9.04 43.14
N ASP A 934 60.77 -8.52 42.17
CA ASP A 934 61.03 -7.10 42.14
C ASP A 934 59.78 -6.31 41.76
N LEU A 935 58.96 -6.85 40.85
CA LEU A 935 57.69 -6.19 40.54
C LEU A 935 56.81 -6.09 41.78
N ILE A 936 56.67 -7.20 42.51
CA ILE A 936 55.86 -7.19 43.72
C ILE A 936 56.44 -6.23 44.75
N GLU A 937 57.77 -6.21 44.88
CA GLU A 937 58.43 -5.36 45.87
C GLU A 937 58.30 -3.88 45.52
N HIS A 938 58.33 -3.54 44.23
CA HIS A 938 58.19 -2.14 43.83
C HIS A 938 56.78 -1.62 44.12
N PHE A 939 55.76 -2.44 43.88
CA PHE A 939 54.39 -2.01 44.13
C PHE A 939 54.11 -1.81 45.63
N GLU A 940 54.80 -2.56 46.49
CA GLU A 940 54.61 -2.36 47.92
C GLU A 940 55.20 -1.03 48.37
N LYS A 941 56.37 -0.66 47.85
CA LYS A 941 57.02 0.58 48.27
C LYS A 941 56.47 1.79 47.54
N ASP A 942 56.43 1.71 46.20
CA ASP A 942 56.06 2.88 45.40
C ASP A 942 54.56 3.16 45.44
N GLU A 943 53.73 2.12 45.54
CA GLU A 943 52.29 2.30 45.46
C GLU A 943 51.54 1.88 46.71
N GLY A 944 52.17 1.22 47.66
CA GLY A 944 51.45 0.68 48.80
C GLY A 944 50.46 -0.39 48.42
N LEU A 945 50.73 -1.14 47.37
CA LEU A 945 49.84 -2.18 46.88
C LEU A 945 50.50 -3.54 47.04
N GLU A 946 49.74 -4.51 47.54
CA GLU A 946 50.20 -5.89 47.66
C GLU A 946 49.60 -6.67 46.50
N ILE A 947 50.42 -6.95 45.48
CA ILE A 947 49.93 -7.68 44.32
C ILE A 947 49.57 -9.11 44.75
N THR A 948 48.30 -9.46 44.61
CA THR A 948 47.85 -10.79 45.01
C THR A 948 47.68 -11.73 43.82
N MET A 949 47.31 -11.22 42.66
CA MET A 949 47.15 -12.03 41.46
C MET A 949 47.61 -11.21 40.26
N LEU A 950 48.24 -11.87 39.30
CA LEU A 950 48.78 -11.22 38.11
C LEU A 950 48.51 -12.09 36.89
N SER A 951 48.04 -11.46 35.81
CA SER A 951 47.66 -12.18 34.62
C SER A 951 48.21 -11.48 33.38
N TYR A 952 48.40 -12.27 32.33
CA TYR A 952 48.83 -11.79 31.02
C TYR A 952 47.88 -12.40 29.99
N GLY A 953 47.05 -11.56 29.38
CA GLY A 953 45.99 -12.10 28.53
C GLY A 953 45.05 -12.94 29.36
N VAL A 954 44.80 -14.17 28.92
CA VAL A 954 43.87 -15.08 29.60
C VAL A 954 44.60 -16.00 30.57
N SER A 955 45.90 -15.81 30.76
CA SER A 955 46.71 -16.73 31.55
C SER A 955 47.01 -16.13 32.91
N LEU A 956 46.81 -16.92 33.96
CA LEU A 956 47.20 -16.53 35.31
C LEU A 956 48.68 -16.86 35.50
N LEU A 957 49.48 -15.84 35.82
CA LEU A 957 50.92 -15.99 36.00
C LEU A 957 51.33 -16.13 37.45
N TYR A 958 50.69 -15.40 38.36
CA TYR A 958 51.06 -15.40 39.76
C TYR A 958 49.81 -15.28 40.62
N ALA A 959 49.83 -15.94 41.76
CA ALA A 959 48.79 -15.78 42.76
C ALA A 959 49.42 -15.97 44.14
N SER A 960 49.07 -15.07 45.07
CA SER A 960 49.65 -15.12 46.41
C SER A 960 49.24 -16.38 47.17
N PHE A 961 48.16 -17.05 46.76
CA PHE A 961 47.70 -18.26 47.44
C PHE A 961 48.28 -19.53 46.82
N PHE A 962 49.26 -19.41 45.93
CA PHE A 962 49.94 -20.59 45.41
C PHE A 962 50.68 -21.30 46.55
N PRO A 963 50.89 -22.61 46.44
CA PRO A 963 51.71 -23.32 47.44
C PRO A 963 53.15 -22.84 47.38
N PRO A 964 53.92 -23.06 48.46
CA PRO A 964 55.32 -22.59 48.45
C PRO A 964 56.15 -23.16 47.32
N LYS A 965 55.74 -24.28 46.71
CA LYS A 965 56.48 -24.84 45.59
C LYS A 965 56.37 -23.95 44.36
N LYS A 966 55.15 -23.60 43.96
CA LYS A 966 54.95 -22.77 42.78
C LYS A 966 55.41 -21.33 42.99
N LEU A 967 55.29 -20.82 44.22
CA LEU A 967 55.69 -19.45 44.48
C LEU A 967 57.19 -19.26 44.25
N LYS A 968 58.01 -20.14 44.87
CA LYS A 968 59.46 -20.00 44.73
C LYS A 968 59.91 -20.14 43.28
N GLU A 969 59.21 -20.98 42.51
CA GLU A 969 59.57 -21.16 41.11
C GLU A 969 59.28 -19.91 40.28
N ARG A 970 58.15 -19.26 40.54
CA ARG A 970 57.73 -18.12 39.72
C ARG A 970 58.26 -16.79 40.23
N LEU A 971 58.50 -16.66 41.54
CA LEU A 971 58.92 -15.38 42.09
C LEU A 971 60.29 -14.94 41.59
N ASN A 972 61.10 -15.87 41.10
CA ASN A 972 62.45 -15.56 40.67
C ASN A 972 62.57 -15.38 39.16
N LEU A 973 61.46 -15.50 38.42
CA LEU A 973 61.56 -15.44 36.97
C LEU A 973 61.22 -14.05 36.45
N PRO A 974 61.90 -13.59 35.40
CA PRO A 974 61.47 -12.36 34.74
C PRO A 974 60.13 -12.55 34.04
N ILE A 975 59.53 -11.42 33.65
CA ILE A 975 58.18 -11.45 33.11
C ILE A 975 58.10 -12.36 31.89
N THR A 976 59.05 -12.21 30.96
CA THR A 976 59.01 -13.00 29.73
C THR A 976 59.11 -14.49 30.02
N GLN A 977 60.01 -14.90 30.92
CA GLN A 977 60.12 -16.31 31.26
C GLN A 977 58.88 -16.80 32.00
N LEU A 978 58.27 -15.94 32.83
CA LEU A 978 57.05 -16.32 33.52
C LEU A 978 55.93 -16.62 32.54
N VAL A 979 55.84 -15.86 31.45
CA VAL A 979 54.85 -16.14 30.42
C VAL A 979 55.18 -17.45 29.71
N LYS A 980 56.45 -17.69 29.41
CA LYS A 980 56.85 -18.92 28.74
C LYS A 980 56.57 -20.14 29.63
N LEU A 981 56.79 -20.00 30.94
CA LEU A 981 56.47 -21.10 31.86
C LEU A 981 54.99 -21.46 31.82
N VAL A 982 54.13 -20.47 31.73
CA VAL A 982 52.69 -20.70 31.82
C VAL A 982 52.09 -21.01 30.45
N THR A 983 52.41 -20.20 29.44
CA THR A 983 51.79 -20.33 28.12
C THR A 983 52.55 -21.27 27.19
N LYS A 984 53.75 -21.69 27.57
CA LYS A 984 54.59 -22.58 26.75
C LYS A 984 54.92 -21.97 25.39
N LYS A 985 54.80 -20.65 25.26
CA LYS A 985 55.15 -19.94 24.03
C LYS A 985 56.01 -18.73 24.40
N ASP A 986 57.10 -18.55 23.67
CA ASP A 986 58.00 -17.43 23.93
C ASP A 986 57.39 -16.12 23.44
N ILE A 987 57.80 -15.03 24.07
CA ILE A 987 57.45 -13.69 23.64
C ILE A 987 58.24 -13.38 22.38
N PRO A 988 57.58 -13.13 21.24
CA PRO A 988 58.32 -12.88 20.00
C PRO A 988 59.15 -11.60 20.09
N ALA A 989 60.16 -11.54 19.22
CA ALA A 989 61.12 -10.43 19.28
C ALA A 989 60.47 -9.10 18.91
N HIS A 990 59.41 -9.11 18.10
CA HIS A 990 58.79 -7.86 17.69
C HIS A 990 58.05 -7.18 18.84
N VAL A 991 57.71 -7.92 19.89
CA VAL A 991 57.00 -7.33 21.02
C VAL A 991 57.93 -6.39 21.78
N SER A 992 57.48 -5.16 22.00
CA SER A 992 58.24 -4.19 22.77
C SER A 992 57.59 -3.84 24.10
N THR A 993 56.29 -4.05 24.24
CA THR A 993 55.59 -3.78 25.49
C THR A 993 54.66 -4.94 25.81
N MET A 994 54.40 -5.14 27.10
CA MET A 994 53.47 -6.15 27.58
C MET A 994 52.49 -5.51 28.55
N ILE A 995 51.22 -5.86 28.42
CA ILE A 995 50.17 -5.41 29.33
C ILE A 995 49.91 -6.50 30.35
N LEU A 996 49.99 -6.15 31.63
CA LEU A 996 49.70 -7.07 32.72
C LEU A 996 48.53 -6.54 33.54
N GLU A 997 47.64 -7.44 33.95
CA GLU A 997 46.53 -7.09 34.82
C GLU A 997 46.79 -7.66 36.20
N ILE A 998 46.46 -6.90 37.23
CA ILE A 998 46.77 -7.29 38.59
C ILE A 998 45.55 -7.06 39.48
N CYS A 999 45.39 -7.95 40.45
CA CYS A 999 44.57 -7.70 41.62
C CYS A 999 45.51 -7.43 42.79
N ALA A 1000 45.17 -6.42 43.61
CA ALA A 1000 46.04 -6.01 44.69
C ALA A 1000 45.22 -5.56 45.88
N ASP A 1001 45.84 -5.61 47.06
CA ASP A 1001 45.27 -5.09 48.29
C ASP A 1001 45.93 -3.76 48.63
N ASP A 1002 45.16 -2.84 49.18
CA ASP A 1002 45.67 -1.53 49.60
C ASP A 1002 46.40 -1.68 50.93
N LYS A 1003 46.77 -0.56 51.55
CA LYS A 1003 47.51 -0.59 52.81
C LYS A 1003 46.69 -1.14 53.97
N GLU A 1004 45.36 -1.16 53.82
CA GLU A 1004 44.47 -1.73 54.82
C GLU A 1004 44.12 -3.18 54.55
N GLY A 1005 44.77 -3.81 53.57
CA GLY A 1005 44.56 -5.22 53.29
C GLY A 1005 43.21 -5.54 52.67
N GLU A 1006 42.75 -4.68 51.76
CA GLU A 1006 41.47 -4.88 51.09
C GLU A 1006 41.67 -4.78 49.59
N ASP A 1007 41.01 -5.68 48.86
CA ASP A 1007 41.11 -5.69 47.41
C ASP A 1007 40.56 -4.39 46.84
N VAL A 1008 41.31 -3.79 45.93
CA VAL A 1008 40.95 -2.50 45.34
C VAL A 1008 41.25 -2.52 43.86
N GLU A 1009 40.41 -1.82 43.09
CA GLU A 1009 40.63 -1.67 41.65
C GLU A 1009 41.89 -0.85 41.39
N VAL A 1010 42.73 -1.34 40.48
CA VAL A 1010 43.98 -0.66 40.14
C VAL A 1010 44.15 -0.65 38.64
N PRO A 1011 44.89 0.34 38.11
CA PRO A 1011 45.15 0.37 36.67
C PRO A 1011 45.99 -0.82 36.23
N PHE A 1012 46.10 -0.99 34.91
CA PHE A 1012 46.92 -2.07 34.38
C PHE A 1012 48.39 -1.65 34.36
N ILE A 1013 49.26 -2.63 34.09
CA ILE A 1013 50.71 -2.44 34.06
C ILE A 1013 51.18 -2.54 32.61
N THR A 1014 52.07 -1.63 32.23
CA THR A 1014 52.79 -1.72 30.97
C THR A 1014 54.26 -2.07 31.25
N ILE A 1015 54.70 -3.21 30.76
CA ILE A 1015 56.10 -3.61 30.84
C ILE A 1015 56.79 -3.12 29.58
N HIS A 1016 57.76 -2.22 29.74
CA HIS A 1016 58.55 -1.72 28.61
C HIS A 1016 59.80 -2.58 28.51
N LEU A 1017 59.82 -3.48 27.53
CA LEU A 1017 60.92 -4.41 27.38
C LEU A 1017 62.17 -3.72 26.83
N GLY B 8 7.43 20.05 41.39
CA GLY B 8 6.25 19.22 41.57
C GLY B 8 6.12 18.13 40.52
N ALA B 9 4.96 17.51 40.45
CA ALA B 9 4.72 16.44 39.48
C ALA B 9 4.65 17.01 38.07
N MET B 10 5.08 16.21 37.10
CA MET B 10 5.07 16.62 35.71
C MET B 10 5.03 15.39 34.81
N GLN B 11 4.68 15.62 33.55
CA GLN B 11 4.57 14.57 32.55
C GLN B 11 5.69 14.74 31.53
N ILE B 12 6.50 13.70 31.36
CA ILE B 12 7.59 13.71 30.39
C ILE B 12 7.42 12.52 29.46
N PHE B 13 8.12 12.59 28.32
CA PHE B 13 8.08 11.53 27.32
C PHE B 13 9.47 10.97 27.12
N VAL B 14 9.53 9.72 26.69
CA VAL B 14 10.79 9.04 26.34
C VAL B 14 10.57 8.39 24.98
N ARG B 15 11.28 8.87 23.97
CA ARG B 15 11.15 8.36 22.61
C ARG B 15 12.41 7.59 22.23
N THR B 16 12.22 6.41 21.65
CA THR B 16 13.34 5.57 21.26
C THR B 16 13.85 5.94 19.86
N LEU B 17 15.03 5.46 19.53
CA LEU B 17 15.62 5.70 18.22
C LEU B 17 14.77 5.12 17.08
N THR B 18 13.92 4.13 17.38
CA THR B 18 13.04 3.56 16.38
C THR B 18 11.74 4.33 16.21
N GLY B 19 11.40 5.21 17.15
CA GLY B 19 10.22 6.04 17.06
C GLY B 19 9.18 5.82 18.13
N ARG B 20 9.29 4.79 18.95
CA ARG B 20 8.27 4.52 19.96
C ARG B 20 8.33 5.55 21.08
N THR B 21 7.17 5.91 21.62
CA THR B 21 7.07 6.95 22.65
C THR B 21 6.54 6.34 23.95
N ILE B 22 7.18 6.71 25.06
CA ILE B 22 6.80 6.26 26.39
C ILE B 22 6.47 7.49 27.24
N THR B 23 5.40 7.39 28.01
CA THR B 23 4.96 8.47 28.88
C THR B 23 5.18 8.09 30.34
N LEU B 24 5.72 9.03 31.12
CA LEU B 24 6.06 8.78 32.51
C LEU B 24 5.58 9.93 33.38
N GLU B 25 4.79 9.62 34.40
CA GLU B 25 4.44 10.59 35.44
C GLU B 25 5.57 10.61 36.46
N VAL B 26 6.27 11.74 36.56
CA VAL B 26 7.44 11.86 37.41
C VAL B 26 7.34 13.15 38.21
N GLU B 27 8.28 13.30 39.15
CA GLU B 27 8.52 14.55 39.86
C GLU B 27 9.90 15.08 39.49
N SER B 28 10.05 16.40 39.56
CA SER B 28 11.33 17.02 39.21
C SER B 28 12.47 16.58 40.13
N SER B 29 12.15 16.01 41.28
CA SER B 29 13.15 15.54 42.24
C SER B 29 13.56 14.10 42.03
N ASP B 30 12.95 13.40 41.07
CA ASP B 30 13.31 12.01 40.82
C ASP B 30 14.71 11.91 40.25
N THR B 31 15.44 10.88 40.66
CA THR B 31 16.79 10.68 40.17
C THR B 31 16.77 9.93 38.83
N ILE B 32 17.87 10.08 38.08
CA ILE B 32 18.00 9.37 36.82
C ILE B 32 18.01 7.86 37.05
N ASP B 33 18.54 7.41 38.19
CA ASP B 33 18.51 5.99 38.52
C ASP B 33 17.07 5.49 38.61
N ASN B 34 16.18 6.28 39.22
CA ASN B 34 14.78 5.87 39.32
C ASN B 34 14.09 5.88 37.95
N VAL B 35 14.44 6.83 37.09
CA VAL B 35 13.87 6.86 35.76
C VAL B 35 14.28 5.61 34.97
N ARG B 36 15.54 5.21 35.07
CA ARG B 36 15.99 4.00 34.38
C ARG B 36 15.27 2.76 34.90
N ALA B 37 15.03 2.71 36.21
CA ALA B 37 14.31 1.58 36.79
C ALA B 37 12.88 1.49 36.26
N ARG B 38 12.26 2.63 35.99
CA ARG B 38 10.91 2.62 35.45
C ARG B 38 10.91 2.24 33.97
N ILE B 39 11.92 2.70 33.22
CA ILE B 39 12.05 2.30 31.83
C ILE B 39 12.32 0.81 31.72
N GLN B 40 13.04 0.22 32.69
CA GLN B 40 13.29 -1.21 32.68
C GLN B 40 12.00 -2.00 32.87
N ASP B 41 11.15 -1.55 33.81
CA ASP B 41 9.89 -2.25 34.02
C ASP B 41 8.94 -2.08 32.85
N ARG B 42 8.99 -0.94 32.17
CA ARG B 42 8.09 -0.65 31.05
C ARG B 42 8.57 -1.27 29.75
N GLU B 43 9.88 -1.27 29.49
CA GLU B 43 10.43 -1.71 28.21
C GLU B 43 11.31 -2.94 28.31
N GLY B 44 11.66 -3.40 29.50
CA GLY B 44 12.56 -4.53 29.63
C GLY B 44 14.01 -4.24 29.33
N ILE B 45 14.38 -2.99 29.10
CA ILE B 45 15.76 -2.62 28.77
C ILE B 45 16.51 -2.42 30.08
N PRO B 46 17.57 -3.19 30.34
CA PRO B 46 18.34 -2.99 31.57
C PRO B 46 18.91 -1.58 31.62
N PRO B 47 18.95 -0.96 32.80
CA PRO B 47 19.50 0.41 32.91
C PRO B 47 20.93 0.53 32.40
N ASP B 48 21.72 -0.54 32.45
CA ASP B 48 23.07 -0.52 31.92
C ASP B 48 23.10 -0.28 30.41
N GLN B 49 22.03 -0.61 29.71
CA GLN B 49 21.97 -0.47 28.26
C GLN B 49 21.16 0.74 27.82
N GLN B 50 20.73 1.59 28.76
CA GLN B 50 19.90 2.76 28.44
C GLN B 50 20.80 3.97 28.23
N ARG B 51 20.74 4.54 27.02
CA ARG B 51 21.42 5.79 26.70
C ARG B 51 20.36 6.88 26.54
N LEU B 52 20.19 7.68 27.58
CA LEU B 52 19.22 8.76 27.59
C LEU B 52 19.92 10.08 27.33
N ILE B 53 19.40 10.86 26.39
CA ILE B 53 19.96 12.16 26.04
C ILE B 53 18.84 13.19 26.06
N PHE B 54 19.20 14.43 26.37
CA PHE B 54 18.25 15.52 26.42
C PHE B 54 19.00 16.84 26.34
N ALA B 55 18.69 17.64 25.33
CA ALA B 55 19.23 19.00 25.20
C ALA B 55 20.75 19.01 25.19
N GLY B 56 21.37 18.05 24.51
CA GLY B 56 22.81 18.03 24.33
C GLY B 56 23.60 17.33 25.41
N ARG B 57 22.94 16.79 26.43
CA ARG B 57 23.62 16.07 27.50
C ARG B 57 23.10 14.64 27.57
N GLN B 58 23.97 13.73 28.02
CA GLN B 58 23.60 12.36 28.27
C GLN B 58 23.34 12.20 29.77
N LEU B 59 22.14 11.74 30.12
CA LEU B 59 21.74 11.69 31.53
C LEU B 59 22.55 10.64 32.27
N GLU B 60 23.03 10.99 33.45
CA GLU B 60 23.89 10.13 34.26
C GLU B 60 23.25 9.86 35.61
N ASP B 61 23.59 8.71 36.18
CA ASP B 61 23.08 8.36 37.50
C ASP B 61 23.64 9.30 38.56
N GLY B 62 22.88 9.46 39.64
CA GLY B 62 23.24 10.36 40.70
C GLY B 62 22.67 11.76 40.57
N ARG B 63 22.26 12.15 39.37
CA ARG B 63 21.61 13.43 39.17
C ARG B 63 20.10 13.27 39.27
N THR B 64 19.40 14.39 39.16
CA THR B 64 17.94 14.41 39.15
C THR B 64 17.47 15.01 37.82
N LEU B 65 16.15 14.90 37.60
CA LEU B 65 15.57 15.47 36.40
C LEU B 65 15.71 16.98 36.36
N ALA B 66 15.54 17.64 37.51
CA ALA B 66 15.69 19.09 37.56
C ALA B 66 17.11 19.53 37.30
N ASP B 67 18.10 18.66 37.53
CA ASP B 67 19.49 19.00 37.26
C ASP B 67 19.75 19.22 35.78
N TYR B 68 18.94 18.58 34.92
CA TYR B 68 19.07 18.74 33.48
C TYR B 68 18.02 19.67 32.90
N ASN B 69 17.36 20.46 33.74
CA ASN B 69 16.34 21.42 33.32
C ASN B 69 15.21 20.73 32.55
N ILE B 70 14.80 19.57 33.03
CA ILE B 70 13.70 18.81 32.43
C ILE B 70 12.39 19.31 33.01
N GLN B 71 11.49 19.78 32.16
CA GLN B 71 10.23 20.39 32.57
C GLN B 71 9.06 19.56 32.04
N ARG B 72 7.87 20.14 32.10
CA ARG B 72 6.66 19.46 31.64
C ARG B 72 6.69 19.28 30.13
N GLU B 73 6.16 18.15 29.66
CA GLU B 73 6.11 17.79 28.24
C GLU B 73 7.49 17.68 27.60
N SER B 74 8.54 17.55 28.41
CA SER B 74 9.87 17.33 27.86
C SER B 74 10.01 15.90 27.35
N THR B 75 10.80 15.73 26.29
CA THR B 75 11.00 14.44 25.66
C THR B 75 12.46 14.02 25.81
N LEU B 76 12.69 12.91 26.49
CA LEU B 76 13.99 12.26 26.53
C LEU B 76 14.10 11.28 25.37
N HIS B 77 15.34 11.01 24.95
CA HIS B 77 15.58 10.13 23.82
C HIS B 77 16.44 8.96 24.26
N LEU B 78 15.90 7.75 24.08
CA LEU B 78 16.65 6.50 24.25
C LEU B 78 17.35 6.21 22.93
N VAL B 79 18.68 6.33 22.92
CA VAL B 79 19.44 6.09 21.72
C VAL B 79 20.30 4.85 21.91
N LEU B 80 20.95 4.42 20.84
CA LEU B 80 21.87 3.30 20.93
C LEU B 80 22.94 3.45 19.86
N ARG B 81 23.99 2.64 20.00
CA ARG B 81 25.07 2.57 19.03
C ARG B 81 24.81 1.41 18.09
N LEU B 82 25.16 1.58 16.82
CA LEU B 82 24.95 0.57 15.79
C LEU B 82 26.29 0.02 15.34
N ARG B 83 26.27 -1.19 14.80
CA ARG B 83 27.51 -1.92 14.57
C ARG B 83 27.87 -2.08 13.11
N GLY B 84 27.04 -1.62 12.17
CA GLY B 84 27.34 -1.74 10.76
C GLY B 84 28.16 -0.58 10.23
N GLY B 85 28.51 -0.68 8.95
CA GLY B 85 29.12 0.41 8.23
C GLY B 85 30.58 0.17 7.89
N SER C 5 30.26 2.53 38.95
CA SER C 5 31.07 2.48 40.15
C SER C 5 32.39 1.75 39.88
N ARG C 6 32.46 0.49 40.31
CA ARG C 6 33.65 -0.34 40.12
C ARG C 6 33.45 -1.17 38.86
N LYS C 7 34.05 -0.73 37.76
CA LYS C 7 33.94 -1.42 36.47
C LYS C 7 35.17 -2.31 36.29
N SER C 8 35.11 -3.48 36.90
CA SER C 8 36.21 -4.44 36.80
C SER C 8 36.21 -5.14 35.45
N THR C 9 37.40 -5.45 34.97
CA THR C 9 37.52 -6.20 33.72
C THR C 9 37.14 -7.66 33.95
N ALA C 10 37.00 -8.39 32.83
CA ALA C 10 36.53 -9.77 32.91
C ALA C 10 37.54 -10.65 33.64
N SER C 11 38.82 -10.55 33.30
CA SER C 11 39.82 -11.41 33.93
C SER C 11 39.91 -11.14 35.43
N SER C 12 39.83 -9.87 35.82
CA SER C 12 39.93 -9.53 37.25
C SER C 12 38.73 -10.06 38.03
N LEU C 13 37.52 -9.89 37.48
CA LEU C 13 36.34 -10.38 38.17
C LEU C 13 36.32 -11.90 38.25
N LEU C 14 36.81 -12.58 37.21
CA LEU C 14 36.87 -14.03 37.25
C LEU C 14 37.91 -14.52 38.25
N LEU C 15 39.04 -13.81 38.35
CA LEU C 15 40.07 -14.22 39.29
C LEU C 15 39.61 -14.05 40.73
N ARG C 16 38.90 -12.97 41.03
CA ARG C 16 38.41 -12.78 42.39
C ARG C 16 37.38 -13.83 42.76
N GLN C 17 36.46 -14.15 41.84
CA GLN C 17 35.48 -15.18 42.13
C GLN C 17 36.13 -16.55 42.21
N TYR C 18 37.14 -16.80 41.37
CA TYR C 18 37.89 -18.05 41.47
C TYR C 18 38.59 -18.17 42.81
N ARG C 19 39.20 -17.07 43.27
CA ARG C 19 39.92 -17.11 44.54
C ARG C 19 38.97 -17.37 45.71
N GLU C 20 37.77 -16.78 45.67
CA GLU C 20 36.82 -16.97 46.75
C GLU C 20 36.22 -18.37 46.74
N LEU C 21 36.01 -18.95 45.56
CA LEU C 21 35.46 -20.29 45.44
C LEU C 21 36.51 -21.39 45.61
N THR C 22 37.77 -21.03 45.89
CA THR C 22 38.81 -22.00 46.20
C THR C 22 39.53 -21.67 47.50
N ASP C 23 39.06 -20.66 48.23
CA ASP C 23 39.67 -20.30 49.50
C ASP C 23 39.30 -21.34 50.56
N PRO C 24 40.27 -21.83 51.35
CA PRO C 24 39.97 -22.87 52.33
C PRO C 24 39.04 -22.42 53.46
N LYS C 25 38.54 -21.19 53.35
CA LYS C 25 37.63 -20.62 54.35
C LYS C 25 36.28 -20.21 53.77
N LYS C 26 36.22 -19.88 52.48
CA LYS C 26 35.00 -19.39 51.86
C LYS C 26 34.53 -20.24 50.69
N ALA C 27 35.29 -21.26 50.28
CA ALA C 27 34.91 -22.07 49.13
C ALA C 27 33.71 -22.94 49.46
N ILE C 28 32.72 -22.92 48.58
CA ILE C 28 31.53 -23.76 48.78
C ILE C 28 31.93 -25.22 48.60
N PRO C 29 31.67 -26.10 49.57
CA PRO C 29 32.12 -27.50 49.45
C PRO C 29 31.41 -28.30 48.37
N SER C 30 30.35 -27.76 47.74
CA SER C 30 29.64 -28.47 46.69
C SER C 30 30.31 -28.40 45.34
N PHE C 31 31.36 -27.60 45.17
CA PHE C 31 32.00 -27.40 43.88
C PHE C 31 33.51 -27.45 44.03
N HIS C 32 34.15 -28.32 43.24
CA HIS C 32 35.61 -28.39 43.16
C HIS C 32 36.03 -27.69 41.87
N ILE C 33 36.61 -26.51 42.00
CA ILE C 33 36.85 -25.62 40.87
C ILE C 33 38.36 -25.48 40.64
N GLU C 34 38.77 -25.68 39.39
CA GLU C 34 40.15 -25.48 38.98
C GLU C 34 40.17 -24.92 37.56
N LEU C 35 41.21 -24.15 37.26
CA LEU C 35 41.36 -23.59 35.92
C LEU C 35 41.91 -24.64 34.97
N GLU C 36 41.61 -24.47 33.68
CA GLU C 36 42.19 -25.33 32.66
C GLU C 36 43.70 -25.10 32.60
N ASP C 37 44.46 -26.19 32.71
CA ASP C 37 45.93 -26.14 32.77
C ASP C 37 46.42 -25.29 33.95
N ASP C 38 45.55 -25.02 34.91
CA ASP C 38 45.88 -24.19 36.07
C ASP C 38 46.40 -22.82 35.64
N SER C 39 45.80 -22.26 34.60
CA SER C 39 46.26 -20.98 34.06
C SER C 39 45.16 -20.23 33.31
N ASN C 40 44.35 -20.94 32.53
CA ASN C 40 43.36 -20.27 31.69
C ASN C 40 42.22 -19.74 32.56
N ILE C 41 42.04 -18.42 32.53
CA ILE C 41 41.07 -17.78 33.41
C ILE C 41 39.64 -17.95 32.89
N PHE C 42 39.46 -18.13 31.58
CA PHE C 42 38.15 -18.08 30.98
C PHE C 42 37.54 -19.45 30.69
N THR C 43 38.21 -20.54 31.08
CA THR C 43 37.60 -21.87 31.03
C THR C 43 37.94 -22.59 32.32
N TRP C 44 36.91 -23.00 33.06
CA TRP C 44 37.06 -23.65 34.35
C TRP C 44 36.57 -25.09 34.28
N ASN C 45 37.33 -25.99 34.90
CA ASN C 45 36.91 -27.37 35.09
C ASN C 45 36.33 -27.49 36.48
N ILE C 46 35.05 -27.84 36.56
CA ILE C 46 34.30 -27.83 37.82
C ILE C 46 33.75 -29.22 38.07
N GLY C 47 33.92 -29.73 39.28
CA GLY C 47 33.28 -30.95 39.68
C GLY C 47 32.06 -30.65 40.53
N VAL C 48 30.87 -30.88 39.98
CA VAL C 48 29.64 -30.57 40.69
C VAL C 48 29.28 -31.73 41.61
N MET C 49 28.96 -31.42 42.86
CA MET C 49 28.60 -32.41 43.86
C MET C 49 27.27 -32.05 44.50
N VAL C 50 26.48 -33.06 44.81
CA VAL C 50 25.18 -32.90 45.46
C VAL C 50 25.32 -33.39 46.89
N LEU C 51 25.35 -32.44 47.84
CA LEU C 51 25.54 -32.79 49.24
C LEU C 51 24.25 -33.14 49.95
N ASN C 52 23.10 -32.77 49.38
CA ASN C 52 21.81 -33.09 49.98
C ASN C 52 21.62 -34.60 50.06
N GLU C 53 21.57 -35.14 51.28
CA GLU C 53 21.38 -36.58 51.46
C GLU C 53 20.01 -37.05 51.01
N ASP C 54 19.05 -36.13 50.85
CA ASP C 54 17.70 -36.47 50.40
C ASP C 54 17.52 -36.31 48.90
N SER C 55 18.61 -36.09 48.15
CA SER C 55 18.55 -35.96 46.70
C SER C 55 19.03 -37.24 46.03
N ILE C 56 18.48 -37.49 44.84
CA ILE C 56 18.82 -38.72 44.13
C ILE C 56 20.25 -38.67 43.61
N TYR C 57 20.77 -37.49 43.33
CA TYR C 57 22.12 -37.33 42.79
C TYR C 57 23.18 -37.23 43.88
N HIS C 58 22.84 -37.57 45.12
CA HIS C 58 23.80 -37.47 46.21
C HIS C 58 24.92 -38.48 46.03
N GLY C 59 26.14 -38.06 46.38
CA GLY C 59 27.30 -38.92 46.32
C GLY C 59 28.07 -38.89 45.01
N GLY C 60 27.56 -38.20 43.98
CA GLY C 60 28.23 -38.14 42.71
C GLY C 60 29.25 -37.02 42.62
N PHE C 61 30.17 -37.16 41.68
CA PHE C 61 31.17 -36.15 41.35
C PHE C 61 31.12 -35.96 39.84
N PHE C 62 30.29 -35.02 39.39
CA PHE C 62 30.03 -34.84 37.97
C PHE C 62 30.95 -33.76 37.42
N LYS C 63 31.93 -34.17 36.62
CA LYS C 63 32.84 -33.23 35.99
C LYS C 63 32.09 -32.38 34.96
N ALA C 64 32.52 -31.13 34.84
CA ALA C 64 31.92 -30.21 33.88
C ALA C 64 32.94 -29.15 33.52
N GLN C 65 32.66 -28.44 32.44
CA GLN C 65 33.54 -27.37 31.97
C GLN C 65 32.70 -26.11 31.74
N MET C 66 33.19 -24.98 32.22
CA MET C 66 32.52 -23.71 32.10
C MET C 66 33.43 -22.74 31.35
N ARG C 67 32.90 -22.11 30.31
CA ARG C 67 33.66 -21.18 29.48
C ARG C 67 33.02 -19.80 29.58
N PHE C 68 33.84 -18.78 29.78
CA PHE C 68 33.35 -17.43 29.98
C PHE C 68 33.69 -16.54 28.78
N PRO C 69 32.77 -15.67 28.36
CA PRO C 69 33.08 -14.76 27.26
C PRO C 69 34.02 -13.65 27.71
N GLU C 70 34.52 -12.90 26.74
CA GLU C 70 35.45 -11.82 27.03
C GLU C 70 34.76 -10.60 27.64
N ASP C 71 33.43 -10.53 27.59
CA ASP C 71 32.69 -9.40 28.15
C ASP C 71 31.97 -9.77 29.44
N PHE C 72 32.49 -10.76 30.17
CA PHE C 72 31.91 -11.17 31.44
C PHE C 72 31.95 -10.01 32.43
N PRO C 73 30.87 -9.83 33.21
CA PRO C 73 29.67 -10.66 33.25
C PRO C 73 28.49 -10.11 32.45
N PHE C 74 28.77 -9.34 31.39
CA PHE C 74 27.72 -8.77 30.57
C PHE C 74 27.21 -9.74 29.51
N SER C 75 27.70 -10.97 29.50
CA SER C 75 27.22 -12.04 28.63
C SER C 75 27.29 -13.35 29.43
N PRO C 76 26.36 -14.28 29.21
CA PRO C 76 26.34 -15.48 30.02
C PRO C 76 27.48 -16.41 29.65
N PRO C 77 27.96 -17.22 30.59
CA PRO C 77 28.96 -18.25 30.26
C PRO C 77 28.29 -19.50 29.70
N GLN C 78 29.12 -20.38 29.18
CA GLN C 78 28.68 -21.66 28.66
C GLN C 78 29.03 -22.77 29.63
N PHE C 79 28.09 -23.67 29.86
CA PHE C 79 28.26 -24.79 30.78
C PHE C 79 27.97 -26.09 30.03
N ARG C 80 28.79 -27.10 30.30
CA ARG C 80 28.62 -28.41 29.66
C ARG C 80 29.12 -29.48 30.61
N PHE C 81 28.32 -30.54 30.79
CA PHE C 81 28.75 -31.69 31.56
C PHE C 81 29.69 -32.55 30.72
N THR C 82 30.84 -32.89 31.30
CA THR C 82 31.84 -33.70 30.60
C THR C 82 32.21 -34.92 31.43
N PRO C 83 31.65 -36.09 31.10
CA PRO C 83 30.73 -36.29 29.96
C PRO C 83 29.29 -35.94 30.31
N ALA C 84 28.39 -36.07 29.33
CA ALA C 84 26.98 -35.80 29.56
C ALA C 84 26.40 -36.79 30.55
N ILE C 85 25.52 -36.30 31.43
CA ILE C 85 24.92 -37.12 32.46
C ILE C 85 23.44 -37.34 32.13
N TYR C 86 22.84 -38.29 32.84
CA TYR C 86 21.43 -38.63 32.69
C TYR C 86 20.60 -37.64 33.49
N HIS C 87 19.85 -36.78 32.79
CA HIS C 87 19.04 -35.76 33.45
C HIS C 87 18.03 -35.24 32.45
N PRO C 88 16.80 -34.96 32.86
CA PRO C 88 15.78 -34.52 31.90
C PRO C 88 16.10 -33.21 31.21
N ASN C 89 17.03 -32.42 31.74
CA ASN C 89 17.34 -31.12 31.16
C ASN C 89 18.73 -31.07 30.55
N VAL C 90 19.36 -32.22 30.32
CA VAL C 90 20.70 -32.29 29.76
C VAL C 90 20.64 -33.04 28.45
N TYR C 91 21.23 -32.48 27.40
CA TYR C 91 21.32 -33.13 26.11
C TYR C 91 22.50 -34.10 26.09
N ARG C 92 22.58 -34.90 25.01
CA ARG C 92 23.61 -35.92 24.89
C ARG C 92 25.00 -35.32 24.68
N ASP C 93 25.10 -34.05 24.31
CA ASP C 93 26.39 -33.42 24.11
C ASP C 93 26.92 -32.72 25.36
N GLY C 94 26.18 -32.79 26.47
CA GLY C 94 26.59 -32.18 27.72
C GLY C 94 25.93 -30.86 28.02
N ARG C 95 25.51 -30.12 27.00
CA ARG C 95 24.81 -28.87 27.22
C ARG C 95 23.46 -29.13 27.88
N LEU C 96 22.92 -28.10 28.52
CA LEU C 96 21.69 -28.26 29.29
C LEU C 96 20.82 -27.02 29.20
N CYS C 97 19.52 -27.23 29.36
CA CYS C 97 18.53 -26.16 29.31
C CYS C 97 18.36 -25.58 30.71
N ILE C 98 18.82 -24.35 30.91
CA ILE C 98 18.64 -23.66 32.18
C ILE C 98 18.47 -22.18 31.89
N SER C 99 17.46 -21.57 32.52
CA SER C 99 17.11 -20.20 32.18
C SER C 99 18.19 -19.20 32.59
N ILE C 100 18.97 -19.51 33.61
CA ILE C 100 19.95 -18.56 34.11
C ILE C 100 21.09 -18.35 33.11
N LEU C 101 21.34 -19.31 32.22
CA LEU C 101 22.38 -19.18 31.21
C LEU C 101 21.87 -18.61 29.90
N HIS C 102 20.60 -18.28 29.81
CA HIS C 102 20.04 -17.62 28.64
C HIS C 102 19.92 -16.13 28.91
N GLN C 103 20.21 -15.32 27.89
CA GLN C 103 20.11 -13.87 27.99
C GLN C 103 18.94 -13.36 27.16
N SER C 104 18.29 -12.31 27.67
CA SER C 104 17.10 -11.72 27.06
C SER C 104 15.94 -12.72 27.06
N ALA C 114 12.00 -18.31 36.40
CA ALA C 114 12.12 -17.82 35.04
C ALA C 114 13.15 -16.69 34.95
N GLU C 115 14.08 -16.66 35.91
CA GLU C 115 15.11 -15.64 35.94
C GLU C 115 16.20 -15.95 34.93
N THR C 116 16.49 -14.98 34.07
CA THR C 116 17.48 -15.14 33.02
C THR C 116 18.83 -14.57 33.50
N TRP C 117 19.78 -14.43 32.58
CA TRP C 117 21.10 -13.94 32.93
C TRP C 117 21.12 -12.42 33.07
N SER C 118 21.93 -11.94 34.00
CA SER C 118 22.15 -10.52 34.23
C SER C 118 23.56 -10.34 34.76
N PRO C 119 24.15 -9.14 34.60
CA PRO C 119 25.51 -8.93 35.10
C PRO C 119 25.65 -9.05 36.62
N VAL C 120 24.54 -9.12 37.35
CA VAL C 120 24.61 -9.34 38.79
C VAL C 120 24.81 -10.81 39.15
N GLN C 121 24.62 -11.72 38.20
CA GLN C 121 24.83 -13.13 38.45
C GLN C 121 26.33 -13.43 38.54
N THR C 122 26.65 -14.45 39.33
CA THR C 122 28.03 -14.87 39.57
C THR C 122 28.17 -16.34 39.20
N VAL C 123 29.42 -16.82 39.26
CA VAL C 123 29.67 -18.24 39.05
C VAL C 123 29.00 -19.05 40.15
N GLU C 124 29.00 -18.52 41.38
CA GLU C 124 28.34 -19.20 42.49
C GLU C 124 26.86 -19.39 42.21
N SER C 125 26.17 -18.32 41.80
CA SER C 125 24.73 -18.42 41.59
C SER C 125 24.38 -19.35 40.44
N VAL C 126 25.21 -19.38 39.39
CA VAL C 126 24.97 -20.31 38.30
C VAL C 126 25.10 -21.76 38.78
N LEU C 127 26.18 -22.05 39.52
CA LEU C 127 26.38 -23.41 40.03
C LEU C 127 25.29 -23.79 41.02
N ILE C 128 24.83 -22.84 41.84
CA ILE C 128 23.74 -23.13 42.76
C ILE C 128 22.47 -23.44 41.99
N SER C 129 22.19 -22.67 40.93
CA SER C 129 21.02 -22.95 40.11
C SER C 129 21.11 -24.28 39.40
N ILE C 130 22.32 -24.79 39.18
CA ILE C 130 22.51 -26.07 38.49
C ILE C 130 22.24 -27.25 39.43
N VAL C 131 22.74 -27.17 40.67
CA VAL C 131 22.49 -28.26 41.61
C VAL C 131 21.01 -28.29 41.99
N SER C 132 20.33 -27.15 41.95
CA SER C 132 18.90 -27.13 42.21
C SER C 132 18.13 -27.79 41.07
N LEU C 133 18.51 -27.48 39.83
CA LEU C 133 17.90 -28.14 38.68
C LEU C 133 18.21 -29.62 38.67
N LEU C 134 19.35 -30.02 39.24
CA LEU C 134 19.71 -31.44 39.32
C LEU C 134 18.77 -32.18 40.27
N GLU C 135 18.45 -31.58 41.42
CA GLU C 135 17.52 -32.22 42.34
C GLU C 135 16.08 -32.07 41.87
N ASP C 136 15.75 -30.95 41.24
CA ASP C 136 14.38 -30.65 40.79
C ASP C 136 14.41 -30.32 39.31
N PRO C 137 14.36 -31.33 38.44
CA PRO C 137 14.41 -31.07 37.00
C PRO C 137 13.20 -30.32 36.52
N ASN C 138 13.39 -29.54 35.45
CA ASN C 138 12.31 -28.76 34.85
C ASN C 138 11.67 -29.61 33.76
N ILE C 139 10.51 -30.20 34.08
CA ILE C 139 9.83 -31.07 33.13
C ILE C 139 9.07 -30.29 32.06
N ASN C 140 8.77 -29.02 32.29
CA ASN C 140 8.08 -28.21 31.29
C ASN C 140 8.99 -27.79 30.15
N SER C 141 10.31 -27.82 30.36
CA SER C 141 11.29 -27.53 29.31
C SER C 141 12.30 -28.66 29.27
N PRO C 142 11.88 -29.86 28.85
CA PRO C 142 12.79 -31.02 28.88
C PRO C 142 13.76 -30.97 27.71
N ALA C 143 15.04 -31.19 28.00
CA ALA C 143 16.04 -31.24 26.94
C ALA C 143 15.75 -32.43 26.04
N ASN C 144 15.90 -33.64 26.57
CA ASN C 144 15.65 -34.81 25.77
C ASN C 144 15.44 -36.01 26.68
N VAL C 145 14.57 -36.90 26.24
CA VAL C 145 14.37 -38.22 26.82
C VAL C 145 15.69 -39.00 26.67
N ASP C 146 15.88 -40.14 27.33
CA ASP C 146 14.85 -40.89 28.05
C ASP C 146 14.67 -40.45 29.49
N ALA C 147 15.50 -39.50 29.92
CA ALA C 147 15.44 -39.07 31.31
C ALA C 147 14.13 -38.36 31.61
N ALA C 148 13.60 -37.59 30.65
CA ALA C 148 12.37 -36.85 30.89
C ALA C 148 11.16 -37.78 30.92
N VAL C 149 11.11 -38.74 30.01
CA VAL C 149 9.97 -39.66 29.99
C VAL C 149 10.03 -40.62 31.16
N ASP C 150 11.23 -41.11 31.51
CA ASP C 150 11.36 -41.98 32.66
C ASP C 150 11.08 -41.25 33.97
N TYR C 151 11.23 -39.93 34.00
CA TYR C 151 10.96 -39.18 35.22
C TYR C 151 9.49 -39.20 35.59
N ARG C 152 8.61 -39.32 34.59
CA ARG C 152 7.18 -39.28 34.83
C ARG C 152 6.53 -40.65 34.73
N LYS C 153 6.91 -41.45 33.74
CA LYS C 153 6.28 -42.75 33.51
C LYS C 153 6.88 -43.86 34.37
N ASN C 154 8.21 -43.98 34.38
CA ASN C 154 8.90 -45.10 35.02
C ASN C 154 9.86 -44.55 36.09
N PRO C 155 9.33 -44.17 37.26
CA PRO C 155 10.20 -43.58 38.29
C PRO C 155 11.30 -44.51 38.76
N GLU C 156 11.03 -45.82 38.85
CA GLU C 156 12.06 -46.75 39.30
C GLU C 156 13.19 -46.87 38.27
N GLN C 157 12.84 -46.86 36.98
CA GLN C 157 13.88 -46.83 35.95
C GLN C 157 14.69 -45.54 36.03
N TYR C 158 14.06 -44.44 36.44
CA TYR C 158 14.78 -43.18 36.55
C TYR C 158 15.84 -43.25 37.65
N LYS C 159 15.46 -43.72 38.83
CA LYS C 159 16.42 -43.82 39.93
C LYS C 159 17.55 -44.78 39.58
N GLN C 160 17.23 -45.94 38.99
CA GLN C 160 18.27 -46.88 38.59
C GLN C 160 19.22 -46.26 37.58
N ARG C 161 18.72 -45.36 36.71
CA ARG C 161 19.58 -44.68 35.77
C ARG C 161 20.38 -43.57 36.45
N VAL C 162 19.83 -42.93 37.47
CA VAL C 162 20.55 -41.90 38.21
C VAL C 162 21.60 -42.52 39.12
N LYS C 163 21.24 -43.57 39.85
CA LYS C 163 22.20 -44.26 40.72
C LYS C 163 23.35 -44.84 39.90
N MET C 164 23.05 -45.38 38.72
CA MET C 164 24.12 -45.89 37.87
C MET C 164 24.99 -44.77 37.33
N GLU C 165 24.45 -43.55 37.26
CA GLU C 165 25.24 -42.40 36.84
C GLU C 165 26.06 -41.82 37.99
N VAL C 166 25.59 -41.98 39.23
CA VAL C 166 26.34 -41.50 40.37
C VAL C 166 27.61 -42.33 40.56
N GLU C 167 27.48 -43.66 40.52
CA GLU C 167 28.64 -44.54 40.68
C GLU C 167 29.60 -44.39 39.51
N ARG C 168 29.09 -44.11 38.31
CA ARG C 168 29.96 -43.90 37.16
C ARG C 168 30.75 -42.60 37.29
N SER C 169 30.24 -41.63 38.05
CA SER C 169 30.94 -40.37 38.23
C SER C 169 31.98 -40.43 39.35
N LYS C 170 31.92 -41.45 40.21
CA LYS C 170 32.88 -41.57 41.29
C LYS C 170 34.27 -41.92 40.78
N GLN C 171 34.39 -42.46 39.57
CA GLN C 171 35.71 -42.74 39.01
C GLN C 171 36.47 -41.47 38.65
N ASP C 172 35.77 -40.34 38.49
CA ASP C 172 36.39 -39.08 38.15
C ASP C 172 36.82 -38.26 39.37
N ILE C 173 36.68 -38.82 40.56
CA ILE C 173 37.12 -38.09 41.77
C ILE C 173 38.64 -37.96 41.76
N PRO C 174 39.18 -36.76 41.94
CA PRO C 174 40.65 -36.61 41.91
C PRO C 174 41.31 -37.38 43.04
N LYS C 175 42.58 -37.73 42.81
CA LYS C 175 43.34 -38.47 43.81
C LYS C 175 43.60 -37.62 45.03
N GLY C 176 43.41 -38.20 46.21
CA GLY C 176 43.61 -37.50 47.46
C GLY C 176 42.54 -36.51 47.83
N PHE C 177 41.43 -36.48 47.10
CA PHE C 177 40.34 -35.55 47.38
C PHE C 177 39.35 -36.19 48.36
N ILE C 178 38.99 -35.43 49.39
CA ILE C 178 38.06 -35.90 50.42
C ILE C 178 36.67 -35.39 50.08
N MET C 179 35.74 -36.31 49.89
CA MET C 179 34.36 -35.92 49.63
C MET C 179 33.78 -35.25 50.87
N PRO C 180 33.16 -34.08 50.74
CA PRO C 180 32.61 -33.40 51.91
C PRO C 180 31.46 -34.18 52.52
N THR C 181 31.24 -33.96 53.81
CA THR C 181 30.24 -34.71 54.55
C THR C 181 28.84 -34.36 54.05
N SER C 182 27.92 -35.30 54.27
CA SER C 182 26.54 -35.12 53.84
C SER C 182 25.85 -34.06 54.69
N GLU C 183 24.83 -33.44 54.11
CA GLU C 183 24.09 -32.38 54.80
C GLU C 183 22.71 -32.87 55.23
N ALA D 4 8.44 1.69 -17.99
CA ALA D 4 8.51 1.59 -16.52
C ALA D 4 7.74 2.74 -15.87
N GLY D 5 6.66 2.42 -15.16
CA GLY D 5 5.87 3.43 -14.49
C GLY D 5 4.95 4.22 -15.40
N GLU D 6 4.93 3.93 -16.70
CA GLU D 6 4.11 4.65 -17.65
C GLU D 6 2.89 3.82 -18.02
N ILE D 7 1.74 4.48 -18.10
CA ILE D 7 0.47 3.85 -18.44
C ILE D 7 -0.14 4.65 -19.58
N ASP D 8 -0.43 3.98 -20.68
CA ASP D 8 -1.03 4.64 -21.84
C ASP D 8 -2.47 5.02 -21.51
N GLU D 9 -2.69 6.29 -21.19
CA GLU D 9 -4.02 6.76 -20.78
C GLU D 9 -5.01 6.72 -21.94
N SER D 10 -4.56 7.03 -23.16
CA SER D 10 -5.46 7.02 -24.30
C SER D 10 -5.99 5.62 -24.60
N LEU D 11 -5.32 4.57 -24.16
CA LEU D 11 -5.81 3.20 -24.36
C LEU D 11 -6.59 2.69 -23.15
N TYR D 12 -6.04 2.89 -21.95
CA TYR D 12 -6.57 2.29 -20.73
C TYR D 12 -7.53 3.20 -19.99
N SER D 13 -7.94 4.32 -20.60
CA SER D 13 -8.74 5.35 -19.95
C SER D 13 -9.86 4.76 -19.08
N ARG D 14 -10.77 3.99 -19.70
CA ARG D 14 -11.94 3.54 -18.96
C ARG D 14 -11.59 2.47 -17.94
N GLN D 15 -10.57 1.65 -18.22
CA GLN D 15 -10.14 0.63 -17.27
C GLN D 15 -9.39 1.24 -16.08
N LEU D 16 -8.63 2.32 -16.32
CA LEU D 16 -7.94 2.98 -15.21
C LEU D 16 -8.93 3.49 -14.17
N TYR D 17 -10.12 3.93 -14.60
CA TYR D 17 -11.12 4.36 -13.64
C TYR D 17 -11.64 3.19 -12.80
N VAL D 18 -11.47 1.95 -13.26
CA VAL D 18 -11.87 0.79 -12.49
C VAL D 18 -10.78 0.35 -11.53
N LEU D 19 -9.54 0.26 -12.02
CA LEU D 19 -8.45 -0.37 -11.30
C LEU D 19 -7.55 0.63 -10.60
N GLY D 20 -7.35 1.80 -11.19
CA GLY D 20 -6.42 2.78 -10.69
C GLY D 20 -5.01 2.55 -11.19
N LYS D 21 -4.20 3.60 -11.09
CA LYS D 21 -2.84 3.57 -11.62
C LYS D 21 -1.99 2.52 -10.91
N GLU D 22 -2.05 2.48 -9.58
CA GLU D 22 -1.13 1.63 -8.83
C GLU D 22 -1.37 0.16 -9.13
N ALA D 23 -2.63 -0.25 -9.28
CA ALA D 23 -2.92 -1.63 -9.62
C ALA D 23 -2.40 -1.97 -11.02
N MET D 24 -2.55 -1.06 -11.98
CA MET D 24 -2.05 -1.38 -13.33
C MET D 24 -0.52 -1.41 -13.36
N LEU D 25 0.15 -0.63 -12.50
CA LEU D 25 1.61 -0.73 -12.44
C LEU D 25 2.04 -2.13 -12.00
N LYS D 26 1.42 -2.68 -10.96
CA LYS D 26 1.75 -4.04 -10.54
C LYS D 26 1.40 -5.05 -11.63
N MET D 27 0.24 -4.88 -12.28
CA MET D 27 -0.12 -5.78 -13.37
C MET D 27 0.95 -5.79 -14.45
N GLN D 28 1.52 -4.62 -14.76
CA GLN D 28 2.53 -4.56 -15.82
C GLN D 28 3.87 -5.14 -15.37
N THR D 29 3.98 -5.63 -14.13
CA THR D 29 5.16 -6.38 -13.72
C THR D 29 4.89 -7.87 -13.56
N SER D 30 3.67 -8.33 -13.83
CA SER D 30 3.28 -9.70 -13.57
C SER D 30 3.26 -10.50 -14.87
N ASN D 31 3.91 -11.67 -14.86
CA ASN D 31 3.87 -12.61 -15.98
C ASN D 31 2.85 -13.70 -15.68
N VAL D 32 1.88 -13.88 -16.57
CA VAL D 32 0.78 -14.81 -16.38
C VAL D 32 0.96 -16.00 -17.32
N LEU D 33 0.73 -17.20 -16.79
CA LEU D 33 0.75 -18.43 -17.57
C LEU D 33 -0.64 -19.06 -17.52
N ILE D 34 -1.16 -19.42 -18.68
CA ILE D 34 -2.46 -20.07 -18.79
C ILE D 34 -2.25 -21.45 -19.41
N LEU D 35 -2.67 -22.48 -18.69
CA LEU D 35 -2.58 -23.86 -19.16
C LEU D 35 -3.91 -24.25 -19.80
N GLY D 36 -3.88 -24.52 -21.10
CA GLY D 36 -5.06 -24.95 -21.82
C GLY D 36 -5.73 -23.83 -22.58
N LEU D 37 -5.85 -23.98 -23.90
CA LEU D 37 -6.43 -22.93 -24.72
C LEU D 37 -7.65 -23.40 -25.48
N LYS D 38 -8.54 -24.11 -24.80
CA LYS D 38 -9.89 -24.31 -25.32
C LYS D 38 -10.69 -23.04 -25.03
N GLY D 39 -12.01 -23.10 -25.16
CA GLY D 39 -12.82 -21.89 -25.00
C GLY D 39 -12.55 -21.17 -23.69
N LEU D 40 -12.49 -21.91 -22.58
CA LEU D 40 -12.30 -21.29 -21.28
C LEU D 40 -10.95 -20.57 -21.20
N GLY D 41 -9.89 -21.23 -21.64
CA GLY D 41 -8.57 -20.62 -21.57
C GLY D 41 -8.42 -19.40 -22.45
N VAL D 42 -9.00 -19.42 -23.66
CA VAL D 42 -8.83 -18.27 -24.55
C VAL D 42 -9.65 -17.09 -24.05
N GLU D 43 -10.82 -17.34 -23.45
CA GLU D 43 -11.61 -16.26 -22.87
C GLU D 43 -10.86 -15.60 -21.73
N ILE D 44 -10.24 -16.40 -20.85
CA ILE D 44 -9.40 -15.82 -19.78
C ILE D 44 -8.24 -15.05 -20.39
N ALA D 45 -7.55 -15.65 -21.35
CA ALA D 45 -6.38 -15.02 -21.95
C ALA D 45 -6.75 -13.70 -22.63
N LYS D 46 -7.84 -13.70 -23.40
CA LYS D 46 -8.28 -12.47 -24.06
C LYS D 46 -8.43 -11.33 -23.07
N ASN D 47 -9.12 -11.58 -21.95
CA ASN D 47 -9.40 -10.52 -21.00
C ASN D 47 -8.13 -10.06 -20.29
N VAL D 48 -7.24 -11.00 -19.93
CA VAL D 48 -6.02 -10.62 -19.22
C VAL D 48 -5.06 -9.88 -20.14
N VAL D 49 -4.99 -10.28 -21.42
CA VAL D 49 -4.16 -9.55 -22.36
C VAL D 49 -4.70 -8.14 -22.57
N LEU D 50 -6.01 -8.00 -22.75
CA LEU D 50 -6.61 -6.67 -22.86
C LEU D 50 -6.28 -5.82 -21.63
N ALA D 51 -6.36 -6.41 -20.44
CA ALA D 51 -6.13 -5.64 -19.21
C ALA D 51 -4.72 -5.08 -19.17
N GLY D 52 -3.74 -5.78 -19.74
CA GLY D 52 -2.37 -5.31 -19.81
C GLY D 52 -1.49 -5.80 -18.69
N VAL D 53 -1.06 -7.06 -18.76
CA VAL D 53 -0.07 -7.60 -17.84
C VAL D 53 1.30 -7.51 -18.51
N LYS D 54 2.36 -7.85 -17.76
CA LYS D 54 3.71 -7.73 -18.31
C LYS D 54 3.90 -8.68 -19.49
N SER D 55 3.44 -9.92 -19.37
CA SER D 55 3.45 -10.85 -20.49
C SER D 55 2.39 -11.90 -20.25
N MET D 56 1.96 -12.52 -21.34
CA MET D 56 1.04 -13.65 -21.33
C MET D 56 1.73 -14.83 -21.98
N THR D 57 1.73 -15.97 -21.31
CA THR D 57 2.28 -17.20 -21.86
C THR D 57 1.18 -18.26 -21.88
N VAL D 58 0.99 -18.90 -23.04
CA VAL D 58 -0.04 -19.91 -23.22
C VAL D 58 0.62 -21.25 -23.47
N PHE D 59 -0.04 -22.30 -22.97
CA PHE D 59 0.45 -23.66 -23.12
C PHE D 59 -0.71 -24.57 -23.48
N ASP D 60 -0.66 -25.15 -24.68
CA ASP D 60 -1.63 -26.13 -25.14
C ASP D 60 -1.10 -26.82 -26.38
N PRO D 61 -0.36 -27.93 -26.23
CA PRO D 61 0.19 -28.62 -27.40
C PRO D 61 -0.79 -29.55 -28.10
N GLU D 62 -2.03 -29.64 -27.64
CA GLU D 62 -2.99 -30.54 -28.24
C GLU D 62 -3.44 -30.01 -29.62
N PRO D 63 -3.71 -30.90 -30.56
CA PRO D 63 -4.15 -30.47 -31.89
C PRO D 63 -5.57 -29.93 -31.86
N VAL D 64 -5.83 -28.97 -32.77
CA VAL D 64 -7.17 -28.42 -32.93
C VAL D 64 -8.09 -29.48 -33.54
N GLN D 65 -9.21 -29.74 -32.89
CA GLN D 65 -10.28 -30.56 -33.43
C GLN D 65 -11.51 -29.69 -33.68
N LEU D 66 -12.39 -30.17 -34.57
CA LEU D 66 -13.55 -29.37 -34.96
C LEU D 66 -14.42 -29.02 -33.76
N ALA D 67 -14.58 -29.95 -32.82
CA ALA D 67 -15.42 -29.67 -31.65
C ALA D 67 -14.86 -28.53 -30.80
N ASP D 68 -13.56 -28.25 -30.88
CA ASP D 68 -13.00 -27.17 -30.07
C ASP D 68 -13.59 -25.82 -30.44
N LEU D 69 -14.07 -25.68 -31.68
CA LEU D 69 -14.61 -24.40 -32.12
C LEU D 69 -15.92 -24.03 -31.44
N SER D 70 -16.47 -24.93 -30.62
CA SER D 70 -17.74 -24.65 -29.94
C SER D 70 -17.66 -23.34 -29.17
N THR D 71 -16.57 -23.11 -28.43
CA THR D 71 -16.40 -21.86 -27.69
C THR D 71 -15.07 -21.16 -27.94
N GLN D 72 -14.13 -21.77 -28.65
CA GLN D 72 -12.83 -21.16 -28.89
C GLN D 72 -12.94 -20.26 -30.13
N PHE D 73 -13.18 -18.97 -29.90
CA PHE D 73 -13.50 -18.03 -30.98
C PHE D 73 -12.27 -17.62 -31.79
N PHE D 74 -11.07 -18.02 -31.38
CA PHE D 74 -9.88 -17.75 -32.18
C PHE D 74 -9.47 -18.94 -33.05
N LEU D 75 -10.29 -19.99 -33.10
CA LEU D 75 -10.00 -21.14 -33.94
C LEU D 75 -10.87 -21.13 -35.19
N THR D 76 -10.30 -21.54 -36.31
CA THR D 76 -11.04 -21.74 -37.55
C THR D 76 -10.84 -23.17 -38.03
N GLU D 77 -11.70 -23.59 -38.96
CA GLU D 77 -11.57 -24.93 -39.54
C GLU D 77 -10.25 -25.09 -40.28
N LYS D 78 -9.64 -24.00 -40.74
CA LYS D 78 -8.33 -24.07 -41.38
C LYS D 78 -7.23 -24.49 -40.42
N ASP D 79 -7.47 -24.38 -39.11
CA ASP D 79 -6.44 -24.67 -38.11
C ASP D 79 -6.51 -26.10 -37.60
N ILE D 80 -7.46 -26.92 -38.06
CA ILE D 80 -7.60 -28.27 -37.54
C ILE D 80 -6.34 -29.07 -37.82
N GLY D 81 -5.77 -29.66 -36.76
CA GLY D 81 -4.58 -30.46 -36.84
C GLY D 81 -3.36 -29.81 -36.21
N GLN D 82 -3.34 -28.49 -36.12
CA GLN D 82 -2.22 -27.78 -35.51
C GLN D 82 -2.48 -27.58 -34.02
N LYS D 83 -1.43 -27.18 -33.31
CA LYS D 83 -1.51 -27.04 -31.86
C LYS D 83 -2.33 -25.80 -31.49
N ARG D 84 -3.24 -25.98 -30.54
CA ARG D 84 -4.13 -24.88 -30.15
C ARG D 84 -3.35 -23.67 -29.67
N GLY D 85 -2.28 -23.89 -28.90
CA GLY D 85 -1.51 -22.77 -28.39
C GLY D 85 -0.86 -21.95 -29.49
N ASP D 86 -0.35 -22.62 -30.52
CA ASP D 86 0.35 -21.91 -31.61
C ASP D 86 -0.61 -21.04 -32.40
N VAL D 87 -1.75 -21.61 -32.83
CA VAL D 87 -2.70 -20.85 -33.63
C VAL D 87 -3.38 -19.75 -32.81
N THR D 88 -3.42 -19.87 -31.49
CA THR D 88 -4.06 -18.85 -30.66
C THR D 88 -3.11 -17.71 -30.30
N ARG D 89 -1.79 -17.96 -30.32
CA ARG D 89 -0.84 -16.95 -29.86
C ARG D 89 -0.89 -15.70 -30.73
N ALA D 90 -0.89 -15.88 -32.05
CA ALA D 90 -0.86 -14.74 -32.96
C ALA D 90 -2.09 -13.87 -32.81
N LYS D 91 -3.26 -14.49 -32.63
CA LYS D 91 -4.49 -13.73 -32.49
C LYS D 91 -4.60 -13.06 -31.12
N LEU D 92 -4.00 -13.65 -30.08
CA LEU D 92 -3.97 -12.97 -28.79
C LEU D 92 -3.04 -11.76 -28.81
N ALA D 93 -1.95 -11.85 -29.58
CA ALA D 93 -0.99 -10.76 -29.65
C ALA D 93 -1.59 -9.50 -30.26
N GLU D 94 -2.53 -9.66 -31.20
CA GLU D 94 -3.19 -8.50 -31.81
C GLU D 94 -4.09 -7.75 -30.84
N LEU D 95 -4.39 -8.30 -29.66
CA LEU D 95 -5.31 -7.64 -28.75
C LEU D 95 -4.67 -6.46 -28.01
N ASN D 96 -3.36 -6.51 -27.78
CA ASN D 96 -2.71 -5.46 -26.99
C ASN D 96 -1.23 -5.45 -27.34
N ALA D 97 -0.81 -4.41 -28.07
CA ALA D 97 0.59 -4.34 -28.48
C ALA D 97 1.55 -4.22 -27.31
N TYR D 98 1.08 -3.79 -26.13
CA TYR D 98 1.91 -3.68 -24.96
C TYR D 98 2.14 -5.00 -24.25
N VAL D 99 1.48 -6.07 -24.68
CA VAL D 99 1.56 -7.35 -23.99
C VAL D 99 2.10 -8.41 -24.94
N PRO D 100 3.36 -8.83 -24.80
CA PRO D 100 3.85 -9.93 -25.63
C PRO D 100 3.19 -11.23 -25.22
N VAL D 101 2.82 -12.02 -26.22
CA VAL D 101 2.16 -13.30 -25.99
C VAL D 101 3.12 -14.39 -26.46
N ASN D 102 3.53 -15.25 -25.53
CA ASN D 102 4.47 -16.33 -25.80
C ASN D 102 3.77 -17.68 -25.66
N VAL D 103 4.36 -18.67 -26.33
CA VAL D 103 3.90 -20.06 -26.26
C VAL D 103 4.93 -20.87 -25.50
N LEU D 104 4.48 -21.58 -24.47
CA LEU D 104 5.32 -22.55 -23.78
C LEU D 104 5.25 -23.86 -24.55
N ASP D 105 6.39 -24.29 -25.10
CA ASP D 105 6.40 -25.44 -26.00
C ASP D 105 6.07 -26.73 -25.28
N SER D 106 6.54 -26.89 -24.05
CA SER D 106 6.29 -28.11 -23.30
C SER D 106 6.39 -27.80 -21.81
N LEU D 107 5.66 -28.57 -21.02
CA LEU D 107 5.73 -28.43 -19.57
C LEU D 107 6.19 -29.75 -18.95
N ASP D 108 7.39 -30.18 -19.33
CA ASP D 108 7.90 -31.44 -18.82
C ASP D 108 8.33 -31.34 -17.36
N ASP D 109 8.79 -30.17 -16.93
CA ASP D 109 9.27 -29.97 -15.57
C ASP D 109 8.53 -28.78 -14.95
N VAL D 110 8.02 -28.97 -13.74
CA VAL D 110 7.30 -27.91 -13.05
C VAL D 110 8.20 -26.73 -12.68
N THR D 111 9.52 -26.92 -12.65
CA THR D 111 10.39 -25.81 -12.28
C THR D 111 10.31 -24.66 -13.26
N GLN D 112 9.80 -24.90 -14.47
CA GLN D 112 9.60 -23.79 -15.42
C GLN D 112 8.55 -22.79 -14.92
N LEU D 113 7.67 -23.23 -14.01
CA LEU D 113 6.65 -22.34 -13.47
C LEU D 113 7.23 -21.21 -12.63
N SER D 114 8.48 -21.33 -12.18
CA SER D 114 9.03 -20.35 -11.25
C SER D 114 9.17 -18.97 -11.87
N GLN D 115 9.18 -18.86 -13.20
CA GLN D 115 9.30 -17.57 -13.88
C GLN D 115 7.99 -16.81 -13.98
N PHE D 116 6.88 -17.35 -13.48
CA PHE D 116 5.58 -16.71 -13.59
C PHE D 116 5.06 -16.26 -12.23
N GLN D 117 4.27 -15.19 -12.23
CA GLN D 117 3.64 -14.70 -11.00
C GLN D 117 2.26 -15.30 -10.77
N VAL D 118 1.53 -15.64 -11.83
CA VAL D 118 0.22 -16.27 -11.72
C VAL D 118 0.13 -17.41 -12.72
N VAL D 119 -0.30 -18.58 -12.26
CA VAL D 119 -0.50 -19.76 -13.09
C VAL D 119 -1.98 -20.09 -13.08
N VAL D 120 -2.57 -20.26 -14.26
CA VAL D 120 -3.98 -20.57 -14.42
C VAL D 120 -4.07 -21.92 -15.12
N ALA D 121 -4.74 -22.88 -14.47
CA ALA D 121 -4.94 -24.22 -15.02
C ALA D 121 -6.43 -24.38 -15.37
N THR D 122 -6.71 -24.57 -16.65
CA THR D 122 -8.10 -24.64 -17.10
C THR D 122 -8.55 -26.10 -17.24
N ASP D 123 -9.55 -26.34 -18.10
CA ASP D 123 -10.22 -27.63 -18.14
C ASP D 123 -9.37 -28.73 -18.78
N THR D 124 -8.26 -28.38 -19.43
CA THR D 124 -7.42 -29.39 -20.06
C THR D 124 -6.45 -30.06 -19.09
N VAL D 125 -6.27 -29.52 -17.91
CA VAL D 125 -5.30 -30.04 -16.95
C VAL D 125 -6.02 -31.03 -16.02
N SER D 126 -5.46 -32.24 -15.90
CA SER D 126 -6.02 -33.24 -15.00
C SER D 126 -5.91 -32.79 -13.55
N LEU D 127 -6.82 -33.31 -12.72
CA LEU D 127 -6.81 -32.96 -11.31
C LEU D 127 -5.51 -33.37 -10.64
N GLU D 128 -4.95 -34.52 -11.05
CA GLU D 128 -3.65 -34.92 -10.51
C GLU D 128 -2.57 -33.88 -10.83
N ASP D 129 -2.57 -33.35 -12.05
CA ASP D 129 -1.60 -32.31 -12.39
C ASP D 129 -1.91 -31.00 -11.68
N LYS D 130 -3.20 -30.68 -11.50
CA LYS D 130 -3.54 -29.45 -10.79
C LYS D 130 -3.06 -29.49 -9.34
N VAL D 131 -3.12 -30.65 -8.71
CA VAL D 131 -2.64 -30.75 -7.33
C VAL D 131 -1.12 -30.58 -7.28
N LYS D 132 -0.41 -31.22 -8.22
CA LYS D 132 1.04 -31.09 -8.26
C LYS D 132 1.47 -29.66 -8.58
N ILE D 133 0.83 -29.04 -9.57
CA ILE D 133 1.18 -27.68 -9.95
C ILE D 133 0.84 -26.70 -8.82
N ASN D 134 -0.33 -26.85 -8.20
CA ASN D 134 -0.68 -25.98 -7.09
C ASN D 134 0.26 -26.17 -5.91
N GLU D 135 0.65 -27.40 -5.61
CA GLU D 135 1.60 -27.62 -4.53
C GLU D 135 2.92 -26.91 -4.83
N PHE D 136 3.40 -27.00 -6.07
CA PHE D 136 4.64 -26.31 -6.42
C PHE D 136 4.47 -24.80 -6.31
N CYS D 137 3.35 -24.26 -6.80
CA CYS D 137 3.11 -22.82 -6.74
C CYS D 137 2.96 -22.35 -5.30
N HIS D 138 2.14 -23.06 -4.52
CA HIS D 138 1.90 -22.65 -3.14
C HIS D 138 3.18 -22.60 -2.34
N SER D 139 3.99 -23.66 -2.43
CA SER D 139 5.23 -23.73 -1.66
C SER D 139 6.30 -22.78 -2.19
N SER D 140 6.15 -22.26 -3.42
CA SER D 140 7.10 -21.36 -4.03
C SER D 140 6.67 -19.90 -4.02
N GLY D 141 5.45 -19.60 -3.59
CA GLY D 141 4.98 -18.22 -3.60
C GLY D 141 4.40 -17.75 -4.92
N ILE D 142 3.94 -18.68 -5.77
CA ILE D 142 3.34 -18.35 -7.06
C ILE D 142 1.82 -18.48 -6.92
N ARG D 143 1.10 -17.45 -7.33
CA ARG D 143 -0.36 -17.48 -7.23
C ARG D 143 -0.93 -18.51 -8.21
N PHE D 144 -1.94 -19.25 -7.76
CA PHE D 144 -2.53 -20.32 -8.55
C PHE D 144 -4.04 -20.12 -8.64
N ILE D 145 -4.57 -20.25 -9.84
CA ILE D 145 -6.01 -20.19 -10.07
C ILE D 145 -6.39 -21.33 -11.00
N SER D 146 -7.50 -22.00 -10.70
CA SER D 146 -7.98 -23.11 -11.49
C SER D 146 -9.41 -22.88 -11.91
N SER D 147 -9.79 -23.42 -13.06
CA SER D 147 -11.16 -23.29 -13.52
C SER D 147 -11.47 -24.40 -14.50
N GLU D 148 -12.75 -24.78 -14.54
CA GLU D 148 -13.22 -25.75 -15.51
C GLU D 148 -14.72 -25.58 -15.69
N THR D 149 -15.18 -25.79 -16.91
CA THR D 149 -16.59 -25.76 -17.24
C THR D 149 -16.96 -27.08 -17.88
N ARG D 150 -18.12 -27.60 -17.50
CA ARG D 150 -18.65 -28.85 -18.05
C ARG D 150 -20.12 -28.59 -18.37
N GLY D 151 -20.44 -28.47 -19.66
CA GLY D 151 -21.81 -28.16 -20.04
C GLY D 151 -22.29 -26.90 -19.33
N LEU D 152 -23.45 -27.00 -18.71
CA LEU D 152 -24.06 -25.90 -17.96
C LEU D 152 -23.50 -25.77 -16.55
N PHE D 153 -22.40 -26.45 -16.22
CA PHE D 153 -21.77 -26.39 -14.92
C PHE D 153 -20.38 -25.78 -15.03
N GLY D 154 -19.90 -25.19 -13.94
CA GLY D 154 -18.55 -24.68 -13.91
C GLY D 154 -18.06 -24.46 -12.50
N ASN D 155 -16.75 -24.34 -12.36
CA ASN D 155 -16.20 -23.96 -11.07
C ASN D 155 -14.93 -23.15 -11.28
N THR D 156 -14.49 -22.50 -10.21
CA THR D 156 -13.17 -21.88 -10.17
C THR D 156 -12.60 -22.08 -8.78
N PHE D 157 -11.27 -22.17 -8.72
CA PHE D 157 -10.55 -22.30 -7.46
C PHE D 157 -9.42 -21.28 -7.44
N VAL D 158 -9.21 -20.65 -6.28
CA VAL D 158 -8.21 -19.59 -6.12
C VAL D 158 -7.34 -19.92 -4.91
N ASP D 159 -6.02 -19.91 -5.09
CA ASP D 159 -5.04 -20.12 -4.02
C ASP D 159 -3.91 -19.12 -4.22
N LEU D 160 -3.95 -18.01 -3.48
CA LEU D 160 -2.95 -16.96 -3.61
C LEU D 160 -1.82 -17.09 -2.60
N GLY D 161 -1.66 -18.27 -1.99
CA GLY D 161 -0.53 -18.53 -1.13
C GLY D 161 -0.77 -18.22 0.33
N ASP D 162 0.31 -18.38 1.10
CA ASP D 162 0.24 -18.20 2.55
C ASP D 162 -0.02 -16.76 2.94
N GLU D 163 0.53 -15.81 2.18
CA GLU D 163 0.44 -14.39 2.51
C GLU D 163 0.05 -13.61 1.27
N PHE D 164 -1.12 -12.99 1.30
CA PHE D 164 -1.56 -12.10 0.24
C PHE D 164 -2.17 -10.87 0.88
N THR D 165 -1.85 -9.69 0.37
CA THR D 165 -2.35 -8.45 0.95
C THR D 165 -3.36 -7.80 0.01
N VAL D 166 -4.58 -7.58 0.50
CA VAL D 166 -5.59 -6.81 -0.21
C VAL D 166 -5.43 -5.34 0.18
N LEU D 167 -5.16 -4.49 -0.80
CA LEU D 167 -4.94 -3.06 -0.56
C LEU D 167 -6.20 -2.23 -0.69
N ASP D 168 -7.16 -2.68 -1.48
CA ASP D 168 -8.43 -1.98 -1.63
C ASP D 168 -9.52 -3.01 -1.89
N PRO D 169 -10.43 -3.22 -0.94
CA PRO D 169 -11.35 -4.36 -1.06
C PRO D 169 -12.43 -4.17 -2.12
N THR D 170 -12.84 -2.94 -2.40
CA THR D 170 -14.03 -2.71 -3.22
C THR D 170 -13.79 -1.81 -4.41
N GLY D 171 -12.77 -0.94 -4.36
CA GLY D 171 -12.57 0.02 -5.42
C GLY D 171 -13.53 1.18 -5.43
N GLU D 172 -14.40 1.29 -4.43
CA GLU D 172 -15.38 2.36 -4.39
C GLU D 172 -14.75 3.65 -3.85
N GLU D 173 -15.40 4.76 -4.16
CA GLU D 173 -14.93 6.07 -3.73
C GLU D 173 -15.01 6.17 -2.21
N PRO D 174 -13.94 6.61 -1.54
CA PRO D 174 -14.01 6.78 -0.08
C PRO D 174 -15.12 7.75 0.31
N ARG D 175 -15.89 7.36 1.34
CA ARG D 175 -16.94 8.22 1.85
C ARG D 175 -16.34 9.41 2.59
N THR D 176 -16.96 10.58 2.42
CA THR D 176 -16.59 11.80 3.12
C THR D 176 -17.84 12.46 3.70
N GLY D 177 -17.63 13.39 4.62
CA GLY D 177 -18.73 14.14 5.18
C GLY D 177 -18.23 15.22 6.09
N MET D 178 -19.08 16.23 6.27
CA MET D 178 -18.75 17.38 7.10
C MET D 178 -19.24 17.18 8.52
N VAL D 179 -18.47 17.66 9.48
CA VAL D 179 -18.71 17.45 10.90
C VAL D 179 -19.17 18.76 11.52
N SER D 180 -20.13 18.67 12.44
CA SER D 180 -20.60 19.84 13.17
C SER D 180 -20.23 19.81 14.64
N ASP D 181 -19.76 18.69 15.17
CA ASP D 181 -19.38 18.58 16.58
C ASP D 181 -18.64 17.27 16.79
N ILE D 182 -17.60 17.31 17.63
CA ILE D 182 -16.91 16.13 18.11
C ILE D 182 -16.84 16.24 19.62
N GLU D 183 -17.71 15.53 20.33
CA GLU D 183 -17.72 15.56 21.77
C GLU D 183 -16.44 14.96 22.34
N PRO D 184 -16.06 15.31 23.57
CA PRO D 184 -14.81 14.81 24.14
C PRO D 184 -14.73 13.29 24.23
N ASP D 185 -15.86 12.58 24.22
CA ASP D 185 -15.85 11.13 24.23
C ASP D 185 -15.69 10.53 22.83
N GLY D 186 -15.55 11.36 21.80
CA GLY D 186 -15.39 10.90 20.44
C GLY D 186 -16.65 10.80 19.64
N THR D 187 -17.79 11.22 20.18
CA THR D 187 -19.03 11.23 19.43
C THR D 187 -18.97 12.28 18.35
N VAL D 188 -19.07 11.84 17.09
CA VAL D 188 -18.98 12.72 15.94
C VAL D 188 -20.37 12.94 15.40
N THR D 189 -20.84 14.19 15.44
CA THR D 189 -22.12 14.56 14.88
C THR D 189 -21.92 15.16 13.49
N MET D 190 -22.75 14.74 12.55
CA MET D 190 -22.67 15.26 11.19
C MET D 190 -23.31 16.64 11.10
N LEU D 191 -22.93 17.37 10.05
CA LEU D 191 -23.51 18.68 9.79
C LEU D 191 -24.96 18.54 9.36
N ASP D 192 -25.85 19.27 10.03
CA ASP D 192 -27.30 19.25 9.77
C ASP D 192 -27.79 17.82 10.00
N ASP D 193 -28.58 17.25 9.10
CA ASP D 193 -29.06 15.87 9.22
C ASP D 193 -28.39 14.98 8.17
N ASN D 194 -27.12 15.22 7.89
CA ASN D 194 -26.41 14.42 6.91
C ASN D 194 -26.10 13.04 7.48
N ARG D 195 -26.03 12.07 6.58
CA ARG D 195 -25.70 10.69 6.92
C ARG D 195 -24.22 10.47 6.69
N HIS D 196 -23.54 9.89 7.69
CA HIS D 196 -22.12 9.61 7.51
C HIS D 196 -21.90 8.46 6.53
N GLY D 197 -22.85 7.53 6.44
CA GLY D 197 -22.71 6.44 5.49
C GLY D 197 -21.65 5.43 5.82
N LEU D 198 -21.25 5.33 7.10
CA LEU D 198 -20.19 4.44 7.53
C LEU D 198 -20.76 3.21 8.23
N GLU D 199 -19.97 2.15 8.29
CA GLU D 199 -20.33 0.98 9.06
C GLU D 199 -19.28 0.74 10.15
N ASP D 200 -19.64 -0.11 11.11
CA ASP D 200 -18.75 -0.41 12.22
C ASP D 200 -17.46 -1.05 11.71
N GLY D 201 -16.33 -0.58 12.24
CA GLY D 201 -15.04 -1.10 11.85
C GLY D 201 -14.36 -0.34 10.72
N ASN D 202 -15.08 0.54 10.04
CA ASN D 202 -14.42 1.44 9.10
C ASN D 202 -13.42 2.32 9.84
N PHE D 203 -12.47 2.84 9.08
CA PHE D 203 -11.49 3.79 9.58
C PHE D 203 -11.65 5.11 8.83
N VAL D 204 -11.48 6.22 9.54
CA VAL D 204 -11.55 7.53 8.95
C VAL D 204 -10.37 8.36 9.42
N ARG D 205 -9.99 9.32 8.59
CA ARG D 205 -9.10 10.41 8.98
C ARG D 205 -9.89 11.72 8.99
N PHE D 206 -9.28 12.79 9.50
CA PHE D 206 -9.96 14.06 9.66
C PHE D 206 -9.12 15.20 9.09
N SER D 207 -9.82 16.25 8.65
CA SER D 207 -9.19 17.47 8.17
C SER D 207 -10.04 18.66 8.60
N GLU D 208 -9.39 19.80 8.80
CA GLU D 208 -10.06 21.06 9.11
C GLU D 208 -10.82 21.04 10.42
N VAL D 209 -10.49 20.12 11.34
CA VAL D 209 -11.18 20.06 12.63
C VAL D 209 -10.48 21.05 13.56
N GLU D 210 -11.08 22.23 13.72
CA GLU D 210 -10.45 23.27 14.52
C GLU D 210 -10.65 22.98 16.00
N GLY D 211 -9.56 23.05 16.76
CA GLY D 211 -9.57 22.80 18.18
C GLY D 211 -8.94 21.48 18.59
N LEU D 212 -8.83 20.53 17.67
CA LEU D 212 -8.27 19.22 17.98
C LEU D 212 -6.90 18.98 17.34
N ASP D 213 -6.43 19.88 16.47
CA ASP D 213 -5.06 19.91 15.98
C ASP D 213 -4.59 18.57 15.42
N LYS D 214 -3.91 17.76 16.25
CA LYS D 214 -3.30 16.52 15.78
C LYS D 214 -4.33 15.49 15.31
N LEU D 215 -5.62 15.72 15.59
CA LEU D 215 -6.65 14.87 15.02
C LEU D 215 -6.64 14.91 13.49
N ASN D 216 -6.10 15.97 12.91
CA ASN D 216 -6.08 16.18 11.47
C ASN D 216 -4.78 15.71 10.81
N ASP D 217 -3.89 15.05 11.56
CA ASP D 217 -2.58 14.72 11.01
C ASP D 217 -2.58 13.44 10.18
N GLY D 218 -3.73 12.85 9.92
CA GLY D 218 -3.82 11.63 9.14
C GLY D 218 -3.94 10.36 9.95
N THR D 219 -3.81 10.47 11.28
CA THR D 219 -4.15 9.37 12.17
C THR D 219 -5.52 8.80 11.78
N LEU D 220 -5.62 7.48 11.82
CA LEU D 220 -6.88 6.81 11.52
C LEU D 220 -7.63 6.53 12.81
N PHE D 221 -8.95 6.65 12.75
CA PHE D 221 -9.82 6.39 13.88
C PHE D 221 -10.83 5.32 13.48
N LYS D 222 -11.08 4.38 14.38
CA LYS D 222 -12.02 3.30 14.11
C LYS D 222 -13.43 3.76 14.41
N VAL D 223 -14.35 3.43 13.51
CA VAL D 223 -15.72 3.96 13.55
C VAL D 223 -16.60 3.02 14.37
N GLU D 224 -17.24 3.57 15.39
CA GLU D 224 -18.34 2.91 16.09
C GLU D 224 -19.61 3.68 15.72
N VAL D 225 -20.48 3.04 14.96
CA VAL D 225 -21.69 3.69 14.46
C VAL D 225 -22.73 3.74 15.58
N LEU D 226 -23.14 4.95 15.96
CA LEU D 226 -24.23 5.11 16.92
C LEU D 226 -25.58 5.08 16.22
N GLY D 227 -25.80 6.02 15.31
CA GLY D 227 -26.95 5.99 14.44
C GLY D 227 -26.55 6.34 13.03
N PRO D 228 -27.53 6.59 12.17
CA PRO D 228 -27.22 7.01 10.80
C PRO D 228 -26.65 8.42 10.70
N PHE D 229 -26.70 9.22 11.76
CA PHE D 229 -26.24 10.60 11.73
C PHE D 229 -25.12 10.87 12.72
N ALA D 230 -24.57 9.84 13.36
CA ALA D 230 -23.52 10.04 14.34
C ALA D 230 -22.72 8.76 14.49
N PHE D 231 -21.43 8.92 14.78
CA PHE D 231 -20.57 7.78 15.07
C PHE D 231 -19.54 8.21 16.10
N ARG D 232 -18.81 7.22 16.63
CA ARG D 232 -17.87 7.44 17.71
C ARG D 232 -16.49 6.92 17.33
N ILE D 233 -15.45 7.68 17.69
CA ILE D 233 -14.08 7.40 17.33
C ILE D 233 -13.19 7.20 18.56
N GLY D 234 -13.78 7.16 19.75
CA GLY D 234 -13.00 7.04 20.96
C GLY D 234 -12.61 8.39 21.54
N SER D 235 -12.09 8.35 22.77
CA SER D 235 -11.81 9.57 23.50
C SER D 235 -10.86 10.48 22.72
N VAL D 236 -11.25 11.74 22.59
CA VAL D 236 -10.41 12.75 21.93
C VAL D 236 -10.00 13.85 22.90
N LYS D 237 -10.14 13.60 24.20
CA LYS D 237 -9.83 14.65 25.19
C LYS D 237 -8.38 15.09 25.08
N GLU D 238 -7.46 14.14 24.86
CA GLU D 238 -6.04 14.46 24.77
C GLU D 238 -5.72 15.34 23.56
N TYR D 239 -6.58 15.36 22.55
CA TYR D 239 -6.32 16.20 21.38
C TYR D 239 -6.69 17.66 21.63
N GLY D 240 -7.67 17.91 22.49
CA GLY D 240 -8.11 19.28 22.76
C GLY D 240 -9.61 19.39 22.94
N GLU D 241 -10.17 20.53 22.52
CA GLU D 241 -11.61 20.76 22.57
C GLU D 241 -12.08 21.23 21.20
N TYR D 242 -13.13 20.60 20.69
CA TYR D 242 -13.67 20.96 19.39
C TYR D 242 -14.14 22.40 19.35
N LYS D 243 -13.89 23.08 18.24
CA LYS D 243 -14.38 24.45 18.03
C LYS D 243 -15.36 24.50 16.86
N LYS D 244 -14.92 24.24 15.63
CA LYS D 244 -15.81 24.27 14.48
C LYS D 244 -15.13 23.55 13.31
N GLY D 245 -15.90 23.39 12.23
CA GLY D 245 -15.38 22.81 11.00
C GLY D 245 -15.11 21.33 11.12
N GLY D 246 -14.56 20.77 10.05
CA GLY D 246 -14.18 19.38 10.06
C GLY D 246 -14.75 18.55 8.93
N ILE D 247 -13.91 17.72 8.34
CA ILE D 247 -14.29 16.79 7.28
C ILE D 247 -13.67 15.45 7.61
N PHE D 248 -14.49 14.40 7.64
CA PHE D 248 -13.95 13.05 7.76
C PHE D 248 -13.81 12.44 6.37
N THR D 249 -12.82 11.56 6.23
CA THR D 249 -12.61 10.81 5.00
C THR D 249 -12.36 9.35 5.37
N GLU D 250 -13.18 8.45 4.83
CA GLU D 250 -12.92 7.03 4.99
C GLU D 250 -11.60 6.64 4.34
N VAL D 251 -10.86 5.75 5.02
CA VAL D 251 -9.57 5.27 4.54
C VAL D 251 -9.61 3.74 4.52
N LYS D 252 -9.18 3.17 3.40
CA LYS D 252 -9.08 1.72 3.28
C LYS D 252 -7.73 1.25 3.79
N VAL D 253 -7.76 0.29 4.72
CA VAL D 253 -6.53 -0.25 5.29
C VAL D 253 -6.21 -1.59 4.63
N PRO D 254 -4.94 -1.98 4.56
CA PRO D 254 -4.60 -3.28 3.96
C PRO D 254 -5.06 -4.44 4.82
N ARG D 255 -5.42 -5.54 4.17
CA ARG D 255 -5.84 -6.74 4.87
C ARG D 255 -5.05 -7.93 4.35
N LYS D 256 -4.31 -8.57 5.25
CA LYS D 256 -3.54 -9.75 4.90
C LYS D 256 -4.42 -10.98 5.05
N ILE D 257 -4.48 -11.80 4.00
CA ILE D 257 -5.31 -13.00 4.01
C ILE D 257 -4.45 -14.20 3.63
N SER D 258 -4.94 -15.39 4.00
CA SER D 258 -4.20 -16.62 3.82
C SER D 258 -5.05 -17.64 3.07
N PHE D 259 -4.41 -18.40 2.18
CA PHE D 259 -5.08 -19.37 1.33
C PHE D 259 -4.57 -20.77 1.62
N LYS D 260 -5.46 -21.75 1.50
CA LYS D 260 -5.10 -23.14 1.61
C LYS D 260 -4.82 -23.74 0.23
N SER D 261 -4.02 -24.79 0.21
CA SER D 261 -3.66 -25.44 -1.04
C SER D 261 -4.86 -26.18 -1.62
N LEU D 262 -4.76 -26.48 -2.92
CA LEU D 262 -5.83 -27.21 -3.58
C LEU D 262 -6.11 -28.53 -2.87
N LYS D 263 -5.05 -29.30 -2.57
CA LYS D 263 -5.18 -30.57 -1.88
C LYS D 263 -5.99 -30.41 -0.58
N GLN D 264 -5.61 -29.46 0.27
CA GLN D 264 -6.36 -29.24 1.50
C GLN D 264 -7.80 -28.86 1.20
N GLN D 265 -8.01 -28.03 0.19
CA GLN D 265 -9.35 -27.53 -0.11
C GLN D 265 -10.22 -28.60 -0.76
N LEU D 266 -9.65 -29.66 -1.33
CA LEU D 266 -10.48 -30.72 -1.86
C LEU D 266 -11.30 -31.39 -0.75
N SER D 267 -10.68 -31.64 0.41
CA SER D 267 -11.36 -32.29 1.53
C SER D 267 -12.11 -31.33 2.43
N ASN D 268 -11.68 -30.06 2.51
CA ASN D 268 -12.32 -29.05 3.34
C ASN D 268 -12.41 -27.75 2.57
N PRO D 269 -13.28 -27.69 1.57
CA PRO D 269 -13.38 -26.48 0.74
C PRO D 269 -14.04 -25.32 1.47
N GLU D 270 -13.58 -24.12 1.14
CA GLU D 270 -14.24 -22.88 1.56
C GLU D 270 -15.00 -22.33 0.35
N PHE D 271 -16.33 -22.36 0.43
CA PHE D 271 -17.20 -22.04 -0.68
C PHE D 271 -17.54 -20.55 -0.72
N VAL D 272 -17.55 -19.99 -1.92
CA VAL D 272 -18.25 -18.74 -2.22
C VAL D 272 -19.34 -19.11 -3.20
N PHE D 273 -20.58 -18.79 -2.86
CA PHE D 273 -21.70 -19.23 -3.68
C PHE D 273 -21.93 -18.28 -4.85
N SER D 274 -22.19 -18.85 -6.02
CA SER D 274 -22.59 -18.04 -7.17
C SER D 274 -24.09 -17.76 -7.18
N ASP D 275 -24.86 -18.48 -6.37
CA ASP D 275 -26.31 -18.29 -6.32
C ASP D 275 -26.78 -18.84 -4.99
N PHE D 276 -27.09 -17.96 -4.03
CA PHE D 276 -27.44 -18.41 -2.69
C PHE D 276 -28.64 -19.33 -2.70
N ALA D 277 -29.56 -19.17 -3.65
CA ALA D 277 -30.70 -20.07 -3.80
C ALA D 277 -30.27 -21.49 -4.17
N LYS D 278 -29.00 -21.73 -4.48
CA LYS D 278 -28.55 -23.06 -4.84
C LYS D 278 -27.37 -23.50 -3.97
N PHE D 279 -27.26 -22.96 -2.76
CA PHE D 279 -26.04 -23.20 -1.98
C PHE D 279 -25.85 -24.67 -1.62
N ASP D 280 -26.94 -25.45 -1.57
CA ASP D 280 -26.81 -26.88 -1.29
C ASP D 280 -26.09 -27.61 -2.41
N ARG D 281 -26.06 -27.04 -3.61
CA ARG D 281 -25.43 -27.70 -4.75
C ARG D 281 -23.91 -27.54 -4.77
N ALA D 282 -23.37 -26.54 -4.08
CA ALA D 282 -21.92 -26.33 -4.14
C ALA D 282 -21.16 -27.56 -3.69
N ALA D 283 -21.56 -28.13 -2.54
CA ALA D 283 -20.86 -29.31 -2.02
C ALA D 283 -21.10 -30.53 -2.93
N GLN D 284 -22.31 -30.68 -3.47
CA GLN D 284 -22.58 -31.76 -4.41
C GLN D 284 -21.72 -31.63 -5.66
N LEU D 285 -21.68 -30.42 -6.23
CA LEU D 285 -20.87 -30.21 -7.44
C LEU D 285 -19.38 -30.31 -7.13
N HIS D 286 -18.97 -30.03 -5.89
CA HIS D 286 -17.57 -30.20 -5.52
C HIS D 286 -17.17 -31.68 -5.63
N LEU D 287 -18.01 -32.58 -5.12
CA LEU D 287 -17.75 -34.00 -5.32
C LEU D 287 -17.91 -34.39 -6.78
N GLY D 288 -18.86 -33.79 -7.49
CA GLY D 288 -19.12 -34.18 -8.86
C GLY D 288 -17.95 -33.91 -9.79
N PHE D 289 -17.33 -32.73 -9.67
CA PHE D 289 -16.21 -32.41 -10.53
C PHE D 289 -14.99 -33.26 -10.22
N GLN D 290 -14.78 -33.58 -8.94
CA GLN D 290 -13.73 -34.55 -8.61
C GLN D 290 -14.04 -35.92 -9.19
N ALA D 291 -15.31 -36.32 -9.15
CA ALA D 291 -15.68 -37.62 -9.70
C ALA D 291 -15.44 -37.68 -11.20
N LEU D 292 -15.61 -36.55 -11.92
CA LEU D 292 -15.32 -36.54 -13.34
C LEU D 292 -13.85 -36.83 -13.61
N HIS D 293 -12.95 -36.26 -12.80
CA HIS D 293 -11.54 -36.59 -12.94
C HIS D 293 -11.29 -38.06 -12.63
N GLN D 294 -11.89 -38.58 -11.56
CA GLN D 294 -11.71 -39.99 -11.23
C GLN D 294 -12.31 -40.89 -12.30
N PHE D 295 -13.44 -40.47 -12.89
CA PHE D 295 -13.98 -41.20 -14.03
C PHE D 295 -12.98 -41.22 -15.19
N ALA D 296 -12.33 -40.08 -15.45
CA ALA D 296 -11.36 -40.00 -16.54
C ALA D 296 -10.14 -40.89 -16.28
N VAL D 297 -9.73 -41.02 -15.01
CA VAL D 297 -8.65 -41.94 -14.69
C VAL D 297 -9.04 -43.37 -15.02
N ARG D 298 -10.29 -43.74 -14.72
CA ARG D 298 -10.77 -45.11 -14.93
C ARG D 298 -11.18 -45.39 -16.36
N HIS D 299 -11.18 -44.40 -17.24
CA HIS D 299 -11.65 -44.58 -18.62
C HIS D 299 -10.69 -43.91 -19.60
N ASN D 300 -9.39 -44.02 -19.32
CA ASN D 300 -8.33 -43.59 -20.26
C ASN D 300 -8.44 -42.11 -20.60
N GLY D 301 -8.83 -41.30 -19.63
CA GLY D 301 -8.95 -39.87 -19.83
C GLY D 301 -10.23 -39.41 -20.50
N GLU D 302 -11.15 -40.32 -20.79
CA GLU D 302 -12.39 -39.95 -21.45
C GLU D 302 -13.42 -39.43 -20.44
N LEU D 303 -14.22 -38.47 -20.88
CA LEU D 303 -15.33 -37.98 -20.10
C LEU D 303 -16.52 -38.93 -20.25
N PRO D 304 -17.48 -38.87 -19.32
CA PRO D 304 -18.70 -39.67 -19.49
C PRO D 304 -19.38 -39.36 -20.81
N ARG D 305 -20.00 -40.39 -21.39
CA ARG D 305 -20.68 -40.22 -22.66
C ARG D 305 -21.93 -39.37 -22.49
N THR D 306 -22.23 -38.61 -23.54
CA THR D 306 -23.38 -37.72 -23.53
C THR D 306 -24.67 -38.49 -23.32
N MET D 307 -25.47 -38.06 -22.34
CA MET D 307 -26.79 -38.63 -22.05
C MET D 307 -26.74 -40.13 -21.79
N ASN D 308 -25.61 -40.63 -21.30
CA ASN D 308 -25.42 -42.06 -21.10
C ASN D 308 -25.70 -42.40 -19.64
N ASP D 309 -26.70 -43.27 -19.42
CA ASP D 309 -27.06 -43.64 -18.06
C ASP D 309 -26.01 -44.53 -17.42
N GLU D 310 -25.34 -45.38 -18.22
CA GLU D 310 -24.31 -46.24 -17.65
C GLU D 310 -23.17 -45.42 -17.05
N ASP D 311 -22.70 -44.41 -17.79
CA ASP D 311 -21.66 -43.55 -17.23
C ASP D 311 -22.19 -42.66 -16.11
N ALA D 312 -23.46 -42.29 -16.17
CA ALA D 312 -24.03 -41.46 -15.10
C ALA D 312 -24.08 -42.21 -13.78
N ASN D 313 -24.55 -43.47 -13.81
CA ASN D 313 -24.61 -44.27 -12.60
C ASN D 313 -23.23 -44.54 -12.02
N GLU D 314 -22.23 -44.73 -12.88
CA GLU D 314 -20.86 -44.84 -12.39
C GLU D 314 -20.41 -43.54 -11.72
N LEU D 315 -20.78 -42.39 -12.27
CA LEU D 315 -20.38 -41.13 -11.66
C LEU D 315 -21.01 -40.95 -10.30
N ILE D 316 -22.28 -41.35 -10.15
CA ILE D 316 -22.95 -41.33 -8.86
C ILE D 316 -22.20 -42.21 -7.86
N LYS D 317 -21.72 -43.37 -8.32
CA LYS D 317 -20.95 -44.24 -7.45
C LYS D 317 -19.64 -43.59 -7.02
N LEU D 318 -18.96 -42.94 -7.96
CA LEU D 318 -17.72 -42.24 -7.63
C LEU D 318 -17.96 -41.09 -6.66
N VAL D 319 -19.06 -40.34 -6.85
CA VAL D 319 -19.38 -39.27 -5.91
C VAL D 319 -19.62 -39.83 -4.51
N THR D 320 -20.30 -40.98 -4.42
CA THR D 320 -20.55 -41.59 -3.12
C THR D 320 -19.25 -42.01 -2.45
N ASP D 321 -18.35 -42.63 -3.21
CA ASP D 321 -17.05 -42.99 -2.64
C ASP D 321 -16.30 -41.76 -2.15
N LEU D 322 -16.34 -40.67 -2.92
CA LEU D 322 -15.68 -39.44 -2.48
C LEU D 322 -16.34 -38.87 -1.23
N SER D 323 -17.65 -39.08 -1.09
CA SER D 323 -18.35 -38.58 0.09
C SER D 323 -17.86 -39.26 1.35
N VAL D 324 -17.53 -40.55 1.27
CA VAL D 324 -16.94 -41.24 2.41
C VAL D 324 -15.51 -40.78 2.62
N GLN D 325 -14.75 -40.64 1.53
CA GLN D 325 -13.36 -40.21 1.66
C GLN D 325 -13.24 -38.75 2.09
N GLN D 326 -14.23 -37.92 1.77
CA GLN D 326 -14.23 -36.51 2.14
C GLN D 326 -15.52 -36.18 2.88
N PRO D 327 -15.66 -36.67 4.12
CA PRO D 327 -16.95 -36.51 4.82
C PRO D 327 -17.28 -35.07 5.19
N GLU D 328 -16.29 -34.18 5.22
CA GLU D 328 -16.54 -32.78 5.56
C GLU D 328 -17.26 -32.03 4.44
N VAL D 329 -17.30 -32.57 3.23
CA VAL D 329 -17.89 -31.84 2.11
C VAL D 329 -19.42 -31.79 2.25
N LEU D 330 -20.06 -32.96 2.29
CA LEU D 330 -21.51 -33.03 2.45
C LEU D 330 -21.94 -33.04 3.91
N GLY D 331 -21.20 -33.76 4.76
CA GLY D 331 -21.59 -33.92 6.15
C GLY D 331 -22.60 -35.05 6.32
N GLU D 332 -22.65 -35.58 7.55
CA GLU D 332 -23.59 -36.64 7.86
C GLU D 332 -25.02 -36.13 7.78
N GLY D 333 -25.92 -37.00 7.31
CA GLY D 333 -27.30 -36.65 7.14
C GLY D 333 -27.64 -36.01 5.82
N VAL D 334 -26.67 -35.86 4.92
CA VAL D 334 -26.88 -35.28 3.59
C VAL D 334 -26.60 -36.35 2.56
N ASP D 335 -27.59 -36.64 1.72
CA ASP D 335 -27.48 -37.66 0.68
C ASP D 335 -26.94 -37.05 -0.61
N VAL D 336 -26.38 -37.91 -1.45
CA VAL D 336 -25.94 -37.49 -2.77
C VAL D 336 -27.15 -37.09 -3.60
N ASN D 337 -27.07 -35.95 -4.26
CA ASN D 337 -28.13 -35.48 -5.16
C ASN D 337 -27.93 -36.18 -6.50
N GLU D 338 -28.59 -37.33 -6.66
CA GLU D 338 -28.35 -38.17 -7.83
C GLU D 338 -28.77 -37.49 -9.12
N ASP D 339 -29.93 -36.82 -9.12
CA ASP D 339 -30.39 -36.14 -10.32
C ASP D 339 -29.39 -35.07 -10.75
N LEU D 340 -28.83 -34.34 -9.77
CA LEU D 340 -27.83 -33.33 -10.08
C LEU D 340 -26.56 -33.95 -10.65
N ILE D 341 -26.08 -35.04 -10.04
CA ILE D 341 -24.86 -35.68 -10.52
C ILE D 341 -25.11 -36.31 -11.88
N LYS D 342 -26.30 -36.88 -12.09
CA LYS D 342 -26.62 -37.45 -13.40
C LYS D 342 -26.56 -36.38 -14.49
N GLU D 343 -27.09 -35.19 -14.21
CA GLU D 343 -27.04 -34.11 -15.19
C GLU D 343 -25.61 -33.68 -15.47
N LEU D 344 -24.76 -33.63 -14.45
CA LEU D 344 -23.36 -33.32 -14.68
C LEU D 344 -22.71 -34.37 -15.59
N SER D 345 -23.01 -35.65 -15.35
CA SER D 345 -22.50 -36.70 -16.23
C SER D 345 -23.07 -36.54 -17.63
N TYR D 346 -24.38 -36.34 -17.74
CA TYR D 346 -25.04 -36.17 -19.03
C TYR D 346 -24.41 -35.06 -19.86
N GLN D 347 -23.98 -33.98 -19.21
CA GLN D 347 -23.50 -32.78 -19.90
C GLN D 347 -21.99 -32.65 -19.87
N ALA D 348 -21.28 -33.69 -19.41
CA ALA D 348 -19.86 -33.54 -19.11
C ALA D 348 -19.08 -33.05 -20.32
N ARG D 349 -19.47 -33.47 -21.53
CA ARG D 349 -18.76 -33.05 -22.74
C ARG D 349 -19.29 -31.74 -23.32
N GLY D 350 -20.30 -31.14 -22.70
CA GLY D 350 -20.84 -29.89 -23.23
C GLY D 350 -19.84 -28.74 -23.10
N ASP D 351 -19.93 -27.81 -24.04
CA ASP D 351 -19.05 -26.63 -24.07
C ASP D 351 -19.94 -25.46 -24.47
N ILE D 352 -20.39 -24.70 -23.48
CA ILE D 352 -21.47 -23.73 -23.66
C ILE D 352 -20.90 -22.32 -23.65
N PRO D 353 -21.11 -21.53 -24.70
CA PRO D 353 -20.52 -20.17 -24.74
C PRO D 353 -20.85 -19.32 -23.53
N GLY D 354 -22.10 -19.35 -23.06
CA GLY D 354 -22.48 -18.51 -21.94
C GLY D 354 -21.77 -18.88 -20.65
N VAL D 355 -21.59 -20.18 -20.40
CA VAL D 355 -20.88 -20.62 -19.21
C VAL D 355 -19.41 -20.26 -19.31
N VAL D 356 -18.81 -20.48 -20.49
CA VAL D 356 -17.40 -20.14 -20.72
C VAL D 356 -17.17 -18.64 -20.58
N ALA D 357 -18.11 -17.83 -21.07
CA ALA D 357 -17.96 -16.38 -20.93
C ALA D 357 -18.08 -15.96 -19.46
N PHE D 358 -19.04 -16.53 -18.73
CA PHE D 358 -19.16 -16.25 -17.30
C PHE D 358 -17.84 -16.50 -16.59
N PHE D 359 -17.29 -17.72 -16.70
CA PHE D 359 -16.06 -18.03 -15.97
C PHE D 359 -14.83 -17.39 -16.60
N GLY D 360 -14.84 -17.14 -17.91
CA GLY D 360 -13.76 -16.38 -18.51
C GLY D 360 -13.60 -15.00 -17.89
N GLY D 361 -14.71 -14.29 -17.69
CA GLY D 361 -14.63 -12.97 -17.08
C GLY D 361 -14.28 -13.02 -15.62
N LEU D 362 -14.90 -13.95 -14.88
CA LEU D 362 -14.62 -14.13 -13.46
C LEU D 362 -13.16 -14.44 -13.21
N VAL D 363 -12.63 -15.45 -13.90
CA VAL D 363 -11.28 -15.93 -13.62
C VAL D 363 -10.26 -14.90 -14.04
N ALA D 364 -10.49 -14.23 -15.17
CA ALA D 364 -9.56 -13.19 -15.61
C ALA D 364 -9.49 -12.07 -14.58
N GLN D 365 -10.63 -11.67 -14.00
CA GLN D 365 -10.61 -10.65 -12.96
C GLN D 365 -9.86 -11.16 -11.73
N GLU D 366 -10.04 -12.43 -11.38
CA GLU D 366 -9.26 -13.02 -10.29
C GLU D 366 -7.77 -12.99 -10.59
N VAL D 367 -7.39 -13.19 -11.85
CA VAL D 367 -5.98 -13.05 -12.24
C VAL D 367 -5.50 -11.63 -11.96
N LEU D 368 -6.34 -10.64 -12.25
CA LEU D 368 -5.95 -9.24 -12.03
C LEU D 368 -5.83 -8.93 -10.54
N LYS D 369 -6.71 -9.49 -9.72
CA LYS D 369 -6.60 -9.31 -8.27
C LYS D 369 -5.28 -9.86 -7.75
N ALA D 370 -4.88 -11.05 -8.24
CA ALA D 370 -3.66 -11.70 -7.80
C ALA D 370 -2.42 -10.92 -8.21
N CYS D 371 -2.49 -10.16 -9.30
CA CYS D 371 -1.37 -9.34 -9.77
C CYS D 371 -1.20 -8.04 -8.98
N SER D 372 -2.26 -7.55 -8.33
CA SER D 372 -2.26 -6.16 -7.87
C SER D 372 -2.67 -5.95 -6.42
N GLY D 373 -3.37 -6.88 -5.78
CA GLY D 373 -3.96 -6.57 -4.50
C GLY D 373 -5.15 -5.64 -4.57
N LYS D 374 -5.71 -5.42 -5.76
CA LYS D 374 -6.92 -4.61 -5.93
C LYS D 374 -8.13 -5.53 -5.93
N PHE D 375 -9.13 -5.19 -5.12
CA PHE D 375 -10.37 -5.96 -4.93
C PHE D 375 -10.12 -7.20 -4.08
N THR D 376 -11.20 -7.88 -3.66
CA THR D 376 -11.10 -8.98 -2.71
C THR D 376 -11.17 -10.32 -3.44
N PRO D 377 -10.15 -11.16 -3.31
CA PRO D 377 -10.13 -12.41 -4.09
C PRO D 377 -11.19 -13.40 -3.66
N LEU D 378 -11.64 -14.19 -4.62
CA LEU D 378 -12.49 -15.33 -4.33
C LEU D 378 -11.75 -16.28 -3.40
N LYS D 379 -12.41 -16.70 -2.33
CA LYS D 379 -11.75 -17.52 -1.32
C LYS D 379 -12.65 -18.66 -0.83
N GLN D 380 -12.50 -19.87 -1.37
CA GLN D 380 -11.54 -20.22 -2.42
C GLN D 380 -12.21 -20.98 -3.57
N PHE D 381 -13.35 -21.59 -3.32
CA PHE D 381 -14.08 -22.37 -4.32
C PHE D 381 -15.41 -21.71 -4.64
N MET D 382 -15.74 -21.64 -5.92
CA MET D 382 -17.08 -21.24 -6.35
C MET D 382 -17.58 -22.21 -7.41
N TYR D 383 -18.81 -22.70 -7.23
CA TYR D 383 -19.47 -23.57 -8.19
C TYR D 383 -20.69 -22.88 -8.76
N PHE D 384 -21.08 -23.30 -9.96
CA PHE D 384 -22.11 -22.62 -10.73
C PHE D 384 -22.84 -23.63 -11.60
N ASP D 385 -24.14 -23.41 -11.78
CA ASP D 385 -24.89 -24.14 -12.79
C ASP D 385 -25.98 -23.23 -13.34
N SER D 386 -26.35 -23.46 -14.60
CA SER D 386 -27.48 -22.78 -15.22
C SER D 386 -28.42 -23.85 -15.79
N LEU D 387 -28.89 -24.74 -14.90
CA LEU D 387 -29.71 -25.85 -15.34
C LEU D 387 -31.07 -25.39 -15.86
N GLU D 388 -31.56 -24.25 -15.37
CA GLU D 388 -32.82 -23.71 -15.87
C GLU D 388 -32.76 -23.36 -17.36
N SER D 389 -31.55 -23.30 -17.95
CA SER D 389 -31.42 -23.03 -19.37
C SER D 389 -31.86 -24.22 -20.22
N LEU D 390 -31.97 -25.40 -19.63
CA LEU D 390 -32.41 -26.58 -20.37
C LEU D 390 -33.84 -26.39 -20.85
N PRO D 391 -34.15 -26.70 -22.11
CA PRO D 391 -35.53 -26.59 -22.58
C PRO D 391 -36.39 -27.71 -22.02
N ASP D 392 -37.70 -27.53 -22.16
CA ASP D 392 -38.62 -28.55 -21.70
C ASP D 392 -38.41 -29.82 -22.51
N PRO D 393 -38.21 -30.98 -21.87
CA PRO D 393 -38.00 -32.21 -22.63
C PRO D 393 -39.16 -32.58 -23.52
N LYS D 394 -40.37 -32.10 -23.22
CA LYS D 394 -41.53 -32.38 -24.07
C LYS D 394 -41.36 -31.76 -25.44
N ASN D 395 -40.76 -30.56 -25.51
CA ASN D 395 -40.57 -29.87 -26.77
C ASN D 395 -39.27 -30.26 -27.46
N PHE D 396 -38.19 -30.48 -26.69
CA PHE D 396 -36.90 -30.85 -27.25
C PHE D 396 -36.34 -32.00 -26.40
N PRO D 397 -36.68 -33.24 -26.74
CA PRO D 397 -36.23 -34.38 -25.91
C PRO D 397 -34.72 -34.54 -25.99
N ARG D 398 -34.12 -34.86 -24.84
CA ARG D 398 -32.69 -35.04 -24.71
C ARG D 398 -32.42 -36.53 -24.50
N ASN D 399 -31.75 -37.15 -25.45
CA ASN D 399 -31.34 -38.55 -25.35
C ASN D 399 -30.06 -38.73 -26.15
N GLU D 400 -29.56 -39.96 -26.18
CA GLU D 400 -28.30 -40.23 -26.86
C GLU D 400 -28.40 -40.01 -28.36
N LYS D 401 -29.60 -40.08 -28.93
CA LYS D 401 -29.76 -39.87 -30.37
C LYS D 401 -29.80 -38.39 -30.71
N THR D 402 -30.61 -37.61 -29.98
CA THR D 402 -30.77 -36.20 -30.33
C THR D 402 -29.50 -35.40 -30.03
N THR D 403 -28.72 -35.83 -29.05
CA THR D 403 -27.54 -35.07 -28.61
C THR D 403 -26.24 -35.60 -29.22
N GLN D 404 -26.32 -36.52 -30.17
CA GLN D 404 -25.11 -37.10 -30.75
C GLN D 404 -24.42 -36.09 -31.65
N PRO D 405 -23.09 -36.16 -31.75
CA PRO D 405 -22.36 -35.22 -32.62
C PRO D 405 -22.66 -35.47 -34.09
N VAL D 406 -22.72 -34.38 -34.86
CA VAL D 406 -23.01 -34.47 -36.29
C VAL D 406 -21.83 -33.96 -37.12
N ASN D 407 -20.63 -33.99 -36.54
CA ASN D 407 -19.41 -33.52 -37.20
C ASN D 407 -19.53 -32.04 -37.56
N SER D 408 -19.77 -31.22 -36.54
CA SER D 408 -19.86 -29.78 -36.71
C SER D 408 -19.23 -29.08 -35.52
N ARG D 409 -18.95 -27.78 -35.70
CA ARG D 409 -18.42 -26.99 -34.61
C ARG D 409 -19.40 -26.86 -33.45
N TYR D 410 -20.68 -27.14 -33.66
CA TYR D 410 -21.67 -27.03 -32.60
C TYR D 410 -21.90 -28.33 -31.85
N ASP D 411 -21.10 -29.37 -32.12
CA ASP D 411 -21.36 -30.69 -31.54
C ASP D 411 -21.40 -30.64 -30.02
N ASN D 412 -20.50 -29.89 -29.38
CA ASN D 412 -20.48 -29.85 -27.92
C ASN D 412 -21.55 -28.94 -27.35
N GLN D 413 -22.31 -28.25 -28.19
CA GLN D 413 -23.54 -27.58 -27.78
C GLN D 413 -24.75 -28.47 -28.01
N ILE D 414 -24.76 -29.20 -29.12
CA ILE D 414 -25.78 -30.23 -29.36
C ILE D 414 -25.75 -31.29 -28.27
N ALA D 415 -24.57 -31.52 -27.69
CA ALA D 415 -24.44 -32.51 -26.61
C ALA D 415 -25.34 -32.17 -25.43
N VAL D 416 -25.53 -30.89 -25.14
CA VAL D 416 -26.40 -30.47 -24.04
C VAL D 416 -27.85 -30.34 -24.48
N PHE D 417 -28.10 -29.60 -25.56
CA PHE D 417 -29.46 -29.18 -25.89
C PHE D 417 -30.13 -30.03 -26.96
N GLY D 418 -29.36 -30.72 -27.80
CA GLY D 418 -29.94 -31.49 -28.88
C GLY D 418 -29.95 -30.72 -30.20
N LEU D 419 -30.08 -31.49 -31.29
CA LEU D 419 -29.96 -30.92 -32.64
C LEU D 419 -31.09 -29.95 -32.94
N ASP D 420 -32.34 -30.35 -32.65
CA ASP D 420 -33.49 -29.52 -33.00
C ASP D 420 -33.44 -28.18 -32.29
N PHE D 421 -32.99 -28.17 -31.03
CA PHE D 421 -32.89 -26.91 -30.30
C PHE D 421 -31.84 -26.00 -30.94
N GLN D 422 -30.69 -26.57 -31.31
CA GLN D 422 -29.65 -25.76 -31.95
C GLN D 422 -30.08 -25.24 -33.32
N LYS D 423 -30.92 -26.01 -34.04
CA LYS D 423 -31.45 -25.51 -35.30
C LYS D 423 -32.39 -24.33 -35.08
N LYS D 424 -33.20 -24.38 -34.03
CA LYS D 424 -34.05 -23.24 -33.72
C LYS D 424 -33.23 -22.01 -33.34
N ILE D 425 -32.10 -22.22 -32.66
CA ILE D 425 -31.20 -21.10 -32.36
C ILE D 425 -30.68 -20.50 -33.66
N ALA D 426 -30.30 -21.34 -34.61
CA ALA D 426 -29.80 -20.84 -35.89
C ALA D 426 -30.89 -20.13 -36.68
N ASN D 427 -32.16 -20.50 -36.48
CA ASN D 427 -33.27 -19.88 -37.19
C ASN D 427 -33.89 -18.71 -36.45
N SER D 428 -33.20 -18.17 -35.45
CA SER D 428 -33.74 -17.08 -34.67
C SER D 428 -33.45 -15.74 -35.34
N LYS D 429 -34.38 -14.80 -35.17
CA LYS D 429 -34.26 -13.45 -35.74
C LYS D 429 -34.13 -12.45 -34.59
N VAL D 430 -32.98 -11.81 -34.49
CA VAL D 430 -32.66 -11.01 -33.32
C VAL D 430 -32.20 -9.62 -33.72
N PHE D 431 -32.47 -8.66 -32.84
CA PHE D 431 -32.08 -7.27 -33.00
C PHE D 431 -31.13 -6.91 -31.86
N LEU D 432 -29.90 -6.53 -32.20
CA LEU D 432 -28.92 -6.10 -31.21
C LEU D 432 -28.74 -4.58 -31.33
N VAL D 433 -29.04 -3.87 -30.24
CA VAL D 433 -28.98 -2.41 -30.21
C VAL D 433 -27.71 -2.03 -29.45
N GLY D 434 -26.70 -1.55 -30.19
CA GLY D 434 -25.43 -1.25 -29.59
C GLY D 434 -24.36 -2.24 -30.00
N SER D 435 -23.20 -1.74 -30.39
CA SER D 435 -22.09 -2.57 -30.81
C SER D 435 -20.81 -2.14 -30.10
N GLY D 436 -20.93 -1.71 -28.86
CA GLY D 436 -19.79 -1.35 -28.04
C GLY D 436 -19.27 -2.53 -27.27
N ALA D 437 -19.00 -2.32 -25.97
CA ALA D 437 -18.39 -3.38 -25.17
C ALA D 437 -19.29 -4.61 -25.09
N ILE D 438 -20.53 -4.43 -24.61
CA ILE D 438 -21.45 -5.58 -24.50
C ILE D 438 -21.80 -6.11 -25.89
N GLY D 439 -21.92 -5.21 -26.88
CA GLY D 439 -22.30 -5.65 -28.21
C GLY D 439 -21.26 -6.54 -28.86
N CYS D 440 -19.98 -6.25 -28.65
CA CYS D 440 -18.92 -7.08 -29.22
C CYS D 440 -18.93 -8.47 -28.61
N GLU D 441 -18.96 -8.54 -27.27
CA GLU D 441 -19.08 -9.80 -26.58
C GLU D 441 -20.35 -10.54 -26.98
N MET D 442 -21.45 -9.81 -27.17
CA MET D 442 -22.71 -10.44 -27.58
C MET D 442 -22.56 -11.10 -28.95
N LEU D 443 -22.00 -10.38 -29.93
CA LEU D 443 -21.83 -10.95 -31.25
C LEU D 443 -20.89 -12.15 -31.24
N LYS D 444 -19.86 -12.11 -30.39
CA LYS D 444 -18.97 -13.26 -30.29
C LYS D 444 -19.71 -14.49 -29.79
N ASN D 445 -20.53 -14.34 -28.75
CA ASN D 445 -21.33 -15.47 -28.26
C ASN D 445 -22.30 -15.96 -29.33
N TRP D 446 -22.94 -15.03 -30.03
CA TRP D 446 -23.91 -15.41 -31.05
C TRP D 446 -23.24 -16.13 -32.22
N ALA D 447 -22.00 -15.74 -32.56
CA ALA D 447 -21.24 -16.46 -33.56
C ALA D 447 -20.89 -17.87 -33.09
N LEU D 448 -20.59 -18.04 -31.80
CA LEU D 448 -20.32 -19.36 -31.27
C LEU D 448 -21.58 -20.21 -31.20
N LEU D 449 -22.73 -19.57 -30.94
CA LEU D 449 -24.02 -20.28 -30.94
C LEU D 449 -24.53 -20.58 -32.34
N GLY D 450 -23.92 -20.00 -33.38
CA GLY D 450 -24.52 -20.08 -34.69
C GLY D 450 -25.87 -19.41 -34.77
N LEU D 451 -26.14 -18.47 -33.86
CA LEU D 451 -27.45 -17.84 -33.80
C LEU D 451 -27.67 -16.98 -35.04
N GLY D 452 -28.80 -17.18 -35.71
CA GLY D 452 -29.12 -16.46 -36.92
C GLY D 452 -28.47 -16.99 -38.18
N SER D 453 -27.67 -18.05 -38.09
CA SER D 453 -27.01 -18.61 -39.26
C SER D 453 -27.94 -19.50 -40.10
N GLY D 454 -29.07 -19.93 -39.53
CA GLY D 454 -29.98 -20.79 -40.25
C GLY D 454 -30.67 -20.04 -41.38
N SER D 455 -31.36 -20.82 -42.21
CA SER D 455 -32.04 -20.22 -43.36
C SER D 455 -33.18 -19.30 -42.95
N ASP D 456 -33.76 -19.52 -41.77
CA ASP D 456 -34.91 -18.75 -41.30
C ASP D 456 -34.53 -17.69 -40.27
N GLY D 457 -33.23 -17.50 -39.99
CA GLY D 457 -32.80 -16.57 -38.98
C GLY D 457 -31.87 -15.51 -39.57
N TYR D 458 -31.62 -14.47 -38.75
CA TYR D 458 -30.68 -13.43 -39.12
C TYR D 458 -30.35 -12.62 -37.87
N ILE D 459 -29.29 -11.83 -37.98
CA ILE D 459 -28.87 -10.89 -36.94
C ILE D 459 -28.90 -9.49 -37.53
N VAL D 460 -29.57 -8.58 -36.85
CA VAL D 460 -29.51 -7.16 -37.17
C VAL D 460 -28.85 -6.47 -35.98
N VAL D 461 -27.75 -5.78 -36.24
CA VAL D 461 -27.03 -5.00 -35.23
C VAL D 461 -26.89 -3.58 -35.75
N THR D 462 -27.14 -2.60 -34.87
CA THR D 462 -27.09 -1.20 -35.28
C THR D 462 -26.38 -0.37 -34.21
N ASP D 463 -25.66 0.64 -34.68
CA ASP D 463 -24.91 1.54 -33.82
C ASP D 463 -24.42 2.68 -34.69
N ASN D 464 -24.66 3.92 -34.28
CA ASN D 464 -24.25 5.07 -35.08
C ASN D 464 -22.84 5.54 -34.77
N ASP D 465 -22.15 4.91 -33.83
CA ASP D 465 -20.87 5.43 -33.35
C ASP D 465 -19.69 4.78 -34.06
N SER D 466 -18.56 5.49 -34.05
CA SER D 466 -17.34 5.02 -34.67
C SER D 466 -16.39 4.48 -33.60
N ILE D 467 -15.35 3.79 -34.06
CA ILE D 467 -14.39 3.15 -33.17
C ILE D 467 -13.38 4.19 -32.70
N GLU D 468 -13.31 4.37 -31.38
CA GLU D 468 -12.35 5.26 -30.74
C GLU D 468 -11.27 4.42 -30.05
N LYS D 469 -10.11 5.05 -29.81
CA LYS D 469 -8.96 4.30 -29.32
C LYS D 469 -9.24 3.66 -27.96
N SER D 470 -9.83 4.42 -27.03
CA SER D 470 -10.10 3.85 -25.71
C SER D 470 -11.07 2.68 -25.76
N ASN D 471 -11.84 2.53 -26.85
CA ASN D 471 -12.74 1.38 -26.98
C ASN D 471 -11.97 0.07 -27.06
N LEU D 472 -10.76 0.10 -27.61
CA LEU D 472 -9.99 -1.11 -27.90
C LEU D 472 -9.64 -1.92 -26.67
N ASN D 473 -9.67 -1.29 -25.48
CA ASN D 473 -9.35 -1.97 -24.24
C ASN D 473 -10.39 -3.01 -23.84
N ARG D 474 -11.61 -2.91 -24.35
CA ARG D 474 -12.63 -3.90 -23.99
C ARG D 474 -13.52 -4.34 -25.14
N GLN D 475 -13.36 -3.79 -26.33
CA GLN D 475 -14.19 -4.13 -27.49
C GLN D 475 -13.28 -4.91 -28.42
N PHE D 476 -13.11 -6.19 -28.12
CA PHE D 476 -12.00 -6.96 -28.64
C PHE D 476 -12.14 -7.30 -30.12
N LEU D 477 -13.29 -7.02 -30.73
CA LEU D 477 -13.43 -7.22 -32.17
C LEU D 477 -12.70 -6.16 -32.97
N PHE D 478 -12.28 -5.05 -32.35
CA PHE D 478 -11.70 -3.91 -33.04
C PHE D 478 -10.20 -3.85 -32.84
N ARG D 479 -9.49 -3.37 -33.86
CA ARG D 479 -8.05 -3.21 -33.86
C ARG D 479 -7.68 -1.73 -34.01
N PRO D 480 -6.44 -1.36 -33.68
CA PRO D 480 -6.03 0.04 -33.87
C PRO D 480 -6.22 0.55 -35.30
N LYS D 481 -6.02 -0.32 -36.30
CA LYS D 481 -6.28 0.10 -37.68
C LYS D 481 -7.75 0.41 -37.93
N ASP D 482 -8.66 0.00 -37.04
CA ASP D 482 -10.08 0.21 -37.24
C ASP D 482 -10.60 1.49 -36.61
N VAL D 483 -9.74 2.24 -35.91
CA VAL D 483 -10.16 3.50 -35.33
C VAL D 483 -10.65 4.42 -36.44
N GLY D 484 -11.86 4.93 -36.28
CA GLY D 484 -12.50 5.74 -37.30
C GLY D 484 -13.59 5.03 -38.09
N LYS D 485 -13.56 3.69 -38.14
CA LYS D 485 -14.60 2.96 -38.85
C LYS D 485 -15.85 2.83 -37.98
N ASN D 486 -16.92 2.33 -38.59
CA ASN D 486 -18.17 2.11 -37.88
C ASN D 486 -18.14 0.81 -37.10
N LYS D 487 -18.57 0.88 -35.84
CA LYS D 487 -18.50 -0.27 -34.94
C LYS D 487 -19.28 -1.46 -35.46
N SER D 488 -20.52 -1.24 -35.88
CA SER D 488 -21.37 -2.36 -36.27
C SER D 488 -20.84 -3.07 -37.50
N GLU D 489 -20.26 -2.30 -38.44
CA GLU D 489 -19.75 -2.91 -39.66
C GLU D 489 -18.47 -3.71 -39.40
N VAL D 490 -17.57 -3.17 -38.58
CA VAL D 490 -16.34 -3.89 -38.26
C VAL D 490 -16.65 -5.11 -37.41
N ALA D 491 -17.54 -4.96 -36.43
CA ALA D 491 -17.90 -6.09 -35.57
C ALA D 491 -18.55 -7.21 -36.36
N ALA D 492 -19.44 -6.88 -37.30
CA ALA D 492 -20.08 -7.91 -38.13
C ALA D 492 -19.07 -8.67 -38.96
N GLU D 493 -18.08 -7.97 -39.52
CA GLU D 493 -17.07 -8.66 -40.32
C GLU D 493 -16.16 -9.51 -39.45
N ALA D 494 -15.88 -9.08 -38.21
CA ALA D 494 -14.98 -9.84 -37.36
C ALA D 494 -15.60 -11.17 -36.94
N VAL D 495 -16.90 -11.18 -36.64
CA VAL D 495 -17.50 -12.44 -36.20
C VAL D 495 -17.74 -13.37 -37.37
N CYS D 496 -17.89 -12.84 -38.58
CA CYS D 496 -17.97 -13.72 -39.75
C CYS D 496 -16.63 -14.41 -40.01
N ALA D 497 -15.51 -13.79 -39.63
CA ALA D 497 -14.24 -14.47 -39.72
C ALA D 497 -14.12 -15.56 -38.67
N MET D 498 -14.75 -15.35 -37.51
CA MET D 498 -14.77 -16.40 -36.48
C MET D 498 -15.68 -17.54 -36.87
N ASN D 499 -16.82 -17.24 -37.49
CA ASN D 499 -17.78 -18.26 -37.89
C ASN D 499 -18.35 -17.89 -39.26
N PRO D 500 -17.78 -18.47 -40.34
CA PRO D 500 -18.30 -18.15 -41.68
C PRO D 500 -19.77 -18.51 -41.87
N ASP D 501 -20.36 -19.33 -41.01
CA ASP D 501 -21.79 -19.61 -41.09
C ASP D 501 -22.63 -18.35 -40.99
N LEU D 502 -22.10 -17.28 -40.39
CA LEU D 502 -22.83 -16.03 -40.30
C LEU D 502 -22.65 -15.13 -41.52
N LYS D 503 -21.85 -15.54 -42.50
CA LYS D 503 -21.63 -14.71 -43.68
C LYS D 503 -22.94 -14.50 -44.44
N GLY D 504 -23.25 -13.23 -44.73
CA GLY D 504 -24.51 -12.89 -45.36
C GLY D 504 -25.71 -12.97 -44.46
N LYS D 505 -25.52 -13.25 -43.17
CA LYS D 505 -26.60 -13.40 -42.22
C LYS D 505 -26.67 -12.27 -41.21
N ILE D 506 -25.74 -11.32 -41.24
CA ILE D 506 -25.71 -10.21 -40.29
C ILE D 506 -25.92 -8.92 -41.06
N ASN D 507 -26.96 -8.17 -40.67
CA ASN D 507 -27.23 -6.86 -41.26
C ASN D 507 -26.67 -5.83 -40.30
N ALA D 508 -25.52 -5.25 -40.67
CA ALA D 508 -24.87 -4.22 -39.84
C ALA D 508 -25.39 -2.87 -40.30
N LYS D 509 -26.08 -2.17 -39.40
CA LYS D 509 -26.60 -0.84 -39.67
C LYS D 509 -25.89 0.17 -38.78
N ILE D 510 -25.95 1.44 -39.19
CA ILE D 510 -25.25 2.50 -38.48
C ILE D 510 -26.24 3.56 -38.01
N ASP D 511 -27.49 3.15 -37.80
CA ASP D 511 -28.55 4.07 -37.40
C ASP D 511 -28.71 4.08 -35.88
N LYS D 512 -28.96 5.25 -35.33
CA LYS D 512 -29.26 5.37 -33.91
C LYS D 512 -30.72 5.03 -33.67
N VAL D 513 -30.97 4.14 -32.72
CA VAL D 513 -32.34 3.76 -32.40
C VAL D 513 -32.98 4.86 -31.54
N GLY D 514 -34.18 5.28 -31.92
CA GLY D 514 -34.86 6.36 -31.27
C GLY D 514 -36.04 6.86 -32.08
N PRO D 515 -36.72 7.89 -31.58
CA PRO D 515 -37.91 8.39 -32.28
C PRO D 515 -37.62 8.96 -33.67
N GLU D 516 -36.36 9.22 -34.01
CA GLU D 516 -36.01 9.84 -35.28
C GLU D 516 -35.76 8.83 -36.40
N THR D 517 -35.66 7.54 -36.08
CA THR D 517 -35.38 6.51 -37.09
C THR D 517 -36.49 5.47 -37.16
N GLU D 518 -37.70 5.86 -36.77
CA GLU D 518 -38.81 4.91 -36.83
C GLU D 518 -39.23 4.60 -38.26
N GLU D 519 -38.79 5.39 -39.25
CA GLU D 519 -39.03 5.03 -40.64
C GLU D 519 -38.14 3.86 -41.05
N ILE D 520 -36.92 3.78 -40.51
CA ILE D 520 -36.05 2.64 -40.77
C ILE D 520 -36.48 1.43 -39.94
N PHE D 521 -36.64 1.62 -38.64
CA PHE D 521 -37.13 0.55 -37.75
C PHE D 521 -38.63 0.72 -37.59
N ASN D 522 -39.37 0.32 -38.63
CA ASN D 522 -40.82 0.47 -38.66
C ASN D 522 -41.49 -0.76 -38.05
N ASP D 523 -42.83 -0.83 -38.16
CA ASP D 523 -43.55 -1.96 -37.57
C ASP D 523 -43.13 -3.27 -38.20
N SER D 524 -42.90 -3.27 -39.52
CA SER D 524 -42.51 -4.50 -40.20
C SER D 524 -41.16 -5.01 -39.72
N PHE D 525 -40.26 -4.12 -39.34
CA PHE D 525 -38.97 -4.53 -38.82
C PHE D 525 -39.13 -5.23 -37.47
N TRP D 526 -39.84 -4.59 -36.54
CA TRP D 526 -39.94 -5.13 -35.19
C TRP D 526 -40.77 -6.42 -35.16
N GLU D 527 -41.90 -6.44 -35.86
CA GLU D 527 -42.79 -7.60 -35.75
C GLU D 527 -42.16 -8.87 -36.29
N SER D 528 -41.21 -8.75 -37.22
CA SER D 528 -40.51 -9.92 -37.76
C SER D 528 -39.47 -10.48 -36.81
N LEU D 529 -39.19 -9.82 -35.69
CA LEU D 529 -38.14 -10.27 -34.77
C LEU D 529 -38.66 -11.33 -33.80
N ASP D 530 -37.75 -12.19 -33.35
CA ASP D 530 -38.04 -13.12 -32.28
C ASP D 530 -37.82 -12.50 -30.91
N PHE D 531 -36.74 -11.74 -30.74
CA PHE D 531 -36.53 -10.98 -29.51
C PHE D 531 -35.46 -9.92 -29.77
N VAL D 532 -35.28 -9.04 -28.80
CA VAL D 532 -34.36 -7.91 -28.90
C VAL D 532 -33.36 -8.00 -27.76
N THR D 533 -32.12 -7.60 -28.04
CA THR D 533 -31.08 -7.56 -27.02
C THR D 533 -30.48 -6.17 -26.96
N ASN D 534 -30.42 -5.59 -25.77
CA ASN D 534 -29.83 -4.28 -25.56
C ASN D 534 -28.34 -4.39 -25.27
N ALA D 535 -27.58 -3.42 -25.75
CA ALA D 535 -26.17 -3.28 -25.44
C ALA D 535 -25.83 -1.80 -25.34
N LEU D 536 -26.64 -1.08 -24.57
CA LEU D 536 -26.68 0.38 -24.58
C LEU D 536 -25.95 0.95 -23.37
N ASP D 537 -25.56 2.22 -23.49
CA ASP D 537 -24.81 2.88 -22.43
C ASP D 537 -25.57 4.07 -21.85
N ASN D 538 -26.88 4.15 -22.07
CA ASN D 538 -27.65 5.25 -21.51
C ASN D 538 -29.09 4.78 -21.24
N VAL D 539 -29.73 5.45 -20.29
CA VAL D 539 -31.06 5.07 -19.84
C VAL D 539 -32.12 5.45 -20.86
N ASP D 540 -31.95 6.59 -21.54
CA ASP D 540 -32.93 7.02 -22.52
C ASP D 540 -33.10 5.99 -23.63
N ALA D 541 -31.99 5.45 -24.14
CA ALA D 541 -32.07 4.42 -25.17
C ALA D 541 -32.73 3.15 -24.64
N ARG D 542 -32.45 2.79 -23.39
CA ARG D 542 -33.06 1.60 -22.80
C ARG D 542 -34.57 1.75 -22.68
N THR D 543 -35.03 2.89 -22.17
CA THR D 543 -36.48 3.06 -22.01
C THR D 543 -37.19 3.10 -23.35
N TYR D 544 -36.56 3.69 -24.37
CA TYR D 544 -37.16 3.70 -25.70
C TYR D 544 -37.32 2.28 -26.24
N VAL D 545 -36.25 1.49 -26.20
CA VAL D 545 -36.34 0.13 -26.72
C VAL D 545 -37.36 -0.67 -25.92
N ASP D 546 -37.34 -0.51 -24.60
CA ASP D 546 -38.33 -1.17 -23.74
C ASP D 546 -39.76 -0.81 -24.15
N ARG D 547 -40.01 0.46 -24.44
CA ARG D 547 -41.35 0.84 -24.87
C ARG D 547 -41.69 0.27 -26.24
N ARG D 548 -40.69 0.12 -27.12
CA ARG D 548 -40.94 -0.54 -28.39
C ARG D 548 -41.25 -2.02 -28.18
N CYS D 549 -40.50 -2.68 -27.29
CA CYS D 549 -40.73 -4.11 -27.06
C CYS D 549 -42.08 -4.35 -26.41
N VAL D 550 -42.49 -3.48 -25.49
CA VAL D 550 -43.83 -3.61 -24.92
C VAL D 550 -44.88 -3.41 -25.99
N PHE D 551 -44.67 -2.46 -26.90
CA PHE D 551 -45.65 -2.19 -27.94
C PHE D 551 -45.75 -3.35 -28.93
N TYR D 552 -44.63 -3.94 -29.31
CA TYR D 552 -44.62 -5.03 -30.27
C TYR D 552 -44.65 -6.41 -29.63
N ARG D 553 -44.74 -6.48 -28.29
CA ARG D 553 -44.77 -7.76 -27.58
C ARG D 553 -43.57 -8.64 -27.93
N LYS D 554 -42.38 -8.08 -27.79
CA LYS D 554 -41.17 -8.83 -28.06
C LYS D 554 -40.37 -9.01 -26.77
N PRO D 555 -39.81 -10.20 -26.53
CA PRO D 555 -38.91 -10.37 -25.38
C PRO D 555 -37.68 -9.49 -25.54
N LEU D 556 -37.21 -8.96 -24.40
CA LEU D 556 -36.06 -8.06 -24.38
C LEU D 556 -35.05 -8.57 -23.37
N LEU D 557 -33.80 -8.77 -23.82
CA LEU D 557 -32.69 -9.11 -22.94
C LEU D 557 -31.93 -7.82 -22.65
N GLU D 558 -31.95 -7.41 -21.39
CA GLU D 558 -31.30 -6.17 -20.96
C GLU D 558 -30.07 -6.48 -20.12
N SER D 559 -29.04 -5.65 -20.24
CA SER D 559 -27.84 -5.81 -19.42
C SER D 559 -27.11 -4.47 -19.29
N GLY D 560 -26.28 -4.36 -18.25
CA GLY D 560 -25.45 -3.19 -18.05
C GLY D 560 -24.27 -3.49 -17.15
N THR D 561 -23.25 -2.64 -17.25
CA THR D 561 -22.06 -2.76 -16.41
C THR D 561 -21.65 -1.39 -15.88
N LEU D 562 -20.94 -1.40 -14.77
CA LEU D 562 -20.31 -0.21 -14.21
C LEU D 562 -19.08 -0.69 -13.45
N GLY D 563 -17.91 -0.55 -14.08
CA GLY D 563 -16.70 -1.10 -13.48
C GLY D 563 -16.83 -2.59 -13.30
N THR D 564 -16.63 -3.05 -12.06
CA THR D 564 -16.77 -4.47 -11.73
C THR D 564 -18.20 -4.89 -11.45
N LYS D 565 -19.17 -3.99 -11.59
CA LYS D 565 -20.55 -4.28 -11.28
C LYS D 565 -21.35 -4.48 -12.56
N GLY D 566 -22.34 -5.37 -12.50
CA GLY D 566 -23.09 -5.73 -13.69
C GLY D 566 -24.45 -6.27 -13.32
N ASN D 567 -25.36 -6.22 -14.30
CA ASN D 567 -26.69 -6.75 -14.10
C ASN D 567 -27.26 -7.23 -15.42
N THR D 568 -28.21 -8.16 -15.33
CA THR D 568 -28.98 -8.66 -16.46
C THR D 568 -30.46 -8.65 -16.08
N GLN D 569 -31.31 -8.33 -17.05
CA GLN D 569 -32.75 -8.39 -16.82
C GLN D 569 -33.41 -8.99 -18.04
N VAL D 570 -34.44 -9.81 -17.81
CA VAL D 570 -35.17 -10.45 -18.89
C VAL D 570 -36.61 -9.96 -18.82
N ILE D 571 -37.13 -9.52 -19.97
CA ILE D 571 -38.47 -8.94 -20.07
C ILE D 571 -39.29 -9.83 -20.99
N ILE D 572 -40.34 -10.43 -20.45
CA ILE D 572 -41.13 -11.45 -21.13
C ILE D 572 -42.53 -10.89 -21.39
N PRO D 573 -42.99 -10.82 -22.63
CA PRO D 573 -44.35 -10.33 -22.91
C PRO D 573 -45.41 -11.12 -22.16
N ARG D 574 -46.39 -10.38 -21.63
CA ARG D 574 -47.54 -10.93 -20.92
C ARG D 574 -47.16 -11.70 -19.66
N LEU D 575 -45.97 -11.47 -19.13
CA LEU D 575 -45.52 -12.25 -17.97
C LEU D 575 -44.83 -11.39 -16.92
N THR D 576 -43.79 -10.65 -17.31
CA THR D 576 -43.00 -9.90 -16.35
C THR D 576 -43.22 -8.41 -16.53
N GLU D 577 -42.75 -7.64 -15.55
CA GLU D 577 -42.66 -6.21 -15.73
C GLU D 577 -41.61 -5.89 -16.79
N SER D 578 -41.67 -4.67 -17.32
CA SER D 578 -40.71 -4.21 -18.30
C SER D 578 -39.56 -3.47 -17.60
N TYR D 579 -38.56 -3.07 -18.39
CA TYR D 579 -37.44 -2.32 -17.83
C TYR D 579 -37.92 -1.03 -17.16
N SER D 580 -38.90 -0.35 -17.77
CA SER D 580 -39.43 0.92 -17.28
C SER D 580 -40.36 0.77 -16.08
N SER D 581 -40.65 -0.46 -15.64
CA SER D 581 -41.53 -0.65 -14.50
C SER D 581 -40.88 -0.29 -13.17
N SER D 582 -39.56 -0.10 -13.13
CA SER D 582 -38.88 0.22 -11.89
C SER D 582 -37.84 1.30 -12.14
N ARG D 583 -37.37 1.92 -11.06
CA ARG D 583 -36.47 3.06 -11.10
C ARG D 583 -35.14 2.72 -10.45
N ASP D 584 -34.09 3.38 -10.91
CA ASP D 584 -32.77 3.34 -10.33
C ASP D 584 -32.39 4.72 -9.82
N PRO D 585 -31.46 4.82 -8.88
CA PRO D 585 -31.04 6.14 -8.38
C PRO D 585 -30.55 7.00 -9.53
N PRO D 586 -30.99 8.25 -9.59
CA PRO D 586 -30.62 9.11 -10.74
C PRO D 586 -29.19 9.60 -10.69
N GLU D 587 -28.78 10.32 -11.73
CA GLU D 587 -27.45 10.92 -11.74
C GLU D 587 -27.36 12.02 -10.69
N LYS D 588 -26.14 12.25 -10.21
CA LYS D 588 -25.91 13.25 -9.16
C LYS D 588 -26.08 14.66 -9.71
N SER D 589 -26.99 15.42 -9.13
CA SER D 589 -27.25 16.80 -9.51
C SER D 589 -26.70 17.74 -8.45
N ILE D 590 -26.30 18.93 -8.87
CA ILE D 590 -25.71 19.94 -8.00
C ILE D 590 -26.69 21.08 -7.85
N PRO D 591 -26.98 21.54 -6.63
CA PRO D 591 -27.86 22.70 -6.45
C PRO D 591 -27.29 23.93 -7.15
N LEU D 592 -28.19 24.79 -7.63
CA LEU D 592 -27.75 25.95 -8.39
C LEU D 592 -27.03 26.96 -7.52
N CYS D 593 -27.37 27.04 -6.23
CA CYS D 593 -26.64 27.94 -5.33
C CYS D 593 -25.24 27.42 -5.05
N THR D 594 -25.11 26.11 -4.82
CA THR D 594 -23.79 25.53 -4.61
C THR D 594 -22.94 25.65 -5.86
N LEU D 595 -23.55 25.47 -7.03
CA LEU D 595 -22.78 25.45 -8.28
C LEU D 595 -22.23 26.83 -8.62
N ARG D 596 -23.02 27.88 -8.45
CA ARG D 596 -22.65 29.19 -8.95
C ARG D 596 -22.07 30.12 -7.88
N SER D 597 -22.18 29.76 -6.59
CA SER D 597 -21.75 30.71 -5.55
C SER D 597 -20.92 30.06 -4.45
N PHE D 598 -21.32 28.87 -3.98
CA PHE D 598 -20.71 28.27 -2.78
C PHE D 598 -20.32 26.83 -3.05
N PRO D 599 -19.26 26.59 -3.81
CA PRO D 599 -18.77 25.22 -4.00
C PRO D 599 -17.98 24.73 -2.80
N ASN D 600 -17.95 23.41 -2.63
CA ASN D 600 -17.16 22.83 -1.56
C ASN D 600 -16.55 21.48 -1.94
N LYS D 601 -16.72 21.04 -3.18
CA LYS D 601 -16.11 19.83 -3.69
C LYS D 601 -15.65 20.09 -5.12
N ILE D 602 -14.66 19.31 -5.55
CA ILE D 602 -14.13 19.46 -6.90
C ILE D 602 -15.21 19.25 -7.95
N ASP D 603 -16.19 18.38 -7.68
CA ASP D 603 -17.29 18.19 -8.61
C ASP D 603 -18.04 19.50 -8.87
N HIS D 604 -18.11 20.37 -7.87
CA HIS D 604 -18.80 21.64 -8.04
C HIS D 604 -18.02 22.57 -8.95
N THR D 605 -16.69 22.59 -8.82
CA THR D 605 -15.90 23.49 -9.66
C THR D 605 -15.78 22.96 -11.08
N ILE D 606 -15.72 21.63 -11.24
CA ILE D 606 -15.70 21.05 -12.57
C ILE D 606 -17.00 21.37 -13.33
N ALA D 607 -18.15 21.23 -12.66
CA ALA D 607 -19.41 21.55 -13.33
C ALA D 607 -19.50 23.04 -13.64
N TRP D 608 -18.99 23.88 -12.74
CA TRP D 608 -18.94 25.31 -13.02
C TRP D 608 -18.02 25.59 -14.21
N ALA D 609 -16.86 24.93 -14.26
CA ALA D 609 -15.92 25.14 -15.36
C ALA D 609 -16.47 24.63 -16.69
N LYS D 610 -17.22 23.53 -16.67
CA LYS D 610 -17.82 23.01 -17.89
C LYS D 610 -18.87 23.98 -18.43
N SER D 611 -19.67 24.56 -17.54
CA SER D 611 -20.63 25.57 -17.95
C SER D 611 -19.94 26.80 -18.51
N LEU D 612 -18.88 27.26 -17.85
CA LEU D 612 -18.14 28.41 -18.35
C LEU D 612 -17.53 28.11 -19.72
N PHE D 613 -16.97 26.91 -19.87
CA PHE D 613 -16.45 26.45 -21.16
C PHE D 613 -17.52 26.51 -22.24
N GLN D 614 -18.71 26.00 -21.95
CA GLN D 614 -19.77 25.99 -22.95
C GLN D 614 -20.21 27.41 -23.30
N GLY D 615 -20.31 28.29 -22.30
CA GLY D 615 -20.70 29.66 -22.58
C GLY D 615 -19.62 30.43 -23.33
N TYR D 616 -18.35 30.22 -22.97
CA TYR D 616 -17.25 30.94 -23.59
C TYR D 616 -17.14 30.62 -25.07
N PHE D 617 -17.10 29.33 -25.41
CA PHE D 617 -16.62 28.88 -26.71
C PHE D 617 -17.66 28.13 -27.53
N THR D 618 -18.90 28.01 -27.03
CA THR D 618 -19.94 27.34 -27.80
C THR D 618 -21.18 28.22 -27.92
N ASP D 619 -21.81 28.52 -26.77
CA ASP D 619 -23.08 29.26 -26.81
C ASP D 619 -22.88 30.67 -27.34
N SER D 620 -21.77 31.33 -26.96
CA SER D 620 -21.52 32.67 -27.45
C SER D 620 -21.32 32.68 -28.97
N ALA D 621 -20.66 31.65 -29.50
CA ALA D 621 -20.43 31.58 -30.94
C ALA D 621 -21.72 31.30 -31.70
N GLU D 622 -22.59 30.44 -31.15
CA GLU D 622 -23.84 30.13 -31.82
C GLU D 622 -24.79 31.33 -31.79
N ASN D 623 -24.75 32.10 -30.70
CA ASN D 623 -25.60 33.29 -30.63
C ASN D 623 -25.17 34.34 -31.64
N VAL D 624 -23.87 34.42 -31.95
CA VAL D 624 -23.42 35.36 -32.97
C VAL D 624 -23.87 34.90 -34.35
N ASN D 625 -23.77 33.59 -34.63
CA ASN D 625 -24.13 33.07 -35.93
C ASN D 625 -25.62 33.18 -36.19
N MET D 626 -26.44 32.99 -35.16
CA MET D 626 -27.87 33.18 -35.32
C MET D 626 -28.22 34.65 -35.51
N TYR D 627 -27.50 35.55 -34.84
CA TYR D 627 -27.77 36.97 -35.01
C TYR D 627 -27.42 37.47 -36.41
N LEU D 628 -26.41 36.87 -37.03
CA LEU D 628 -25.94 37.34 -38.33
C LEU D 628 -26.62 36.65 -39.51
N THR D 629 -27.42 35.61 -39.27
CA THR D 629 -28.07 34.86 -40.35
C THR D 629 -29.58 34.78 -40.23
N GLN D 630 -30.16 35.29 -39.15
CA GLN D 630 -31.61 35.25 -38.95
C GLN D 630 -32.13 36.66 -38.77
N PRO D 631 -33.04 37.14 -39.63
CA PRO D 631 -33.51 38.54 -39.50
C PRO D 631 -34.36 38.76 -38.26
N ASN D 632 -35.20 37.79 -37.89
CA ASN D 632 -36.10 37.93 -36.75
C ASN D 632 -35.46 37.50 -35.43
N PHE D 633 -34.14 37.39 -35.39
CA PHE D 633 -33.47 36.92 -34.17
C PHE D 633 -33.64 37.92 -33.04
N VAL D 634 -33.38 39.21 -33.31
CA VAL D 634 -33.46 40.21 -32.25
C VAL D 634 -34.91 40.38 -31.79
N GLU D 635 -35.85 40.38 -32.73
CA GLU D 635 -37.26 40.56 -32.37
C GLU D 635 -37.76 39.40 -31.51
N GLN D 636 -37.42 38.17 -31.89
CA GLN D 636 -37.91 37.02 -31.13
C GLN D 636 -37.20 36.88 -29.78
N THR D 637 -35.95 37.33 -29.69
CA THR D 637 -35.20 37.17 -28.45
C THR D 637 -35.73 38.08 -27.35
N LEU D 638 -36.21 39.28 -27.72
CA LEU D 638 -36.68 40.23 -26.71
C LEU D 638 -37.88 39.72 -25.93
N LYS D 639 -38.55 38.67 -26.42
CA LYS D 639 -39.61 38.02 -25.66
C LYS D 639 -39.46 36.50 -25.65
N GLN D 640 -38.29 35.98 -26.04
CA GLN D 640 -37.98 34.58 -25.84
C GLN D 640 -37.62 34.27 -24.39
N SER D 641 -37.38 35.31 -23.58
CA SER D 641 -37.37 35.27 -22.11
C SER D 641 -36.09 34.72 -21.50
N GLY D 642 -35.45 33.74 -22.14
CA GLY D 642 -34.29 33.09 -21.55
C GLY D 642 -33.07 33.98 -21.38
N ASP D 643 -33.05 34.76 -20.31
CA ASP D 643 -31.96 35.69 -20.01
C ASP D 643 -31.67 36.60 -21.21
N VAL D 644 -32.67 37.42 -21.52
CA VAL D 644 -32.57 38.30 -22.70
C VAL D 644 -31.42 39.29 -22.54
N LYS D 645 -31.15 39.73 -21.31
CA LYS D 645 -30.08 40.70 -21.09
C LYS D 645 -28.71 40.07 -21.37
N GLY D 646 -28.51 38.84 -20.92
CA GLY D 646 -27.20 38.21 -21.07
C GLY D 646 -26.87 37.80 -22.49
N VAL D 647 -27.88 37.40 -23.26
CA VAL D 647 -27.63 36.97 -24.64
C VAL D 647 -27.19 38.15 -25.49
N LEU D 648 -27.83 39.32 -25.31
CA LEU D 648 -27.46 40.49 -26.09
C LEU D 648 -26.06 40.99 -25.73
N GLU D 649 -25.70 40.91 -24.44
CA GLU D 649 -24.36 41.29 -24.03
C GLU D 649 -23.31 40.33 -24.57
N SER D 650 -23.66 39.04 -24.69
CA SER D 650 -22.73 38.07 -25.24
C SER D 650 -22.37 38.42 -26.68
N ILE D 651 -23.39 38.70 -27.50
CA ILE D 651 -23.14 39.06 -28.90
C ILE D 651 -22.39 40.37 -29.00
N SER D 652 -22.72 41.33 -28.13
CA SER D 652 -22.06 42.63 -28.17
C SER D 652 -20.57 42.50 -27.89
N ASP D 653 -20.21 41.79 -26.82
CA ASP D 653 -18.79 41.60 -26.52
C ASP D 653 -18.09 40.73 -27.56
N SER D 654 -18.78 39.73 -28.09
CA SER D 654 -18.16 38.85 -29.08
C SER D 654 -17.77 39.61 -30.35
N LEU D 655 -18.52 40.67 -30.69
CA LEU D 655 -18.28 41.44 -31.89
C LEU D 655 -17.58 42.76 -31.64
N SER D 656 -17.50 43.20 -30.38
CA SER D 656 -16.84 44.48 -30.08
C SER D 656 -15.33 44.32 -30.03
N SER D 657 -14.83 43.56 -29.06
CA SER D 657 -13.39 43.34 -28.92
C SER D 657 -12.97 42.11 -29.73
N LYS D 658 -13.11 42.23 -31.04
CA LYS D 658 -12.74 41.13 -31.93
C LYS D 658 -11.23 40.96 -31.93
N PRO D 659 -10.72 39.76 -31.64
CA PRO D 659 -9.27 39.56 -31.69
C PRO D 659 -8.77 39.55 -33.13
N HIS D 660 -7.62 40.16 -33.34
CA HIS D 660 -7.00 40.18 -34.66
C HIS D 660 -5.78 39.28 -34.76
N ASN D 661 -5.28 38.77 -33.64
CA ASN D 661 -4.12 37.89 -33.62
C ASN D 661 -4.19 37.04 -32.36
N PHE D 662 -3.21 36.14 -32.21
CA PHE D 662 -3.20 35.27 -31.05
C PHE D 662 -2.87 36.03 -29.77
N GLU D 663 -2.04 37.07 -29.88
CA GLU D 663 -1.73 37.90 -28.71
C GLU D 663 -2.99 38.46 -28.07
N ASP D 664 -3.93 38.92 -28.90
CA ASP D 664 -5.22 39.39 -28.39
C ASP D 664 -5.98 38.29 -27.66
N CYS D 665 -5.83 37.04 -28.11
CA CYS D 665 -6.48 35.94 -27.42
C CYS D 665 -5.88 35.70 -26.05
N ILE D 666 -4.55 35.86 -25.92
CA ILE D 666 -3.91 35.72 -24.63
C ILE D 666 -4.38 36.81 -23.68
N LYS D 667 -4.48 38.05 -24.17
CA LYS D 667 -4.97 39.15 -23.34
C LYS D 667 -6.37 38.86 -22.83
N TRP D 668 -7.27 38.45 -23.73
CA TRP D 668 -8.64 38.14 -23.32
C TRP D 668 -8.66 37.07 -22.22
N ALA D 669 -7.89 35.99 -22.40
CA ALA D 669 -7.87 34.93 -21.39
C ALA D 669 -7.36 35.45 -20.06
N ARG D 670 -6.27 36.22 -20.07
CA ARG D 670 -5.74 36.79 -18.84
C ARG D 670 -6.75 37.71 -18.17
N LEU D 671 -7.45 38.54 -18.95
CA LEU D 671 -8.49 39.39 -18.39
C LEU D 671 -9.64 38.58 -17.81
N GLU D 672 -10.01 37.46 -18.46
CA GLU D 672 -11.05 36.62 -17.89
C GLU D 672 -10.60 35.99 -16.58
N PHE D 673 -9.32 35.58 -16.50
CA PHE D 673 -8.77 35.11 -15.24
C PHE D 673 -9.00 36.14 -14.14
N GLU D 674 -8.70 37.41 -14.41
CA GLU D 674 -8.87 38.45 -13.40
C GLU D 674 -10.33 38.63 -13.04
N LYS D 675 -11.22 38.62 -14.03
CA LYS D 675 -12.65 38.77 -13.75
C LYS D 675 -13.16 37.63 -12.87
N LYS D 676 -12.85 36.40 -13.25
CA LYS D 676 -13.51 35.23 -12.66
C LYS D 676 -12.91 34.82 -11.31
N PHE D 677 -11.61 34.98 -11.12
CA PHE D 677 -10.93 34.48 -9.93
C PHE D 677 -10.42 35.60 -9.03
N ASN D 678 -10.60 36.85 -9.41
CA ASN D 678 -10.20 37.96 -8.54
C ASN D 678 -11.35 38.93 -8.32
N HIS D 679 -11.85 39.57 -9.39
CA HIS D 679 -12.88 40.60 -9.23
C HIS D 679 -14.19 40.01 -8.71
N ASP D 680 -14.65 38.92 -9.31
CA ASP D 680 -15.90 38.29 -8.87
C ASP D 680 -15.80 37.80 -7.43
N ILE D 681 -14.61 37.33 -7.03
CA ILE D 681 -14.44 36.86 -5.66
C ILE D 681 -14.45 38.04 -4.70
N LYS D 682 -13.79 39.13 -5.06
CA LYS D 682 -13.85 40.33 -4.21
C LYS D 682 -15.26 40.88 -4.13
N GLN D 683 -16.03 40.83 -5.23
CA GLN D 683 -17.39 41.32 -5.18
C GLN D 683 -18.25 40.48 -4.24
N LEU D 684 -18.02 39.16 -4.22
CA LEU D 684 -18.76 38.30 -3.28
C LEU D 684 -18.36 38.60 -1.84
N LEU D 685 -17.06 38.80 -1.60
CA LEU D 685 -16.60 39.15 -0.25
C LEU D 685 -17.05 40.55 0.16
N PHE D 686 -17.31 41.43 -0.79
CA PHE D 686 -17.83 42.76 -0.45
C PHE D 686 -19.25 42.64 0.09
N ASN D 687 -20.06 41.74 -0.48
CA ASN D 687 -21.42 41.55 -0.02
C ASN D 687 -21.48 40.71 1.25
N PHE D 688 -20.77 39.58 1.25
CA PHE D 688 -20.68 38.68 2.41
C PHE D 688 -19.23 38.62 2.86
N PRO D 689 -18.81 39.52 3.75
CA PRO D 689 -17.42 39.50 4.21
C PRO D 689 -17.08 38.22 4.95
N LYS D 690 -15.78 37.96 5.07
CA LYS D 690 -15.30 36.77 5.76
C LYS D 690 -15.81 36.73 7.20
N ASP D 691 -15.96 37.87 7.83
CA ASP D 691 -16.51 37.98 9.18
C ASP D 691 -17.92 38.55 9.11
N ALA D 692 -18.84 37.75 8.61
CA ALA D 692 -20.23 38.16 8.45
C ALA D 692 -21.15 37.12 9.05
N LYS D 693 -22.32 37.57 9.49
CA LYS D 693 -23.31 36.71 10.12
C LYS D 693 -24.68 37.04 9.55
N THR D 694 -25.47 36.00 9.26
CA THR D 694 -26.79 36.17 8.69
C THR D 694 -27.80 35.28 9.40
N SER D 695 -29.02 35.78 9.55
CA SER D 695 -30.16 35.05 10.10
C SER D 695 -29.98 34.70 11.58
N ASN D 696 -28.77 34.83 12.09
CA ASN D 696 -28.44 34.44 13.45
C ASN D 696 -27.04 34.96 13.76
N GLY D 697 -26.62 34.80 15.01
CA GLY D 697 -25.25 35.11 15.40
C GLY D 697 -24.21 34.18 14.84
N GLU D 698 -24.61 33.15 14.09
CA GLU D 698 -23.69 32.21 13.49
C GLU D 698 -23.03 32.82 12.25
N PRO D 699 -21.77 32.48 11.98
CA PRO D 699 -21.10 33.05 10.81
C PRO D 699 -21.68 32.53 9.51
N PHE D 700 -21.67 33.41 8.50
CA PHE D 700 -22.22 33.05 7.19
C PHE D 700 -21.36 31.99 6.50
N TRP D 701 -20.03 32.13 6.58
CA TRP D 701 -19.10 31.21 5.93
C TRP D 701 -18.81 30.05 6.89
N SER D 702 -19.75 29.12 6.95
CA SER D 702 -19.62 27.94 7.79
C SER D 702 -20.22 26.74 7.10
N GLY D 703 -19.72 25.56 7.45
CA GLY D 703 -20.27 24.34 6.90
C GLY D 703 -19.94 24.22 5.44
N ALA D 704 -20.97 24.07 4.60
CA ALA D 704 -20.79 23.91 3.17
C ALA D 704 -20.37 25.19 2.47
N LYS D 705 -20.39 26.32 3.16
CA LYS D 705 -19.95 27.60 2.61
C LYS D 705 -18.52 27.85 3.05
N ARG D 706 -17.60 27.85 2.09
CA ARG D 706 -16.18 28.08 2.33
C ARG D 706 -15.82 29.48 1.87
N ALA D 707 -15.26 30.27 2.77
CA ALA D 707 -14.90 31.65 2.47
C ALA D 707 -13.81 31.70 1.40
N PRO D 708 -14.07 32.29 0.24
CA PRO D 708 -13.08 32.29 -0.84
C PRO D 708 -12.02 33.36 -0.62
N THR D 709 -10.92 33.21 -1.35
CA THR D 709 -9.84 34.18 -1.40
C THR D 709 -9.55 34.49 -2.86
N PRO D 710 -9.40 35.76 -3.23
CA PRO D 710 -9.06 36.09 -4.62
C PRO D 710 -7.68 35.57 -4.99
N LEU D 711 -7.51 35.29 -6.28
CA LEU D 711 -6.25 34.77 -6.80
C LEU D 711 -5.41 35.91 -7.38
N GLU D 712 -4.11 35.88 -7.11
CA GLU D 712 -3.14 36.74 -7.76
C GLU D 712 -2.45 35.93 -8.84
N PHE D 713 -2.67 36.32 -10.10
CA PHE D 713 -2.19 35.52 -11.22
C PHE D 713 -0.70 35.26 -11.10
N ASP D 714 -0.33 33.99 -11.23
CA ASP D 714 1.07 33.55 -11.15
C ASP D 714 1.31 32.61 -12.32
N ILE D 715 2.13 33.05 -13.28
CA ILE D 715 2.39 32.24 -14.48
C ILE D 715 3.04 30.92 -14.10
N TYR D 716 3.68 30.84 -12.94
CA TYR D 716 4.31 29.59 -12.52
C TYR D 716 3.33 28.62 -11.86
N ASN D 717 2.13 29.07 -11.52
CA ASN D 717 1.09 28.16 -11.04
C ASN D 717 0.49 27.43 -12.24
N ASN D 718 0.54 26.09 -12.21
CA ASN D 718 0.18 25.30 -13.39
C ASN D 718 -1.24 25.59 -13.85
N ASP D 719 -2.16 25.81 -12.88
CA ASP D 719 -3.56 26.04 -13.24
C ASP D 719 -3.76 27.43 -13.84
N HIS D 720 -3.09 28.45 -13.30
CA HIS D 720 -3.20 29.79 -13.89
C HIS D 720 -2.67 29.79 -15.32
N PHE D 721 -1.51 29.16 -15.54
CA PHE D 721 -0.90 29.16 -16.87
C PHE D 721 -1.78 28.45 -17.89
N HIS D 722 -2.26 27.24 -17.55
CA HIS D 722 -3.05 26.50 -18.53
C HIS D 722 -4.42 27.11 -18.77
N PHE D 723 -4.97 27.82 -17.78
CA PHE D 723 -6.20 28.57 -18.04
C PHE D 723 -6.01 29.55 -19.19
N VAL D 724 -4.89 30.27 -19.19
CA VAL D 724 -4.65 31.26 -20.24
C VAL D 724 -4.33 30.57 -21.56
N VAL D 725 -3.47 29.54 -21.51
CA VAL D 725 -3.13 28.81 -22.72
C VAL D 725 -4.37 28.23 -23.38
N ALA D 726 -5.18 27.49 -22.61
CA ALA D 726 -6.35 26.85 -23.22
C ALA D 726 -7.40 27.89 -23.59
N GLY D 727 -7.66 28.85 -22.70
CA GLY D 727 -8.62 29.90 -23.01
C GLY D 727 -8.25 30.70 -24.25
N ALA D 728 -6.95 31.03 -24.41
CA ALA D 728 -6.54 31.77 -25.59
C ALA D 728 -6.69 30.92 -26.84
N SER D 729 -6.31 29.64 -26.77
CA SER D 729 -6.37 28.76 -27.93
C SER D 729 -7.82 28.49 -28.35
N LEU D 730 -8.72 28.34 -27.37
CA LEU D 730 -10.11 28.10 -27.70
C LEU D 730 -10.77 29.35 -28.27
N ARG D 731 -10.41 30.53 -27.77
CA ARG D 731 -10.93 31.77 -28.35
C ARG D 731 -10.43 31.97 -29.76
N ALA D 732 -9.14 31.68 -30.00
CA ALA D 732 -8.61 31.76 -31.36
C ALA D 732 -9.33 30.80 -32.29
N TYR D 733 -9.76 29.64 -31.77
CA TYR D 733 -10.51 28.70 -32.60
C TYR D 733 -11.84 29.30 -33.03
N ASN D 734 -12.53 29.98 -32.12
CA ASN D 734 -13.80 30.63 -32.46
C ASN D 734 -13.62 31.63 -33.59
N TYR D 735 -12.49 32.34 -33.62
CA TYR D 735 -12.27 33.42 -34.57
C TYR D 735 -11.35 33.02 -35.72
N GLY D 736 -11.03 31.74 -35.85
CA GLY D 736 -10.19 31.30 -36.96
C GLY D 736 -8.80 31.90 -36.95
N ILE D 737 -8.21 32.04 -35.78
CA ILE D 737 -6.86 32.58 -35.63
C ILE D 737 -5.91 31.41 -35.46
N LYS D 738 -4.91 31.33 -36.34
CA LYS D 738 -3.93 30.25 -36.27
C LYS D 738 -3.12 30.38 -34.98
N SER D 739 -3.24 29.38 -34.11
CA SER D 739 -2.73 29.50 -32.75
C SER D 739 -2.38 28.12 -32.20
N ASP D 740 -1.09 27.79 -32.24
CA ASP D 740 -0.54 26.61 -31.56
C ASP D 740 0.97 26.60 -31.66
N SER D 744 3.30 21.16 -30.85
CA SER D 744 3.92 22.43 -30.47
C SER D 744 3.47 22.85 -29.07
N LYS D 745 4.32 22.60 -28.07
CA LYS D 745 4.00 22.95 -26.70
C LYS D 745 4.17 24.46 -26.48
N PRO D 746 3.34 25.04 -25.62
CA PRO D 746 3.46 26.48 -25.36
C PRO D 746 4.62 26.81 -24.44
N ASN D 747 5.28 27.93 -24.73
CA ASN D 747 6.41 28.40 -23.94
C ASN D 747 5.95 29.45 -22.95
N VAL D 748 6.43 29.33 -21.71
CA VAL D 748 5.99 30.23 -20.65
C VAL D 748 6.47 31.65 -20.92
N ASP D 749 7.75 31.80 -21.31
CA ASP D 749 8.31 33.13 -21.50
C ASP D 749 7.61 33.88 -22.63
N GLU D 750 7.08 33.15 -23.62
CA GLU D 750 6.32 33.81 -24.69
C GLU D 750 4.97 34.31 -24.18
N TYR D 751 4.29 33.49 -23.36
CA TYR D 751 3.08 33.96 -22.70
C TYR D 751 3.40 35.01 -21.64
N LYS D 752 4.48 34.81 -20.89
CA LYS D 752 4.84 35.77 -19.86
C LYS D 752 5.16 37.13 -20.46
N SER D 753 5.77 37.15 -21.65
CA SER D 753 6.08 38.42 -22.30
C SER D 753 4.81 39.20 -22.60
N VAL D 754 3.76 38.53 -23.08
CA VAL D 754 2.52 39.21 -23.38
C VAL D 754 1.85 39.71 -22.10
N ILE D 755 1.77 38.84 -21.08
CA ILE D 755 1.04 39.18 -19.87
C ILE D 755 1.74 40.28 -19.09
N ASP D 756 3.08 40.27 -19.08
CA ASP D 756 3.81 41.31 -18.36
C ASP D 756 3.61 42.70 -18.97
N HIS D 757 3.24 42.78 -20.24
CA HIS D 757 2.99 44.07 -20.90
C HIS D 757 1.55 44.54 -20.76
N MET D 758 0.69 43.77 -20.10
CA MET D 758 -0.70 44.17 -19.91
C MET D 758 -0.85 45.03 -18.67
N ILE D 759 -1.81 45.94 -18.72
CA ILE D 759 -2.22 46.72 -17.56
C ILE D 759 -3.50 46.10 -17.04
N ILE D 760 -3.40 45.44 -15.88
CA ILE D 760 -4.54 44.74 -15.30
C ILE D 760 -5.42 45.74 -14.56
N PRO D 761 -6.68 45.89 -14.95
CA PRO D 761 -7.56 46.84 -14.25
C PRO D 761 -7.78 46.44 -12.80
N GLU D 762 -7.89 47.44 -11.93
CA GLU D 762 -8.13 47.20 -10.52
C GLU D 762 -9.60 46.92 -10.27
N PHE D 763 -9.89 46.38 -9.09
CA PHE D 763 -11.26 46.05 -8.70
C PHE D 763 -11.95 47.26 -8.08
N THR D 764 -13.20 47.48 -8.49
CA THR D 764 -14.05 48.51 -7.89
C THR D 764 -15.42 47.88 -7.67
N PRO D 765 -15.92 47.84 -6.44
CA PRO D 765 -17.23 47.21 -6.20
C PRO D 765 -18.37 48.03 -6.79
N ASN D 766 -19.40 47.33 -7.26
CA ASN D 766 -20.58 47.99 -7.81
C ASN D 766 -21.61 48.29 -6.74
N ILE D 791 -31.88 48.86 -21.99
CA ILE D 791 -31.84 47.69 -22.85
C ILE D 791 -31.50 48.08 -24.28
N ASP D 792 -32.31 48.98 -24.85
CA ASP D 792 -32.13 49.37 -26.25
C ASP D 792 -30.79 50.06 -26.49
N GLN D 793 -30.11 50.51 -25.43
CA GLN D 793 -28.80 51.11 -25.60
C GLN D 793 -27.78 50.10 -26.10
N LEU D 794 -27.97 48.82 -25.81
CA LEU D 794 -27.08 47.78 -26.28
C LEU D 794 -27.61 47.02 -27.50
N VAL D 795 -28.93 46.92 -27.66
CA VAL D 795 -29.47 46.27 -28.85
C VAL D 795 -29.26 47.12 -30.09
N SER D 796 -29.05 48.43 -29.92
CA SER D 796 -28.76 49.31 -31.04
C SER D 796 -27.27 49.45 -31.30
N SER D 797 -26.43 49.19 -30.29
CA SER D 797 -24.99 49.21 -30.48
C SER D 797 -24.48 47.98 -31.23
N LEU D 798 -25.32 46.97 -31.42
CA LEU D 798 -24.91 45.81 -32.19
C LEU D 798 -24.66 46.21 -33.64
N PRO D 799 -23.60 45.69 -34.27
CA PRO D 799 -23.36 46.00 -35.68
C PRO D 799 -24.41 45.36 -36.57
N ASP D 800 -24.67 45.99 -37.71
CA ASP D 800 -25.65 45.46 -38.63
C ASP D 800 -25.13 44.16 -39.25
N PRO D 801 -25.98 43.14 -39.36
CA PRO D 801 -25.54 41.86 -39.95
C PRO D 801 -25.07 41.99 -41.39
N SER D 802 -25.46 43.04 -42.11
CA SER D 802 -24.97 43.24 -43.46
C SER D 802 -23.47 43.52 -43.48
N THR D 803 -22.93 44.05 -42.38
CA THR D 803 -21.49 44.29 -42.30
C THR D 803 -20.71 42.97 -42.19
N LEU D 804 -21.31 41.95 -41.59
CA LEU D 804 -20.63 40.68 -41.39
C LEU D 804 -21.32 39.57 -42.16
N ALA D 805 -21.51 39.77 -43.46
CA ALA D 805 -22.26 38.80 -44.26
C ALA D 805 -21.54 37.46 -44.36
N GLY D 806 -20.22 37.46 -44.30
CA GLY D 806 -19.47 36.22 -44.44
C GLY D 806 -18.71 35.87 -43.18
N PHE D 807 -18.94 36.64 -42.12
CA PHE D 807 -18.24 36.43 -40.85
C PHE D 807 -19.03 35.48 -39.97
N LYS D 808 -18.38 34.41 -39.54
CA LYS D 808 -19.00 33.46 -38.63
C LYS D 808 -17.97 33.00 -37.60
N LEU D 809 -18.47 32.64 -36.43
CA LEU D 809 -17.64 32.07 -35.38
C LEU D 809 -17.77 30.55 -35.41
N GLU D 810 -16.66 29.86 -35.15
CA GLU D 810 -16.65 28.40 -35.14
C GLU D 810 -16.96 27.91 -33.73
N PRO D 811 -18.17 27.43 -33.46
CA PRO D 811 -18.47 26.97 -32.09
C PRO D 811 -17.70 25.69 -31.79
N VAL D 812 -17.28 25.58 -30.54
CA VAL D 812 -16.54 24.41 -30.10
C VAL D 812 -17.53 23.29 -29.79
N ASP D 813 -17.21 22.09 -30.24
CA ASP D 813 -17.97 20.89 -29.90
C ASP D 813 -17.14 20.07 -28.91
N PHE D 814 -17.63 19.96 -27.67
CA PHE D 814 -16.86 19.31 -26.61
C PHE D 814 -16.46 17.90 -27.00
N GLU D 815 -15.17 17.63 -26.91
CA GLU D 815 -14.62 16.31 -27.21
C GLU D 815 -13.61 15.96 -26.12
N LYS D 816 -13.99 15.02 -25.25
CA LYS D 816 -13.19 14.68 -24.08
C LYS D 816 -12.01 13.76 -24.38
N ASP D 817 -11.99 13.09 -25.53
CA ASP D 817 -10.99 12.08 -25.80
C ASP D 817 -9.94 12.53 -26.82
N ASP D 818 -9.76 13.84 -27.00
CA ASP D 818 -8.72 14.38 -27.87
C ASP D 818 -7.84 15.30 -27.02
N ASP D 819 -6.66 14.83 -26.64
CA ASP D 819 -5.81 15.57 -25.72
C ASP D 819 -5.12 16.76 -26.35
N THR D 820 -5.40 17.08 -27.61
CA THR D 820 -4.79 18.23 -28.29
C THR D 820 -5.73 19.39 -28.50
N ASN D 821 -7.03 19.23 -28.23
CA ASN D 821 -8.00 20.27 -28.52
C ASN D 821 -8.16 21.29 -27.39
N HIS D 822 -7.44 21.14 -26.29
CA HIS D 822 -7.43 22.05 -25.14
C HIS D 822 -8.72 22.02 -24.33
N HIS D 823 -9.62 21.08 -24.61
CA HIS D 823 -10.91 21.07 -23.91
C HIS D 823 -10.75 20.68 -22.44
N ILE D 824 -10.24 19.48 -22.19
CA ILE D 824 -10.02 19.05 -20.81
C ILE D 824 -8.99 19.96 -20.14
N GLU D 825 -7.99 20.42 -20.89
CA GLU D 825 -7.02 21.35 -20.33
C GLU D 825 -7.70 22.58 -19.75
N PHE D 826 -8.62 23.19 -20.50
CA PHE D 826 -9.33 24.36 -20.00
C PHE D 826 -10.18 24.03 -18.79
N ILE D 827 -10.98 22.95 -18.87
CA ILE D 827 -11.89 22.62 -17.79
C ILE D 827 -11.11 22.31 -16.51
N THR D 828 -10.03 21.53 -16.63
CA THR D 828 -9.20 21.24 -15.47
C THR D 828 -8.64 22.52 -14.86
N ALA D 829 -8.09 23.41 -15.68
CA ALA D 829 -7.44 24.61 -15.18
C ALA D 829 -8.46 25.60 -14.63
N CYS D 830 -9.58 25.77 -15.34
CA CYS D 830 -10.63 26.66 -14.86
C CYS D 830 -11.21 26.14 -13.55
N SER D 831 -11.50 24.84 -13.47
CA SER D 831 -11.98 24.23 -12.24
C SER D 831 -10.97 24.40 -11.10
N ASN D 832 -9.70 24.10 -11.34
CA ASN D 832 -8.72 24.16 -10.27
C ASN D 832 -8.50 25.59 -9.78
N CYS D 833 -8.61 26.59 -10.68
CA CYS D 833 -8.51 27.98 -10.23
C CYS D 833 -9.65 28.33 -9.29
N ARG D 834 -10.87 27.92 -9.62
CA ARG D 834 -11.97 28.13 -8.69
C ARG D 834 -11.76 27.33 -7.41
N ALA D 835 -11.19 26.12 -7.51
CA ALA D 835 -10.89 25.35 -6.31
C ALA D 835 -9.87 26.06 -5.44
N GLN D 836 -8.87 26.69 -6.06
CA GLN D 836 -7.93 27.51 -5.30
C GLN D 836 -8.67 28.64 -4.58
N ASN D 837 -9.63 29.29 -5.25
CA ASN D 837 -10.43 30.33 -4.61
C ASN D 837 -11.06 29.83 -3.31
N TYR D 838 -11.71 28.67 -3.36
CA TYR D 838 -12.51 28.18 -2.25
C TYR D 838 -11.77 27.15 -1.40
N PHE D 839 -10.44 27.07 -1.53
CA PHE D 839 -9.62 26.16 -0.74
C PHE D 839 -10.06 24.72 -0.91
N ILE D 840 -10.37 24.34 -2.14
CA ILE D 840 -10.73 22.97 -2.48
C ILE D 840 -9.51 22.32 -3.12
N GLU D 841 -9.26 21.07 -2.77
CA GLU D 841 -8.14 20.32 -3.32
C GLU D 841 -8.30 20.18 -4.84
N THR D 842 -7.30 20.68 -5.58
CA THR D 842 -7.33 20.60 -7.04
C THR D 842 -7.21 19.15 -7.49
N ALA D 843 -7.61 18.91 -8.75
CA ALA D 843 -7.62 17.59 -9.35
C ALA D 843 -6.88 17.59 -10.67
N ASP D 844 -6.35 16.43 -11.06
CA ASP D 844 -5.60 16.31 -12.31
C ASP D 844 -6.57 16.18 -13.49
N ARG D 845 -6.00 16.06 -14.70
CA ARG D 845 -6.82 16.02 -15.91
C ARG D 845 -7.62 14.72 -16.00
N GLN D 846 -7.05 13.60 -15.55
CA GLN D 846 -7.76 12.32 -15.54
C GLN D 846 -9.05 12.41 -14.73
N LYS D 847 -8.95 12.87 -13.48
CA LYS D 847 -10.15 12.97 -12.65
C LYS D 847 -11.15 13.97 -13.22
N THR D 848 -10.64 15.10 -13.73
CA THR D 848 -11.52 16.11 -14.32
C THR D 848 -12.23 15.56 -15.54
N LYS D 849 -11.49 14.88 -16.42
CA LYS D 849 -12.09 14.23 -17.58
C LYS D 849 -13.18 13.25 -17.17
N PHE D 850 -12.96 12.50 -16.09
CA PHE D 850 -13.93 11.53 -15.62
C PHE D 850 -15.24 12.20 -15.22
N ILE D 851 -15.16 13.33 -14.51
CA ILE D 851 -16.35 14.01 -14.04
C ILE D 851 -16.99 14.83 -15.15
N ALA D 852 -16.19 15.63 -15.87
CA ALA D 852 -16.73 16.50 -16.91
C ALA D 852 -17.28 15.71 -18.09
N GLY D 853 -16.62 14.62 -18.45
CA GLY D 853 -17.03 13.81 -19.57
C GLY D 853 -17.99 12.70 -19.21
N ARG D 854 -18.36 12.59 -17.93
CA ARG D 854 -19.31 11.60 -17.47
C ARG D 854 -18.91 10.20 -17.94
N ILE D 855 -17.63 9.88 -17.80
CA ILE D 855 -17.12 8.61 -18.32
C ILE D 855 -17.56 7.49 -17.40
N ILE D 856 -18.05 6.40 -17.99
CA ILE D 856 -18.46 5.22 -17.23
C ILE D 856 -17.25 4.30 -17.13
N PRO D 857 -16.74 4.03 -15.92
CA PRO D 857 -15.67 3.03 -15.78
C PRO D 857 -16.09 1.71 -16.40
N ALA D 858 -15.14 1.06 -17.07
CA ALA D 858 -15.46 -0.15 -17.82
C ALA D 858 -14.21 -1.02 -17.97
N ILE D 859 -14.42 -2.33 -17.93
CA ILE D 859 -13.34 -3.31 -18.06
C ILE D 859 -13.90 -4.54 -18.77
N ALA D 860 -13.04 -5.25 -19.49
CA ALA D 860 -13.51 -6.35 -20.34
C ALA D 860 -14.01 -7.53 -19.53
N THR D 861 -13.43 -7.77 -18.35
CA THR D 861 -13.83 -8.91 -17.52
C THR D 861 -15.32 -8.88 -17.22
N THR D 862 -15.80 -7.76 -16.67
CA THR D 862 -17.21 -7.65 -16.29
C THR D 862 -18.11 -7.73 -17.51
N THR D 863 -17.69 -7.10 -18.62
CA THR D 863 -18.45 -7.14 -19.86
C THR D 863 -18.66 -8.58 -20.35
N SER D 864 -17.58 -9.39 -20.32
CA SER D 864 -17.70 -10.76 -20.81
C SER D 864 -18.61 -11.59 -19.92
N LEU D 865 -18.47 -11.42 -18.60
CA LEU D 865 -19.27 -12.21 -17.67
C LEU D 865 -20.76 -11.89 -17.80
N VAL D 866 -21.09 -10.60 -17.80
CA VAL D 866 -22.50 -10.20 -17.91
C VAL D 866 -23.09 -10.67 -19.22
N THR D 867 -22.31 -10.62 -20.30
CA THR D 867 -22.79 -11.11 -21.58
C THR D 867 -23.04 -12.60 -21.53
N GLY D 868 -22.18 -13.34 -20.82
CA GLY D 868 -22.41 -14.77 -20.63
C GLY D 868 -23.73 -15.07 -19.96
N LEU D 869 -24.01 -14.37 -18.85
CA LEU D 869 -25.28 -14.54 -18.17
C LEU D 869 -26.46 -14.25 -19.09
N VAL D 870 -26.35 -13.20 -19.92
CA VAL D 870 -27.42 -12.89 -20.85
C VAL D 870 -27.69 -14.06 -21.78
N ASN D 871 -26.64 -14.71 -22.27
CA ASN D 871 -26.81 -15.80 -23.23
C ASN D 871 -27.29 -17.08 -22.56
N LEU D 872 -27.20 -17.18 -21.24
CA LEU D 872 -27.85 -18.29 -20.54
C LEU D 872 -29.36 -18.07 -20.41
N GLU D 873 -29.80 -16.81 -20.27
CA GLU D 873 -31.24 -16.51 -20.31
C GLU D 873 -31.80 -16.59 -21.73
N LEU D 874 -30.95 -16.31 -22.72
CA LEU D 874 -31.38 -16.42 -24.12
C LEU D 874 -31.94 -17.81 -24.42
N TYR D 875 -31.32 -18.85 -23.86
CA TYR D 875 -31.82 -20.21 -24.10
C TYR D 875 -33.30 -20.33 -23.72
N LYS D 876 -33.71 -19.63 -22.65
CA LYS D 876 -35.08 -19.74 -22.18
C LYS D 876 -36.07 -19.08 -23.14
N LEU D 877 -35.62 -18.06 -23.88
CA LEU D 877 -36.46 -17.49 -24.92
C LEU D 877 -36.69 -18.46 -26.06
N ILE D 878 -35.64 -19.20 -26.45
CA ILE D 878 -35.75 -20.18 -27.52
C ILE D 878 -36.75 -21.27 -27.18
N ASP D 879 -36.87 -21.60 -25.89
CA ASP D 879 -37.85 -22.59 -25.46
C ASP D 879 -39.22 -21.97 -25.18
N ASN D 880 -39.37 -20.65 -25.32
CA ASN D 880 -40.63 -19.96 -25.06
C ASN D 880 -41.18 -20.31 -23.68
N LYS D 881 -40.32 -20.21 -22.66
CA LYS D 881 -40.73 -20.59 -21.32
C LYS D 881 -41.78 -19.61 -20.79
N THR D 882 -42.85 -20.16 -20.24
CA THR D 882 -43.92 -19.36 -19.66
C THR D 882 -43.90 -19.37 -18.14
N ASP D 883 -43.09 -20.21 -17.52
CA ASP D 883 -42.95 -20.23 -16.07
C ASP D 883 -41.98 -19.15 -15.65
N ILE D 884 -42.48 -18.14 -14.92
CA ILE D 884 -41.64 -17.01 -14.55
C ILE D 884 -40.49 -17.46 -13.64
N GLU D 885 -40.68 -18.55 -12.89
CA GLU D 885 -39.66 -19.02 -11.97
C GLU D 885 -38.43 -19.61 -12.68
N GLN D 886 -38.52 -19.88 -13.98
CA GLN D 886 -37.37 -20.38 -14.71
C GLN D 886 -36.40 -19.27 -15.08
N TYR D 887 -36.89 -18.04 -15.21
CA TYR D 887 -36.06 -16.91 -15.58
C TYR D 887 -35.35 -16.33 -14.33
N LYS D 888 -34.22 -15.68 -14.59
CA LYS D 888 -33.42 -15.08 -13.53
C LYS D 888 -32.86 -13.74 -13.98
N ASN D 889 -33.04 -12.73 -13.13
CA ASN D 889 -32.32 -11.46 -13.26
C ASN D 889 -31.01 -11.57 -12.51
N GLY D 890 -29.95 -11.00 -13.09
CA GLY D 890 -28.60 -11.15 -12.57
C GLY D 890 -28.07 -9.86 -11.99
N PHE D 891 -27.27 -9.99 -10.93
CA PHE D 891 -26.59 -8.86 -10.29
C PHE D 891 -25.23 -9.35 -9.84
N VAL D 892 -24.16 -8.68 -10.28
CA VAL D 892 -22.82 -9.12 -9.95
C VAL D 892 -21.98 -7.92 -9.51
N ASN D 893 -20.99 -8.20 -8.66
CA ASN D 893 -19.87 -7.29 -8.43
C ASN D 893 -18.62 -8.15 -8.31
N LEU D 894 -17.83 -8.18 -9.40
CA LEU D 894 -16.63 -9.00 -9.43
C LEU D 894 -15.60 -8.57 -8.40
N ALA D 895 -15.74 -7.38 -7.82
CA ALA D 895 -14.78 -6.93 -6.83
C ALA D 895 -14.87 -7.72 -5.52
N LEU D 896 -16.05 -8.21 -5.18
CA LEU D 896 -16.27 -8.73 -3.82
C LEU D 896 -15.78 -10.17 -3.55
N PRO D 897 -16.01 -11.13 -4.47
CA PRO D 897 -16.88 -11.15 -5.64
C PRO D 897 -18.29 -11.56 -5.21
N PHE D 898 -19.31 -10.97 -5.82
CA PHE D 898 -20.69 -11.29 -5.47
C PHE D 898 -21.47 -11.60 -6.75
N PHE D 899 -22.29 -12.64 -6.66
CA PHE D 899 -23.22 -13.00 -7.72
C PHE D 899 -24.56 -13.30 -7.08
N GLY D 900 -25.60 -12.68 -7.60
CA GLY D 900 -26.94 -12.88 -7.07
C GLY D 900 -27.93 -12.90 -8.21
N PHE D 901 -28.99 -13.68 -8.02
CA PHE D 901 -30.01 -13.86 -9.04
C PHE D 901 -31.38 -13.79 -8.39
N SER D 902 -32.37 -13.30 -9.15
CA SER D 902 -33.71 -13.14 -8.62
C SER D 902 -34.73 -13.43 -9.70
N GLU D 903 -35.81 -14.12 -9.30
CA GLU D 903 -36.94 -14.33 -10.19
C GLU D 903 -37.50 -12.98 -10.62
N PRO D 904 -37.84 -12.82 -11.90
CA PRO D 904 -38.38 -11.53 -12.35
C PRO D 904 -39.71 -11.22 -11.65
N ILE D 905 -40.05 -9.93 -11.66
CA ILE D 905 -41.31 -9.47 -11.08
C ILE D 905 -42.41 -9.63 -12.11
N ALA D 906 -43.54 -10.19 -11.70
CA ALA D 906 -44.66 -10.34 -12.61
C ALA D 906 -45.24 -8.98 -12.98
N SER D 907 -45.77 -8.88 -14.20
CA SER D 907 -46.40 -7.66 -14.65
C SER D 907 -47.62 -7.36 -13.78
N PRO D 908 -47.75 -6.14 -13.26
CA PRO D 908 -48.91 -5.84 -12.40
C PRO D 908 -50.21 -5.95 -13.17
N LYS D 909 -51.28 -6.22 -12.42
CA LYS D 909 -52.62 -6.33 -12.98
C LYS D 909 -53.50 -5.22 -12.41
N GLY D 910 -54.49 -4.81 -13.22
CA GLY D 910 -55.44 -3.80 -12.81
C GLY D 910 -56.86 -4.25 -13.08
N GLU D 911 -57.80 -3.39 -12.67
CA GLU D 911 -59.22 -3.68 -12.83
C GLU D 911 -59.96 -2.41 -13.21
N TYR D 912 -60.90 -2.54 -14.15
CA TYR D 912 -61.85 -1.48 -14.49
C TYR D 912 -63.19 -2.14 -14.74
N ASN D 913 -64.21 -1.72 -14.00
CA ASN D 913 -65.54 -2.33 -14.06
C ASN D 913 -65.44 -3.84 -13.85
N ASN D 914 -64.68 -4.23 -12.84
CA ASN D 914 -64.42 -5.62 -12.47
C ASN D 914 -63.76 -6.42 -13.58
N LYS D 915 -63.26 -5.77 -14.63
CA LYS D 915 -62.59 -6.43 -15.74
C LYS D 915 -61.09 -6.32 -15.54
N LYS D 916 -60.41 -7.45 -15.37
CA LYS D 916 -58.99 -7.46 -15.05
C LYS D 916 -58.16 -7.44 -16.33
N TYR D 917 -57.01 -6.76 -16.27
CA TYR D 917 -56.14 -6.63 -17.42
C TYR D 917 -54.68 -6.56 -16.94
N ASP D 918 -53.77 -6.54 -17.90
CA ASP D 918 -52.32 -6.45 -17.65
C ASP D 918 -51.90 -4.98 -17.84
N LYS D 919 -51.54 -4.33 -16.74
CA LYS D 919 -51.22 -2.89 -16.75
C LYS D 919 -50.00 -2.55 -17.59
N ILE D 920 -49.35 -3.54 -18.22
CA ILE D 920 -48.17 -3.31 -19.04
C ILE D 920 -48.38 -3.80 -20.46
N TRP D 921 -48.77 -5.06 -20.62
CA TRP D 921 -48.79 -5.71 -21.93
C TRP D 921 -50.14 -5.65 -22.62
N ASP D 922 -51.20 -5.20 -21.95
CA ASP D 922 -52.52 -5.16 -22.56
C ASP D 922 -52.79 -3.81 -23.22
N ARG D 923 -53.65 -3.83 -24.24
CA ARG D 923 -53.96 -2.63 -25.01
C ARG D 923 -55.34 -2.79 -25.61
N PHE D 924 -55.84 -1.70 -26.19
CA PHE D 924 -57.09 -1.69 -26.94
C PHE D 924 -56.75 -1.61 -28.43
N ASP D 925 -57.02 -2.70 -29.15
CA ASP D 925 -56.77 -2.76 -30.59
C ASP D 925 -57.99 -2.24 -31.33
N ILE D 926 -57.77 -1.25 -32.20
CA ILE D 926 -58.83 -0.61 -32.97
C ILE D 926 -58.38 -0.50 -34.43
N LYS D 927 -59.21 -1.00 -35.34
CA LYS D 927 -58.89 -1.00 -36.76
C LYS D 927 -59.34 0.28 -37.43
N GLY D 928 -58.59 0.71 -38.44
CA GLY D 928 -58.97 1.84 -39.25
C GLY D 928 -58.80 3.19 -38.58
N ASP D 929 -58.74 4.25 -39.38
CA ASP D 929 -58.65 5.62 -38.88
C ASP D 929 -60.04 6.04 -38.40
N ILE D 930 -60.38 5.60 -37.19
CA ILE D 930 -61.72 5.82 -36.66
C ILE D 930 -61.89 7.29 -36.27
N LYS D 931 -63.10 7.80 -36.47
CA LYS D 931 -63.42 9.16 -36.06
C LYS D 931 -63.51 9.23 -34.54
N LEU D 932 -63.42 10.45 -34.01
CA LEU D 932 -63.38 10.64 -32.56
C LEU D 932 -64.72 10.26 -31.93
N SER D 933 -65.83 10.61 -32.57
CA SER D 933 -67.15 10.27 -32.03
C SER D 933 -67.30 8.75 -31.91
N ASP D 934 -67.01 8.02 -32.98
CA ASP D 934 -67.11 6.57 -32.95
C ASP D 934 -66.12 5.96 -31.96
N LEU D 935 -65.04 6.67 -31.64
CA LEU D 935 -64.08 6.17 -30.66
C LEU D 935 -64.69 6.15 -29.26
N ILE D 936 -65.24 7.28 -28.83
CA ILE D 936 -65.82 7.34 -27.48
C ILE D 936 -67.07 6.46 -27.41
N GLU D 937 -67.74 6.24 -28.54
CA GLU D 937 -68.98 5.46 -28.52
C GLU D 937 -68.70 4.00 -28.17
N HIS D 938 -67.64 3.42 -28.73
CA HIS D 938 -67.33 2.02 -28.44
C HIS D 938 -66.89 1.84 -27.00
N PHE D 939 -66.16 2.82 -26.45
CA PHE D 939 -65.68 2.70 -25.09
C PHE D 939 -66.80 2.80 -24.06
N GLU D 940 -67.94 3.40 -24.42
CA GLU D 940 -69.06 3.46 -23.49
C GLU D 940 -69.98 2.24 -23.60
N LYS D 941 -69.93 1.51 -24.70
CA LYS D 941 -70.77 0.33 -24.90
C LYS D 941 -69.98 -0.97 -24.82
N ASP D 942 -68.86 -1.07 -25.53
CA ASP D 942 -68.05 -2.29 -25.47
C ASP D 942 -67.34 -2.43 -24.14
N GLU D 943 -66.75 -1.33 -23.65
CA GLU D 943 -65.97 -1.36 -22.41
C GLU D 943 -66.66 -0.72 -21.23
N GLY D 944 -67.59 0.20 -21.46
CA GLY D 944 -68.22 0.92 -20.37
C GLY D 944 -67.34 1.96 -19.73
N LEU D 945 -66.61 2.73 -20.53
CA LEU D 945 -65.68 3.73 -20.03
C LEU D 945 -65.95 5.06 -20.71
N GLU D 946 -66.14 6.11 -19.91
CA GLU D 946 -66.36 7.45 -20.44
C GLU D 946 -65.00 8.12 -20.58
N ILE D 947 -64.51 8.21 -21.81
CA ILE D 947 -63.22 8.85 -22.06
C ILE D 947 -63.34 10.32 -21.69
N THR D 948 -62.57 10.75 -20.69
CA THR D 948 -62.56 12.14 -20.26
C THR D 948 -61.42 12.95 -20.87
N MET D 949 -60.26 12.36 -21.04
CA MET D 949 -59.13 13.03 -21.66
C MET D 949 -58.39 12.05 -22.56
N LEU D 950 -57.91 12.56 -23.69
CA LEU D 950 -57.21 11.73 -24.68
C LEU D 950 -55.98 12.49 -25.16
N SER D 951 -54.85 11.79 -25.23
CA SER D 951 -53.58 12.38 -25.59
C SER D 951 -52.86 11.51 -26.61
N TYR D 952 -52.11 12.16 -27.50
CA TYR D 952 -51.22 11.50 -28.46
C TYR D 952 -49.82 12.01 -28.18
N GLY D 953 -49.02 11.23 -27.47
CA GLY D 953 -47.71 11.70 -27.07
C GLY D 953 -47.81 12.80 -26.05
N VAL D 954 -47.22 13.96 -26.35
CA VAL D 954 -47.21 15.09 -25.42
C VAL D 954 -48.37 16.05 -25.67
N SER D 955 -49.25 15.75 -26.63
CA SER D 955 -50.31 16.67 -27.03
C SER D 955 -51.66 16.16 -26.52
N LEU D 956 -52.42 17.05 -25.89
CA LEU D 956 -53.78 16.76 -25.45
C LEU D 956 -54.73 16.99 -26.63
N LEU D 957 -55.46 15.94 -27.02
CA LEU D 957 -56.36 16.01 -28.17
C LEU D 957 -57.80 16.29 -27.77
N TYR D 958 -58.36 15.49 -26.87
CA TYR D 958 -59.73 15.63 -26.44
C TYR D 958 -59.82 15.79 -24.93
N ALA D 959 -60.78 16.58 -24.48
CA ALA D 959 -61.03 16.78 -23.06
C ALA D 959 -62.50 17.08 -22.86
N SER D 960 -63.10 16.48 -21.82
CA SER D 960 -64.52 16.69 -21.55
C SER D 960 -64.82 18.09 -21.08
N PHE D 961 -63.84 18.81 -20.54
CA PHE D 961 -64.04 20.17 -20.07
C PHE D 961 -63.75 21.22 -21.15
N PHE D 962 -63.54 20.81 -22.40
CA PHE D 962 -63.41 21.76 -23.48
C PHE D 962 -64.73 22.48 -23.71
N PRO D 963 -64.69 23.72 -24.20
CA PRO D 963 -65.94 24.44 -24.52
C PRO D 963 -66.67 23.76 -25.65
N PRO D 964 -67.98 24.01 -25.78
CA PRO D 964 -68.74 23.39 -26.90
C PRO D 964 -68.21 23.77 -28.27
N LYS D 965 -67.47 24.87 -28.39
CA LYS D 965 -66.92 25.25 -29.69
C LYS D 965 -65.81 24.31 -30.12
N LYS D 966 -64.85 24.04 -29.23
CA LYS D 966 -63.74 23.16 -29.56
C LYS D 966 -64.18 21.71 -29.66
N LEU D 967 -65.16 21.30 -28.85
CA LEU D 967 -65.66 19.92 -28.91
C LEU D 967 -66.33 19.63 -30.25
N LYS D 968 -67.01 20.62 -30.84
CA LYS D 968 -67.73 20.39 -32.09
C LYS D 968 -66.77 20.13 -33.24
N GLU D 969 -65.65 20.86 -33.28
CA GLU D 969 -64.71 20.70 -34.38
C GLU D 969 -63.84 19.45 -34.23
N ARG D 970 -63.41 19.16 -33.00
CA ARG D 970 -62.54 18.00 -32.79
C ARG D 970 -63.29 16.69 -32.93
N LEU D 971 -64.57 16.66 -32.55
CA LEU D 971 -65.36 15.44 -32.68
C LEU D 971 -65.63 15.14 -34.16
N ASN D 972 -65.94 13.87 -34.43
CA ASN D 972 -66.27 13.36 -35.77
C ASN D 972 -65.06 13.36 -36.70
N LEU D 973 -63.93 13.93 -36.24
CA LEU D 973 -62.72 13.91 -37.05
C LEU D 973 -61.96 12.60 -36.84
N PRO D 974 -61.39 12.03 -37.90
CA PRO D 974 -60.50 10.88 -37.72
C PRO D 974 -59.31 11.25 -36.84
N ILE D 975 -58.66 10.21 -36.30
CA ILE D 975 -57.56 10.42 -35.38
C ILE D 975 -56.44 11.20 -36.05
N THR D 976 -56.11 10.86 -37.30
CA THR D 976 -55.04 11.56 -38.00
C THR D 976 -55.39 13.02 -38.23
N GLN D 977 -56.63 13.30 -38.62
CA GLN D 977 -57.06 14.69 -38.79
C GLN D 977 -57.12 15.42 -37.46
N LEU D 978 -57.48 14.71 -36.38
CA LEU D 978 -57.48 15.33 -35.06
C LEU D 978 -56.08 15.76 -34.65
N VAL D 979 -55.05 14.96 -34.99
CA VAL D 979 -53.69 15.32 -34.64
C VAL D 979 -53.21 16.50 -35.46
N LYS D 980 -53.62 16.57 -36.74
CA LYS D 980 -53.26 17.72 -37.57
C LYS D 980 -53.86 19.01 -37.04
N LEU D 981 -55.03 18.93 -36.41
CA LEU D 981 -55.65 20.12 -35.83
C LEU D 981 -54.87 20.60 -34.61
N VAL D 982 -54.46 19.69 -33.74
CA VAL D 982 -53.84 20.06 -32.48
C VAL D 982 -52.36 20.35 -32.67
N THR D 983 -51.61 19.39 -33.18
CA THR D 983 -50.17 19.54 -33.34
C THR D 983 -49.79 20.43 -34.52
N LYS D 984 -50.74 20.81 -35.37
CA LYS D 984 -50.53 21.64 -36.55
C LYS D 984 -49.57 21.00 -37.55
N LYS D 985 -49.25 19.71 -37.38
CA LYS D 985 -48.44 18.97 -38.32
C LYS D 985 -49.14 17.67 -38.67
N ASP D 986 -48.78 17.10 -39.81
CA ASP D 986 -49.44 15.91 -40.32
C ASP D 986 -48.60 14.66 -40.01
N ILE D 987 -49.30 13.55 -39.82
CA ILE D 987 -48.64 12.27 -39.57
C ILE D 987 -47.94 11.80 -40.85
N PRO D 988 -46.66 11.46 -40.81
CA PRO D 988 -45.98 11.02 -42.04
C PRO D 988 -46.56 9.71 -42.56
N ALA D 989 -46.45 9.54 -43.88
CA ALA D 989 -47.08 8.40 -44.54
C ALA D 989 -46.50 7.05 -44.11
N HIS D 990 -45.25 7.03 -43.63
CA HIS D 990 -44.66 5.78 -43.22
C HIS D 990 -45.22 5.26 -41.90
N VAL D 991 -46.02 6.05 -41.19
CA VAL D 991 -46.58 5.63 -39.91
C VAL D 991 -47.82 4.79 -40.16
N SER D 992 -47.85 3.59 -39.60
CA SER D 992 -48.99 2.68 -39.77
C SER D 992 -49.78 2.45 -38.49
N THR D 993 -49.22 2.78 -37.32
CA THR D 993 -49.90 2.61 -36.04
C THR D 993 -49.68 3.84 -35.18
N MET D 994 -50.69 4.16 -34.38
CA MET D 994 -50.66 5.29 -33.46
C MET D 994 -51.04 4.83 -32.05
N ILE D 995 -50.36 5.39 -31.05
CA ILE D 995 -50.59 5.03 -29.65
C ILE D 995 -51.31 6.20 -28.98
N LEU D 996 -52.41 5.89 -28.29
CA LEU D 996 -53.21 6.89 -27.61
C LEU D 996 -53.38 6.49 -26.14
N GLU D 997 -53.21 7.45 -25.25
CA GLU D 997 -53.43 7.24 -23.82
C GLU D 997 -54.64 8.07 -23.40
N ILE D 998 -55.52 7.46 -22.61
CA ILE D 998 -56.79 8.08 -22.24
C ILE D 998 -56.98 8.02 -20.73
N CYS D 999 -57.78 8.96 -20.23
CA CYS D 999 -58.26 8.96 -18.85
C CYS D 999 -59.78 8.80 -18.90
N ALA D 1000 -60.28 7.71 -18.34
CA ALA D 1000 -61.69 7.37 -18.43
C ALA D 1000 -62.29 7.20 -17.04
N ASP D 1001 -63.62 7.29 -16.99
CA ASP D 1001 -64.37 7.06 -15.77
C ASP D 1001 -65.08 5.71 -15.84
N ASP D 1002 -65.15 5.03 -14.71
CA ASP D 1002 -65.82 3.73 -14.63
C ASP D 1002 -67.33 3.92 -14.66
N LYS D 1003 -68.08 2.82 -14.46
CA LYS D 1003 -69.54 2.91 -14.45
C LYS D 1003 -70.07 3.66 -13.23
N GLU D 1004 -69.23 3.93 -12.23
CA GLU D 1004 -69.61 4.73 -11.08
C GLU D 1004 -69.18 6.18 -11.19
N GLY D 1005 -68.71 6.61 -12.36
CA GLY D 1005 -68.30 7.99 -12.55
C GLY D 1005 -67.02 8.36 -11.83
N GLU D 1006 -66.06 7.44 -11.76
CA GLU D 1006 -64.80 7.67 -11.06
C GLU D 1006 -63.64 7.38 -11.99
N ASP D 1007 -62.65 8.28 -12.01
CA ASP D 1007 -61.48 8.10 -12.85
C ASP D 1007 -60.70 6.86 -12.43
N VAL D 1008 -60.46 5.96 -13.39
CA VAL D 1008 -59.76 4.71 -13.13
C VAL D 1008 -58.58 4.60 -14.09
N GLU D 1009 -57.75 3.58 -13.86
CA GLU D 1009 -56.59 3.30 -14.71
C GLU D 1009 -56.99 2.34 -15.83
N VAL D 1010 -56.64 2.70 -17.06
CA VAL D 1010 -57.01 1.92 -18.23
C VAL D 1010 -55.77 1.73 -19.10
N PRO D 1011 -55.75 0.67 -19.94
CA PRO D 1011 -54.63 0.51 -20.88
C PRO D 1011 -54.59 1.59 -21.94
N PHE D 1012 -53.54 1.60 -22.77
CA PHE D 1012 -53.47 2.53 -23.88
C PHE D 1012 -54.19 1.98 -25.11
N ILE D 1013 -54.33 2.82 -26.13
CA ILE D 1013 -55.04 2.49 -27.36
C ILE D 1013 -54.02 2.42 -28.50
N THR D 1014 -54.19 1.45 -29.38
CA THR D 1014 -53.39 1.35 -30.61
C THR D 1014 -54.33 1.46 -31.80
N ILE D 1015 -54.25 2.59 -32.51
CA ILE D 1015 -55.02 2.80 -33.73
C ILE D 1015 -54.28 2.12 -34.87
N HIS D 1016 -54.86 1.05 -35.42
CA HIS D 1016 -54.26 0.32 -36.52
C HIS D 1016 -54.75 0.94 -37.83
N LEU D 1017 -53.88 1.69 -38.48
CA LEU D 1017 -54.24 2.35 -39.74
C LEU D 1017 -54.25 1.36 -40.89
N ALA E 9 -36.89 -9.39 18.61
CA ALA E 9 -35.56 -8.89 18.23
C ALA E 9 -34.75 -9.97 17.51
N MET E 10 -34.39 -9.69 16.26
CA MET E 10 -33.62 -10.63 15.46
C MET E 10 -32.69 -9.85 14.55
N GLN E 11 -31.44 -10.31 14.46
CA GLN E 11 -30.39 -9.62 13.72
C GLN E 11 -30.28 -10.17 12.29
N ILE E 12 -30.39 -9.28 11.30
CA ILE E 12 -30.16 -9.62 9.92
C ILE E 12 -29.18 -8.62 9.33
N PHE E 13 -28.78 -8.87 8.09
CA PHE E 13 -27.81 -8.02 7.41
C PHE E 13 -28.36 -7.58 6.07
N VAL E 14 -28.00 -6.36 5.66
CA VAL E 14 -28.31 -5.84 4.35
C VAL E 14 -27.00 -5.44 3.70
N ARG E 15 -26.61 -6.18 2.66
CA ARG E 15 -25.34 -5.97 1.98
C ARG E 15 -25.59 -5.27 0.64
N THR E 16 -24.93 -4.13 0.44
CA THR E 16 -25.11 -3.41 -0.82
C THR E 16 -24.26 -4.05 -1.92
N LEU E 17 -24.59 -3.70 -3.17
CA LEU E 17 -23.84 -4.24 -4.30
C LEU E 17 -22.38 -3.78 -4.27
N THR E 18 -22.09 -2.66 -3.61
CA THR E 18 -20.73 -2.15 -3.48
C THR E 18 -19.97 -2.76 -2.30
N GLY E 19 -20.60 -3.59 -1.48
CA GLY E 19 -19.91 -4.28 -0.41
C GLY E 19 -20.21 -3.78 0.99
N ARG E 20 -20.89 -2.63 1.14
CA ARG E 20 -21.19 -2.12 2.46
C ARG E 20 -22.29 -2.94 3.12
N THR E 21 -22.19 -3.10 4.44
CA THR E 21 -23.09 -3.96 5.21
C THR E 21 -23.83 -3.14 6.25
N ILE E 22 -25.15 -3.30 6.30
CA ILE E 22 -26.01 -2.67 7.29
C ILE E 22 -26.56 -3.75 8.21
N THR E 23 -26.53 -3.50 9.51
CA THR E 23 -27.05 -4.42 10.50
C THR E 23 -28.36 -3.88 11.05
N LEU E 24 -29.36 -4.74 11.14
CA LEU E 24 -30.70 -4.33 11.60
C LEU E 24 -31.24 -5.35 12.57
N GLU E 25 -31.80 -4.87 13.68
CA GLU E 25 -32.55 -5.70 14.61
C GLU E 25 -34.01 -5.70 14.15
N VAL E 26 -34.48 -6.83 13.64
CA VAL E 26 -35.82 -6.91 13.07
C VAL E 26 -36.61 -7.99 13.78
N GLU E 27 -37.85 -8.21 13.33
CA GLU E 27 -38.68 -9.30 13.82
C GLU E 27 -39.34 -9.99 12.63
N SER E 28 -39.78 -11.22 12.86
CA SER E 28 -40.36 -12.01 11.77
C SER E 28 -41.63 -11.38 11.22
N SER E 29 -42.32 -10.55 12.00
CA SER E 29 -43.56 -9.92 11.57
C SER E 29 -43.34 -8.58 10.87
N ASP E 30 -42.10 -8.08 10.84
CA ASP E 30 -41.83 -6.81 10.19
C ASP E 30 -42.05 -6.92 8.68
N THR E 31 -42.70 -5.91 8.11
CA THR E 31 -43.01 -5.93 6.69
C THR E 31 -41.84 -5.43 5.87
N ILE E 32 -41.85 -5.78 4.59
CA ILE E 32 -40.80 -5.33 3.67
C ILE E 32 -40.82 -3.81 3.56
N ASP E 33 -42.01 -3.19 3.68
CA ASP E 33 -42.11 -1.75 3.58
C ASP E 33 -41.32 -1.05 4.70
N ASN E 34 -41.42 -1.57 5.92
CA ASN E 34 -40.63 -0.99 7.02
C ASN E 34 -39.15 -1.29 6.87
N VAL E 35 -38.80 -2.39 6.20
CA VAL E 35 -37.40 -2.67 5.93
C VAL E 35 -36.81 -1.61 5.01
N ARG E 36 -37.56 -1.23 3.97
CA ARG E 36 -37.09 -0.16 3.09
C ARG E 36 -36.96 1.16 3.83
N ALA E 37 -37.85 1.44 4.79
CA ALA E 37 -37.75 2.68 5.55
C ALA E 37 -36.50 2.69 6.41
N ARG E 38 -36.17 1.57 7.06
CA ARG E 38 -34.94 1.48 7.84
C ARG E 38 -33.71 1.64 6.96
N ILE E 39 -33.81 1.22 5.69
CA ILE E 39 -32.68 1.40 4.76
C ILE E 39 -32.59 2.85 4.33
N GLN E 40 -33.73 3.50 4.11
CA GLN E 40 -33.72 4.91 3.73
C GLN E 40 -33.16 5.79 4.84
N ASP E 41 -33.31 5.39 6.09
CA ASP E 41 -32.75 6.17 7.19
C ASP E 41 -31.23 6.08 7.20
N ARG E 42 -30.68 4.92 6.88
CA ARG E 42 -29.24 4.71 6.97
C ARG E 42 -28.52 5.22 5.71
N GLU E 43 -29.05 4.92 4.53
CA GLU E 43 -28.38 5.24 3.28
C GLU E 43 -29.02 6.40 2.51
N GLY E 44 -30.26 6.76 2.81
CA GLY E 44 -30.92 7.84 2.11
C GLY E 44 -31.45 7.51 0.74
N ILE E 45 -31.53 6.22 0.39
CA ILE E 45 -32.06 5.81 -0.91
C ILE E 45 -33.56 5.60 -0.77
N PRO E 46 -34.38 6.20 -1.64
CA PRO E 46 -35.83 6.06 -1.50
C PRO E 46 -36.27 4.61 -1.71
N PRO E 47 -37.38 4.19 -1.10
CA PRO E 47 -37.83 2.80 -1.28
C PRO E 47 -38.16 2.46 -2.72
N ASP E 48 -38.60 3.43 -3.52
CA ASP E 48 -38.90 3.18 -4.93
C ASP E 48 -37.65 2.75 -5.71
N GLN E 49 -36.46 3.14 -5.24
CA GLN E 49 -35.23 2.83 -5.95
C GLN E 49 -34.49 1.65 -5.36
N GLN E 50 -35.03 1.03 -4.31
CA GLN E 50 -34.37 -0.10 -3.65
C GLN E 50 -34.80 -1.42 -4.29
N ARG E 51 -33.82 -2.26 -4.60
CA ARG E 51 -34.05 -3.63 -5.05
C ARG E 51 -33.41 -4.57 -4.04
N LEU E 52 -34.24 -5.32 -3.32
CA LEU E 52 -33.78 -6.26 -2.31
C LEU E 52 -34.00 -7.67 -2.82
N ILE E 53 -32.93 -8.47 -2.86
CA ILE E 53 -33.03 -9.86 -3.26
C ILE E 53 -32.58 -10.74 -2.11
N PHE E 54 -33.18 -11.94 -2.03
CA PHE E 54 -32.81 -12.93 -1.03
C PHE E 54 -33.24 -14.30 -1.50
N ALA E 55 -32.29 -15.24 -1.54
CA ALA E 55 -32.60 -16.64 -1.82
C ALA E 55 -33.35 -16.81 -3.14
N GLY E 56 -32.95 -16.04 -4.15
CA GLY E 56 -33.52 -16.18 -5.48
C GLY E 56 -34.80 -15.42 -5.74
N ARG E 57 -35.29 -14.63 -4.78
CA ARG E 57 -36.50 -13.83 -4.95
C ARG E 57 -36.18 -12.37 -4.70
N GLN E 58 -36.93 -11.50 -5.38
CA GLN E 58 -36.90 -10.06 -5.13
C GLN E 58 -38.01 -9.72 -4.15
N LEU E 59 -37.66 -9.11 -3.03
CA LEU E 59 -38.64 -8.84 -1.99
C LEU E 59 -39.62 -7.75 -2.45
N GLU E 60 -40.91 -8.04 -2.32
CA GLU E 60 -41.96 -7.12 -2.75
C GLU E 60 -42.73 -6.57 -1.56
N ASP E 61 -43.35 -5.41 -1.75
CA ASP E 61 -44.16 -4.80 -0.71
C ASP E 61 -45.43 -5.63 -0.49
N GLY E 62 -45.97 -5.53 0.73
CA GLY E 62 -47.16 -6.26 1.09
C GLY E 62 -46.93 -7.59 1.76
N ARG E 63 -45.68 -8.01 1.92
CA ARG E 63 -45.33 -9.25 2.59
C ARG E 63 -44.36 -8.97 3.73
N THR E 64 -44.13 -9.99 4.54
CA THR E 64 -43.28 -9.87 5.72
C THR E 64 -41.97 -10.63 5.51
N LEU E 65 -41.07 -10.48 6.48
CA LEU E 65 -39.79 -11.17 6.42
C LEU E 65 -39.97 -12.68 6.59
N ALA E 66 -41.03 -13.11 7.28
CA ALA E 66 -41.25 -14.54 7.46
C ALA E 66 -41.73 -15.19 6.17
N ASP E 67 -42.37 -14.43 5.28
CA ASP E 67 -42.84 -14.99 4.01
C ASP E 67 -41.69 -15.43 3.12
N TYR E 68 -40.48 -14.92 3.34
CA TYR E 68 -39.31 -15.29 2.56
C TYR E 68 -38.34 -16.17 3.34
N ASN E 69 -38.76 -16.70 4.49
CA ASN E 69 -37.93 -17.58 5.32
C ASN E 69 -36.66 -16.87 5.77
N ILE E 70 -36.78 -15.58 6.07
CA ILE E 70 -35.65 -14.79 6.56
C ILE E 70 -35.51 -15.03 8.05
N GLN E 71 -34.33 -15.50 8.47
CA GLN E 71 -34.11 -15.85 9.86
C GLN E 71 -32.89 -15.12 10.43
N ARG E 72 -32.25 -15.72 11.43
CA ARG E 72 -31.14 -15.06 12.09
C ARG E 72 -29.90 -15.03 11.20
N GLU E 73 -29.20 -13.90 11.22
CA GLU E 73 -27.98 -13.67 10.45
C GLU E 73 -28.19 -13.81 8.95
N SER E 74 -29.43 -13.72 8.48
CA SER E 74 -29.67 -13.72 7.04
C SER E 74 -29.15 -12.42 6.43
N THR E 75 -28.56 -12.53 5.25
CA THR E 75 -28.04 -11.39 4.51
C THR E 75 -28.98 -11.10 3.34
N LEU E 76 -29.64 -9.94 3.38
CA LEU E 76 -30.34 -9.42 2.22
C LEU E 76 -29.37 -8.60 1.38
N HIS E 77 -29.58 -8.61 0.07
CA HIS E 77 -28.70 -7.91 -0.86
C HIS E 77 -29.46 -6.77 -1.52
N LEU E 78 -28.93 -5.56 -1.38
CA LEU E 78 -29.46 -4.37 -2.02
C LEU E 78 -28.70 -4.18 -3.34
N VAL E 79 -29.37 -4.43 -4.46
CA VAL E 79 -28.74 -4.41 -5.76
C VAL E 79 -29.31 -3.26 -6.57
N LEU E 80 -28.74 -3.04 -7.75
CA LEU E 80 -29.25 -2.02 -8.66
C LEU E 80 -28.84 -2.39 -10.07
N ARG E 81 -29.41 -1.66 -11.03
CA ARG E 81 -29.10 -1.82 -12.44
C ARG E 81 -28.07 -0.77 -12.85
N LEU E 82 -27.20 -1.14 -13.79
CA LEU E 82 -26.11 -0.28 -14.22
C LEU E 82 -26.31 0.13 -15.68
N ARG E 83 -25.79 1.30 -16.03
CA ARG E 83 -26.14 1.92 -17.30
C ARG E 83 -25.05 1.85 -18.36
N GLY E 84 -23.87 1.31 -18.04
CA GLY E 84 -22.80 1.23 -19.01
C GLY E 84 -22.85 -0.04 -19.83
N GLY E 85 -21.87 -0.18 -20.73
CA GLY E 85 -21.65 -1.43 -21.43
C GLY E 85 -22.13 -1.44 -22.87
N LYS F 7 -50.09 2.69 -9.70
CA LYS F 7 -49.11 3.47 -10.44
C LYS F 7 -49.63 3.81 -11.83
N SER F 8 -49.63 5.10 -12.18
CA SER F 8 -50.13 5.59 -13.45
C SER F 8 -48.95 6.04 -14.32
N THR F 9 -49.28 6.52 -15.52
CA THR F 9 -48.28 7.05 -16.44
C THR F 9 -48.09 8.55 -16.23
N ALA F 10 -47.08 9.10 -16.91
CA ALA F 10 -46.72 10.50 -16.69
C ALA F 10 -47.75 11.44 -17.32
N SER F 11 -48.21 11.13 -18.53
CA SER F 11 -49.17 12.00 -19.19
C SER F 11 -50.51 12.03 -18.44
N SER F 12 -50.98 10.87 -17.99
CA SER F 12 -52.25 10.82 -17.29
C SER F 12 -52.16 11.51 -15.93
N LEU F 13 -51.05 11.32 -15.21
CA LEU F 13 -50.91 11.94 -13.91
C LEU F 13 -50.88 13.46 -14.01
N LEU F 14 -50.23 13.98 -15.06
CA LEU F 14 -50.21 15.44 -15.25
C LEU F 14 -51.59 15.95 -15.66
N LEU F 15 -52.31 15.19 -16.48
CA LEU F 15 -53.62 15.64 -16.93
C LEU F 15 -54.63 15.66 -15.78
N ARG F 16 -54.58 14.66 -14.89
CA ARG F 16 -55.50 14.64 -13.78
C ARG F 16 -55.28 15.83 -12.85
N GLN F 17 -54.03 16.17 -12.58
CA GLN F 17 -53.74 17.32 -11.73
C GLN F 17 -54.01 18.63 -12.45
N TYR F 18 -53.88 18.65 -13.77
CA TYR F 18 -54.26 19.85 -14.52
C TYR F 18 -55.77 20.07 -14.48
N ARG F 19 -56.54 18.98 -14.54
CA ARG F 19 -57.99 19.09 -14.45
C ARG F 19 -58.44 19.45 -13.05
N GLU F 20 -57.69 19.02 -12.03
CA GLU F 20 -58.06 19.32 -10.65
C GLU F 20 -57.75 20.77 -10.29
N LEU F 21 -56.60 21.28 -10.74
CA LEU F 21 -56.20 22.65 -10.42
C LEU F 21 -56.97 23.69 -11.22
N THR F 22 -57.89 23.28 -12.10
CA THR F 22 -58.73 24.19 -12.89
C THR F 22 -60.15 23.63 -12.85
N ASP F 23 -60.86 23.88 -11.75
CA ASP F 23 -62.13 23.20 -11.51
C ASP F 23 -63.37 24.03 -11.89
N PRO F 24 -63.50 25.28 -11.37
CA PRO F 24 -62.71 26.07 -10.43
C PRO F 24 -63.23 25.99 -9.00
N LYS F 25 -64.09 25.01 -8.71
CA LYS F 25 -64.58 24.83 -7.35
C LYS F 25 -63.45 24.49 -6.39
N LYS F 26 -62.40 23.82 -6.87
CA LYS F 26 -61.24 23.46 -6.06
C LYS F 26 -59.99 24.22 -6.47
N ALA F 27 -60.05 25.02 -7.53
CA ALA F 27 -58.85 25.68 -8.05
C ALA F 27 -58.37 26.77 -7.10
N ILE F 28 -57.07 26.81 -6.88
CA ILE F 28 -56.46 27.85 -6.05
C ILE F 28 -56.31 29.12 -6.88
N PRO F 29 -56.82 30.26 -6.42
CA PRO F 29 -56.79 31.48 -7.24
C PRO F 29 -55.42 32.12 -7.36
N SER F 30 -54.40 31.61 -6.68
CA SER F 30 -53.07 32.19 -6.74
C SER F 30 -52.32 31.82 -8.02
N PHE F 31 -52.84 30.88 -8.82
CA PHE F 31 -52.15 30.42 -10.01
C PHE F 31 -53.12 30.33 -11.18
N HIS F 32 -52.71 30.87 -12.32
CA HIS F 32 -53.44 30.72 -13.58
C HIS F 32 -52.68 29.70 -14.43
N ILE F 33 -53.27 28.54 -14.63
CA ILE F 33 -52.59 27.40 -15.27
C ILE F 33 -53.18 27.19 -16.66
N GLU F 34 -52.30 27.16 -17.67
CA GLU F 34 -52.68 26.85 -19.03
C GLU F 34 -51.54 26.07 -19.69
N LEU F 35 -51.90 25.12 -20.55
CA LEU F 35 -50.91 24.37 -21.30
C LEU F 35 -50.32 25.23 -22.41
N GLU F 36 -49.02 25.07 -22.66
CA GLU F 36 -48.40 25.80 -23.75
C GLU F 36 -49.01 25.36 -25.08
N ASP F 37 -49.44 26.33 -25.89
CA ASP F 37 -50.18 26.11 -27.11
C ASP F 37 -51.51 25.39 -26.85
N ASP F 38 -51.96 25.38 -25.59
CA ASP F 38 -53.22 24.74 -25.18
C ASP F 38 -53.25 23.27 -25.59
N SER F 39 -52.13 22.57 -25.44
CA SER F 39 -52.06 21.18 -25.82
C SER F 39 -50.87 20.46 -25.17
N ASN F 40 -49.75 21.16 -24.98
CA ASN F 40 -48.54 20.53 -24.47
C ASN F 40 -48.74 20.15 -23.01
N ILE F 41 -48.79 18.84 -22.74
CA ILE F 41 -49.02 18.36 -21.39
C ILE F 41 -47.78 18.53 -20.52
N PHE F 42 -46.59 18.42 -21.11
CA PHE F 42 -45.34 18.46 -20.36
C PHE F 42 -44.72 19.85 -20.32
N THR F 43 -45.48 20.89 -20.65
CA THR F 43 -44.98 22.26 -20.56
C THR F 43 -46.18 23.16 -20.23
N TRP F 44 -46.17 23.75 -19.04
CA TRP F 44 -47.29 24.55 -18.55
C TRP F 44 -46.86 26.00 -18.42
N ASN F 45 -47.70 26.92 -18.89
CA ASN F 45 -47.50 28.34 -18.69
C ASN F 45 -48.33 28.78 -17.49
N ILE F 46 -47.67 29.32 -16.47
CA ILE F 46 -48.30 29.60 -15.17
C ILE F 46 -48.07 31.06 -14.83
N GLY F 47 -49.13 31.73 -14.37
CA GLY F 47 -49.03 33.06 -13.83
C GLY F 47 -49.03 33.02 -12.32
N VAL F 48 -47.98 33.55 -11.71
CA VAL F 48 -47.81 33.53 -10.27
C VAL F 48 -48.34 34.84 -9.69
N MET F 49 -49.22 34.73 -8.69
CA MET F 49 -49.83 35.89 -8.06
C MET F 49 -49.77 35.75 -6.54
N VAL F 50 -49.51 36.85 -5.85
CA VAL F 50 -49.47 36.89 -4.40
C VAL F 50 -50.72 37.64 -3.95
N LEU F 51 -51.71 36.90 -3.44
CA LEU F 51 -52.99 37.48 -3.05
C LEU F 51 -52.86 37.99 -1.62
N ASN F 52 -52.36 39.23 -1.52
CA ASN F 52 -52.20 39.90 -0.23
C ASN F 52 -51.97 41.37 -0.51
N GLU F 53 -52.93 42.21 -0.10
CA GLU F 53 -52.81 43.64 -0.35
C GLU F 53 -51.68 44.28 0.45
N ASP F 54 -51.24 43.66 1.54
CA ASP F 54 -50.12 44.17 2.32
C ASP F 54 -48.77 43.75 1.77
N SER F 55 -48.74 42.97 0.70
CA SER F 55 -47.49 42.50 0.11
C SER F 55 -47.02 43.45 -0.99
N ILE F 56 -45.71 43.49 -1.20
CA ILE F 56 -45.15 44.29 -2.27
C ILE F 56 -45.45 43.68 -3.63
N TYR F 57 -45.83 42.41 -3.69
CA TYR F 57 -46.18 41.73 -4.92
C TYR F 57 -47.66 41.88 -5.27
N HIS F 58 -48.40 42.68 -4.51
CA HIS F 58 -49.83 42.83 -4.75
C HIS F 58 -50.08 43.43 -6.14
N GLY F 59 -50.94 42.77 -6.90
CA GLY F 59 -51.28 43.22 -8.24
C GLY F 59 -50.39 42.70 -9.34
N GLY F 60 -49.34 41.94 -9.00
CA GLY F 60 -48.43 41.41 -10.00
C GLY F 60 -48.91 40.09 -10.58
N PHE F 61 -48.66 39.90 -11.87
CA PHE F 61 -48.95 38.67 -12.59
C PHE F 61 -47.64 38.18 -13.20
N PHE F 62 -46.87 37.44 -12.41
CA PHE F 62 -45.54 37.00 -12.82
C PHE F 62 -45.67 35.71 -13.63
N LYS F 63 -45.45 35.82 -14.94
CA LYS F 63 -45.55 34.65 -15.81
C LYS F 63 -44.34 33.74 -15.61
N ALA F 64 -44.58 32.44 -15.77
CA ALA F 64 -43.54 31.44 -15.58
C ALA F 64 -43.88 30.22 -16.42
N GLN F 65 -42.90 29.33 -16.56
CA GLN F 65 -43.07 28.13 -17.37
C GLN F 65 -42.47 26.94 -16.63
N MET F 66 -43.18 25.82 -16.66
CA MET F 66 -42.74 24.58 -16.02
C MET F 66 -42.53 23.50 -17.06
N ARG F 67 -41.38 22.85 -17.01
CA ARG F 67 -41.04 21.73 -17.89
C ARG F 67 -41.11 20.44 -17.08
N PHE F 68 -41.87 19.47 -17.58
CA PHE F 68 -42.03 18.20 -16.90
C PHE F 68 -41.24 17.11 -17.61
N PRO F 69 -40.48 16.30 -16.89
CA PRO F 69 -39.76 15.18 -17.52
C PRO F 69 -40.71 14.05 -17.86
N GLU F 70 -40.23 13.15 -18.74
CA GLU F 70 -41.07 12.05 -19.21
C GLU F 70 -41.28 10.98 -18.16
N ASP F 71 -40.49 10.97 -17.09
CA ASP F 71 -40.63 10.03 -16.00
C ASP F 71 -41.26 10.66 -14.76
N PHE F 72 -42.12 11.65 -14.96
CA PHE F 72 -42.85 12.28 -13.86
C PHE F 72 -43.72 11.24 -13.14
N PRO F 73 -43.76 11.27 -11.80
CA PRO F 73 -43.10 12.26 -10.92
C PRO F 73 -41.78 11.79 -10.32
N PHE F 74 -41.13 10.82 -10.96
CA PHE F 74 -39.89 10.31 -10.39
C PHE F 74 -38.72 11.26 -10.59
N SER F 75 -38.88 12.30 -11.41
CA SER F 75 -37.90 13.35 -11.57
C SER F 75 -38.57 14.70 -11.40
N PRO F 76 -37.90 15.66 -10.74
CA PRO F 76 -38.54 16.93 -10.46
C PRO F 76 -38.70 17.76 -11.73
N PRO F 77 -39.74 18.57 -11.82
CA PRO F 77 -39.88 19.49 -12.95
C PRO F 77 -38.97 20.71 -12.79
N GLN F 78 -38.89 21.50 -13.86
CA GLN F 78 -38.07 22.70 -13.88
C GLN F 78 -38.96 23.93 -13.90
N PHE F 79 -38.56 24.98 -13.18
CA PHE F 79 -39.34 26.19 -13.04
C PHE F 79 -38.48 27.38 -13.45
N ARG F 80 -39.06 28.27 -14.25
CA ARG F 80 -38.35 29.46 -14.70
C ARG F 80 -39.35 30.60 -14.84
N PHE F 81 -39.04 31.73 -14.21
CA PHE F 81 -39.87 32.92 -14.37
C PHE F 81 -39.63 33.53 -15.74
N THR F 82 -40.72 33.91 -16.40
CA THR F 82 -40.65 34.49 -17.74
C THR F 82 -41.32 35.86 -17.79
N PRO F 83 -40.53 36.94 -17.71
CA PRO F 83 -39.07 36.93 -17.58
C PRO F 83 -38.59 36.77 -16.14
N ALA F 84 -37.28 36.86 -15.93
CA ALA F 84 -36.72 36.71 -14.60
C ALA F 84 -37.14 37.87 -13.70
N ILE F 85 -37.16 37.60 -12.40
CA ILE F 85 -37.57 38.58 -11.40
C ILE F 85 -36.42 38.81 -10.44
N TYR F 86 -36.42 40.00 -9.82
CA TYR F 86 -35.39 40.41 -8.88
C TYR F 86 -35.72 39.81 -7.50
N HIS F 87 -35.39 38.53 -7.35
CA HIS F 87 -35.63 37.81 -6.11
C HIS F 87 -34.33 37.19 -5.61
N PRO F 88 -34.09 37.20 -4.30
CA PRO F 88 -32.82 36.67 -3.77
C PRO F 88 -32.56 35.21 -4.11
N ASN F 89 -33.60 34.45 -4.49
CA ASN F 89 -33.44 33.05 -4.83
C ASN F 89 -33.68 32.75 -6.30
N VAL F 90 -33.65 33.77 -7.15
CA VAL F 90 -33.89 33.63 -8.58
C VAL F 90 -32.73 34.26 -9.33
N TYR F 91 -32.05 33.46 -10.16
CA TYR F 91 -30.93 33.97 -10.94
C TYR F 91 -31.42 34.86 -12.08
N ARG F 92 -30.46 35.39 -12.84
CA ARG F 92 -30.78 36.33 -13.92
C ARG F 92 -31.45 35.65 -15.10
N ASP F 93 -31.30 34.34 -15.25
CA ASP F 93 -31.89 33.63 -16.37
C ASP F 93 -33.29 33.10 -16.07
N GLY F 94 -33.83 33.38 -14.88
CA GLY F 94 -35.16 32.95 -14.51
C GLY F 94 -35.21 31.71 -13.64
N ARG F 95 -34.12 30.95 -13.59
CA ARG F 95 -34.07 29.76 -12.75
C ARG F 95 -33.92 30.14 -11.29
N LEU F 96 -34.48 29.30 -10.41
CA LEU F 96 -34.51 29.58 -8.99
C LEU F 96 -34.01 28.38 -8.19
N CYS F 97 -33.65 28.64 -6.94
CA CYS F 97 -33.12 27.64 -6.03
C CYS F 97 -34.22 27.28 -5.02
N ILE F 98 -34.89 26.16 -5.25
CA ILE F 98 -35.90 25.63 -4.34
C ILE F 98 -35.53 24.21 -3.98
N SER F 99 -35.65 23.88 -2.69
CA SER F 99 -35.33 22.53 -2.25
C SER F 99 -36.30 21.50 -2.84
N ILE F 100 -37.56 21.88 -3.03
CA ILE F 100 -38.56 20.94 -3.50
C ILE F 100 -38.30 20.47 -4.93
N LEU F 101 -37.49 21.19 -5.69
CA LEU F 101 -37.14 20.80 -7.05
C LEU F 101 -35.69 20.34 -7.17
N HIS F 102 -35.09 19.89 -6.06
CA HIS F 102 -33.73 19.37 -6.07
C HIS F 102 -33.75 17.88 -5.76
N GLN F 103 -32.83 17.15 -6.38
CA GLN F 103 -32.71 15.72 -6.19
C GLN F 103 -31.26 15.28 -6.41
N SER F 104 -30.69 14.49 -5.49
CA SER F 104 -31.41 13.97 -4.34
C SER F 104 -31.31 14.91 -3.13
N GLY F 105 -31.55 14.37 -1.94
CA GLY F 105 -31.52 15.15 -0.73
C GLY F 105 -30.22 15.01 0.04
N ASP F 106 -29.13 15.49 -0.54
CA ASP F 106 -27.83 15.45 0.13
C ASP F 106 -27.71 16.40 1.33
N PRO F 107 -28.11 17.69 1.18
CA PRO F 107 -28.63 18.46 0.04
C PRO F 107 -27.52 19.04 -0.84
N GLU F 115 -36.41 19.61 2.90
CA GLU F 115 -37.23 18.66 2.15
C GLU F 115 -37.04 18.82 0.64
N THR F 116 -36.61 17.74 -0.01
CA THR F 116 -36.31 17.76 -1.43
C THR F 116 -37.45 17.09 -2.22
N TRP F 117 -37.18 16.78 -3.48
CA TRP F 117 -38.20 16.22 -4.35
C TRP F 117 -38.38 14.73 -4.11
N SER F 118 -39.62 14.28 -4.20
CA SER F 118 -39.96 12.86 -4.10
C SER F 118 -41.09 12.58 -5.06
N PRO F 119 -41.27 11.32 -5.48
CA PRO F 119 -42.39 10.98 -6.38
C PRO F 119 -43.76 11.15 -5.76
N VAL F 120 -43.85 11.58 -4.50
CA VAL F 120 -45.12 11.79 -3.84
C VAL F 120 -45.60 13.23 -3.94
N GLN F 121 -44.71 14.17 -4.24
CA GLN F 121 -45.10 15.57 -4.38
C GLN F 121 -45.97 15.77 -5.61
N THR F 122 -46.87 16.76 -5.52
CA THR F 122 -47.80 17.10 -6.59
C THR F 122 -47.46 18.48 -7.15
N VAL F 123 -48.09 18.80 -8.27
CA VAL F 123 -47.91 20.13 -8.86
C VAL F 123 -48.45 21.21 -7.94
N GLU F 124 -49.51 20.91 -7.18
CA GLU F 124 -50.07 21.90 -6.27
C GLU F 124 -49.09 22.27 -5.17
N SER F 125 -48.42 21.27 -4.57
CA SER F 125 -47.50 21.56 -3.48
C SER F 125 -46.26 22.31 -3.97
N VAL F 126 -45.86 22.08 -5.23
CA VAL F 126 -44.72 22.80 -5.78
C VAL F 126 -45.04 24.29 -5.94
N LEU F 127 -46.22 24.59 -6.50
CA LEU F 127 -46.60 25.98 -6.72
C LEU F 127 -46.78 26.71 -5.40
N ILE F 128 -47.33 26.03 -4.38
CA ILE F 128 -47.46 26.63 -3.07
C ILE F 128 -46.10 26.97 -2.49
N SER F 129 -45.10 26.11 -2.73
CA SER F 129 -43.74 26.41 -2.31
C SER F 129 -43.14 27.57 -3.11
N ILE F 130 -43.60 27.79 -4.34
CA ILE F 130 -43.09 28.90 -5.15
C ILE F 130 -43.49 30.23 -4.53
N VAL F 131 -44.78 30.42 -4.27
CA VAL F 131 -45.22 31.69 -3.70
C VAL F 131 -44.69 31.85 -2.27
N SER F 132 -44.51 30.74 -1.56
CA SER F 132 -43.99 30.83 -0.20
C SER F 132 -42.57 31.36 -0.18
N LEU F 133 -41.71 30.86 -1.07
CA LEU F 133 -40.38 31.41 -1.20
C LEU F 133 -40.41 32.83 -1.77
N LEU F 134 -41.40 33.12 -2.61
CA LEU F 134 -41.54 34.47 -3.12
C LEU F 134 -41.88 35.46 -2.01
N GLU F 135 -42.77 35.06 -1.09
CA GLU F 135 -43.13 35.92 0.03
C GLU F 135 -42.07 35.88 1.12
N ASP F 136 -41.54 34.69 1.43
CA ASP F 136 -40.54 34.49 2.47
C ASP F 136 -39.26 33.96 1.83
N PRO F 137 -38.39 34.84 1.33
CA PRO F 137 -37.19 34.37 0.64
C PRO F 137 -36.17 33.78 1.60
N ASN F 138 -35.38 32.85 1.08
CA ASN F 138 -34.30 32.21 1.84
C ASN F 138 -33.01 32.91 1.49
N ILE F 139 -32.63 33.90 2.29
CA ILE F 139 -31.40 34.66 2.05
C ILE F 139 -30.16 33.92 2.51
N ASN F 140 -30.31 32.79 3.20
CA ASN F 140 -29.15 32.02 3.62
C ASN F 140 -28.48 31.33 2.44
N SER F 141 -29.27 30.80 1.51
CA SER F 141 -28.77 30.17 0.28
C SER F 141 -29.28 30.98 -0.91
N PRO F 142 -28.71 32.14 -1.17
CA PRO F 142 -29.24 33.01 -2.22
C PRO F 142 -28.77 32.59 -3.61
N ALA F 143 -29.55 33.01 -4.59
CA ALA F 143 -29.18 32.88 -6.01
C ALA F 143 -28.76 34.25 -6.54
N ASN F 144 -29.69 35.18 -6.67
CA ASN F 144 -29.34 36.55 -7.02
C ASN F 144 -28.71 37.24 -5.83
N VAL F 145 -27.38 37.20 -5.74
CA VAL F 145 -26.69 37.79 -4.60
C VAL F 145 -26.95 39.29 -4.52
N ASP F 146 -27.22 39.93 -5.66
CA ASP F 146 -27.52 41.36 -5.65
C ASP F 146 -28.81 41.65 -4.89
N ALA F 147 -29.77 40.72 -4.91
CA ALA F 147 -31.04 40.90 -4.21
C ALA F 147 -30.99 40.45 -2.76
N ALA F 148 -30.07 39.55 -2.41
CA ALA F 148 -29.98 39.08 -1.03
C ALA F 148 -29.52 40.20 -0.10
N VAL F 149 -28.60 41.05 -0.57
CA VAL F 149 -28.16 42.16 0.25
C VAL F 149 -29.23 43.25 0.33
N ASP F 150 -30.04 43.40 -0.71
CA ASP F 150 -31.11 44.40 -0.68
C ASP F 150 -32.20 44.02 0.30
N TYR F 151 -32.49 42.72 0.42
CA TYR F 151 -33.53 42.29 1.34
C TYR F 151 -33.16 42.53 2.81
N ARG F 152 -31.88 42.69 3.12
CA ARG F 152 -31.42 42.91 4.48
C ARG F 152 -30.86 44.30 4.71
N LYS F 153 -30.02 44.80 3.80
CA LYS F 153 -29.35 46.08 3.99
C LYS F 153 -30.15 47.26 3.46
N ASN F 154 -30.85 47.09 2.33
CA ASN F 154 -31.58 48.17 1.67
C ASN F 154 -33.05 47.80 1.55
N PRO F 155 -33.80 47.80 2.68
CA PRO F 155 -35.21 47.40 2.61
C PRO F 155 -36.06 48.32 1.76
N GLU F 156 -35.85 49.63 1.86
CA GLU F 156 -36.63 50.57 1.06
C GLU F 156 -36.26 50.49 -0.42
N GLN F 157 -34.99 50.20 -0.73
CA GLN F 157 -34.59 50.06 -2.12
C GLN F 157 -35.16 48.79 -2.74
N TYR F 158 -35.13 47.68 -2.00
CA TYR F 158 -35.66 46.42 -2.51
C TYR F 158 -37.14 46.52 -2.83
N LYS F 159 -37.89 47.31 -2.06
CA LYS F 159 -39.31 47.49 -2.36
C LYS F 159 -39.51 48.22 -3.67
N GLN F 160 -38.70 49.24 -3.95
CA GLN F 160 -38.84 49.99 -5.19
C GLN F 160 -38.46 49.15 -6.40
N ARG F 161 -37.53 48.20 -6.23
CA ARG F 161 -37.20 47.30 -7.33
C ARG F 161 -38.36 46.37 -7.65
N VAL F 162 -39.01 45.82 -6.61
CA VAL F 162 -40.12 44.90 -6.83
C VAL F 162 -41.33 45.63 -7.39
N LYS F 163 -41.60 46.85 -6.89
CA LYS F 163 -42.74 47.61 -7.40
C LYS F 163 -42.64 47.85 -8.90
N MET F 164 -41.43 48.10 -9.40
CA MET F 164 -41.26 48.29 -10.84
C MET F 164 -41.55 47.01 -11.60
N GLU F 165 -41.14 45.87 -11.05
CA GLU F 165 -41.41 44.60 -11.71
C GLU F 165 -42.87 44.18 -11.60
N VAL F 166 -43.61 44.70 -10.61
CA VAL F 166 -45.03 44.39 -10.50
C VAL F 166 -45.80 45.07 -11.62
N GLU F 167 -45.46 46.32 -11.94
CA GLU F 167 -46.15 47.03 -13.00
C GLU F 167 -45.87 46.40 -14.37
N ARG F 168 -44.63 45.94 -14.59
CA ARG F 168 -44.30 45.32 -15.87
C ARG F 168 -45.00 43.98 -16.04
N SER F 169 -45.18 43.23 -14.95
CA SER F 169 -45.86 41.94 -15.02
C SER F 169 -47.32 42.07 -15.40
N LYS F 170 -47.92 43.26 -15.22
CA LYS F 170 -49.31 43.46 -15.59
C LYS F 170 -49.52 43.43 -17.10
N GLN F 171 -48.45 43.60 -17.88
CA GLN F 171 -48.58 43.52 -19.33
C GLN F 171 -48.86 42.09 -19.79
N ASP F 172 -48.44 41.10 -19.01
CA ASP F 172 -48.64 39.69 -19.33
C ASP F 172 -49.96 39.14 -18.79
N ILE F 173 -50.84 39.99 -18.31
CA ILE F 173 -52.16 39.53 -17.85
C ILE F 173 -52.98 39.07 -19.04
N PRO F 174 -53.52 37.85 -19.02
CA PRO F 174 -54.30 37.38 -20.17
C PRO F 174 -55.56 38.20 -20.38
N LYS F 175 -55.99 38.27 -21.64
CA LYS F 175 -57.12 39.10 -22.01
C LYS F 175 -58.42 38.47 -21.53
N GLY F 176 -59.26 39.28 -20.89
CA GLY F 176 -60.52 38.80 -20.35
C GLY F 176 -60.43 38.18 -18.97
N PHE F 177 -59.26 38.20 -18.35
CA PHE F 177 -59.05 37.62 -17.03
C PHE F 177 -59.17 38.71 -15.98
N ILE F 178 -60.11 38.54 -15.06
CA ILE F 178 -60.29 39.50 -13.96
C ILE F 178 -59.30 39.17 -12.86
N MET F 179 -58.56 40.18 -12.41
CA MET F 179 -57.54 40.00 -11.39
C MET F 179 -58.19 39.84 -10.03
N PRO F 180 -57.79 38.81 -9.24
CA PRO F 180 -58.34 38.59 -7.89
C PRO F 180 -58.03 39.72 -6.92
PG ATP G . 28.45 -6.51 3.91
O1G ATP G . 28.79 -7.88 3.38
O2G ATP G . 27.21 -5.89 3.31
O3G ATP G . 28.46 -6.41 5.42
PB ATP G . 31.16 -5.59 3.82
O1B ATP G . 31.98 -6.10 2.66
O2B ATP G . 31.24 -6.33 5.13
O3B ATP G . 29.61 -5.52 3.38
PA ATP G . 30.88 -3.12 5.20
O1A ATP G . 30.07 -1.98 4.62
O2A ATP G . 30.22 -4.00 6.22
O3A ATP G . 31.46 -4.02 3.99
O5' ATP G . 32.20 -2.45 5.84
C5' ATP G . 32.90 -3.08 6.91
C4' ATP G . 34.35 -3.20 6.48
O4' ATP G . 35.23 -3.30 7.61
C3' ATP G . 34.53 -4.46 5.66
O3' ATP G . 35.12 -4.12 4.41
C2' ATP G . 35.45 -5.33 6.49
O2' ATP G . 36.34 -6.11 5.70
C1' ATP G . 36.20 -4.32 7.35
N9 ATP G . 36.65 -4.92 8.62
C8 ATP G . 35.88 -5.54 9.53
N7 ATP G . 36.62 -5.97 10.58
C5 ATP G . 37.89 -5.63 10.35
C6 ATP G . 39.19 -5.78 11.06
N6 ATP G . 39.25 -6.41 12.25
N1 ATP G . 40.29 -5.26 10.47
C2 ATP G . 40.24 -4.63 9.28
N3 ATP G . 39.10 -4.46 8.58
C4 ATP G . 37.92 -4.93 9.06
MG MG H . 30.01 -6.10 6.72
S SO4 I . -12.72 -20.89 15.73
O1 SO4 I . -13.42 -19.75 16.31
O2 SO4 I . -13.64 -22.01 15.59
O3 SO4 I . -12.21 -20.53 14.41
O4 SO4 I . -11.61 -21.27 16.60
S SO4 J . 12.60 11.58 -18.37
O1 SO4 J . 11.46 11.03 -17.65
O2 SO4 J . 12.80 10.84 -19.60
O3 SO4 J . 12.34 12.98 -18.68
O4 SO4 J . 13.79 11.49 -17.54
S SO4 K . 3.11 11.19 -11.06
O1 SO4 K . 1.67 11.31 -10.80
O2 SO4 K . 3.33 10.41 -12.27
O3 SO4 K . 3.70 12.51 -11.20
O4 SO4 K . 3.73 10.49 -9.93
S SO4 L . 43.98 -1.79 27.85
O1 SO4 L . 43.03 -1.08 27.01
O2 SO4 L . 43.93 -3.23 27.55
O3 SO4 L . 43.64 -1.58 29.26
O4 SO4 L . 45.32 -1.29 27.60
S SO4 M . 53.51 4.71 6.22
O1 SO4 M . 53.07 3.33 6.43
O2 SO4 M . 53.26 5.10 4.84
O3 SO4 M . 52.76 5.59 7.12
O4 SO4 M . 54.93 4.81 6.51
S SO4 N . 13.37 -15.75 -2.95
O1 SO4 N . 12.13 -15.45 -3.67
O2 SO4 N . 13.25 -17.07 -2.35
O3 SO4 N . 13.60 -14.74 -1.93
O4 SO4 N . 14.49 -15.73 -3.89
S SO4 O . 7.89 -4.79 1.34
O1 SO4 O . 6.45 -4.51 1.35
O2 SO4 O . 8.12 -6.18 1.73
O3 SO4 O . 8.57 -3.91 2.28
O4 SO4 O . 8.41 -4.58 -0.01
S SO4 P . 23.64 31.19 21.03
O1 SO4 P . 24.32 30.05 21.65
O2 SO4 P . 22.45 30.71 20.32
O3 SO4 P . 23.25 32.15 22.06
O4 SO4 P . 24.54 31.84 20.08
C1 EDO Q . 29.85 -9.23 16.47
O1 EDO Q . 29.63 -7.83 16.27
C2 EDO Q . 31.04 -9.39 17.40
O2 EDO Q . 32.19 -8.82 16.78
C1 EDO R . 29.79 11.85 -21.49
O1 EDO R . 29.40 12.89 -22.39
C2 EDO R . 30.01 10.58 -22.30
O2 EDO R . 30.51 9.55 -21.44
C1 EDO S . 24.74 19.54 16.06
O1 EDO S . 24.26 20.88 15.99
C2 EDO S . 26.18 19.48 15.56
O2 EDO S . 26.99 20.33 16.37
C1 EDO T . 3.44 -19.54 12.53
O1 EDO T . 4.12 -18.94 11.42
C2 EDO T . 3.84 -18.82 13.81
O2 EDO T . 5.27 -18.70 13.87
C1 EDO U . -3.54 17.52 -9.10
O1 EDO U . -4.02 18.87 -9.17
C2 EDO U . -2.09 17.52 -9.54
O2 EDO U . -1.41 18.57 -8.84
C1 EDO V . 52.71 2.91 24.42
O1 EDO V . 54.01 2.45 24.08
C2 EDO V . 52.41 2.55 25.86
O2 EDO V . 53.28 3.26 26.73
C1 EDO W . 16.57 30.04 1.75
O1 EDO W . 16.15 30.11 3.12
C2 EDO W . 16.53 28.59 1.26
O2 EDO W . 15.22 28.04 1.39
C1 EDO X . 17.42 -3.51 -11.48
O1 EDO X . 16.65 -3.75 -10.31
C2 EDO X . 16.62 -3.93 -12.71
O2 EDO X . 15.46 -3.10 -12.81
C1 EDO Y . 48.45 5.31 38.07
O1 EDO Y . 48.07 5.25 39.45
C2 EDO Y . 49.68 6.21 37.93
O2 EDO Y . 49.98 6.36 36.54
C1 EDO Z . 29.21 -16.03 5.73
O1 EDO Z . 28.87 -15.71 4.37
C2 EDO Z . 29.60 -14.78 6.51
O2 EDO Z . 28.44 -13.97 6.75
C1 EDO AA . 52.53 21.25 4.17
O1 EDO AA . 53.08 20.44 3.11
C2 EDO AA . 53.67 21.75 5.07
O2 EDO AA . 53.16 22.68 6.03
C1 EDO BA . 25.25 -23.27 28.08
O1 EDO BA . 26.30 -23.48 27.12
C2 EDO BA . 24.20 -24.38 27.98
O2 EDO BA . 24.77 -25.65 28.30
MG MG CA . -20.40 4.85 -23.70
PG ATP DA . -17.14 5.09 -23.91
O1G ATP DA . -16.81 6.25 -24.80
O2G ATP DA . -15.99 4.57 -23.07
O3G ATP DA . -18.40 5.26 -23.13
PB ATP DA . -18.59 3.85 -26.02
O1B ATP DA . -17.96 4.24 -27.34
O2B ATP DA . -19.80 4.64 -25.55
O3B ATP DA . -17.43 3.85 -24.90
PA ATP DA . -19.79 1.54 -24.90
O1A ATP DA . -18.97 0.37 -24.41
O2A ATP DA . -20.27 2.55 -23.89
O3A ATP DA . -18.94 2.28 -26.06
O5' ATP DA . -21.03 0.91 -25.71
C5' ATP DA . -22.25 1.61 -25.89
C4' ATP DA . -22.63 1.60 -27.36
O4' ATP DA . -24.05 1.74 -27.51
C3' ATP DA . -21.99 2.78 -28.08
O3' ATP DA . -21.14 2.29 -29.13
C2' ATP DA . -23.15 3.58 -28.65
O2' ATP DA . -22.89 4.03 -29.98
C1' ATP DA . -24.31 2.59 -28.62
N9 ATP DA . -25.59 3.31 -28.45
C8 ATP DA . -25.93 4.10 -27.41
N7 ATP DA . -27.17 4.61 -27.58
C5 ATP DA . -27.65 4.16 -28.76
C6 ATP DA . -28.90 4.32 -29.54
N6 ATP DA . -29.92 5.09 -29.08
N1 ATP DA . -28.98 3.67 -30.72
C2 ATP DA . -27.98 2.90 -31.18
N3 ATP DA . -26.82 2.71 -30.53
C4 ATP DA . -26.60 3.31 -29.33
S SO4 EA . 3.31 -31.81 -14.85
O1 SO4 EA . 3.25 -32.46 -13.54
O2 SO4 EA . 3.38 -32.82 -15.90
O3 SO4 EA . 4.49 -30.96 -14.92
O4 SO4 EA . 2.11 -31.00 -15.05
S SO4 FA . -49.60 -4.37 -27.11
O1 SO4 FA . -50.18 -4.20 -25.77
O2 SO4 FA . -50.48 -5.22 -27.90
O3 SO4 FA . -49.44 -3.06 -27.74
O4 SO4 FA . -48.29 -5.00 -26.99
S SO4 GA . -4.68 4.66 -7.30
O1 SO4 GA . -4.36 3.24 -7.31
O2 SO4 GA . -6.06 4.87 -7.74
O3 SO4 GA . -4.51 5.17 -5.94
O4 SO4 GA . -3.77 5.37 -8.20
S SO4 HA . -6.16 24.00 15.66
O1 SO4 HA . -6.39 23.11 16.80
O2 SO4 HA . -6.81 23.45 14.48
O3 SO4 HA . -6.71 25.32 15.96
O4 SO4 HA . -4.72 24.10 15.41
S SO4 IA . -32.19 -29.23 -5.97
O1 SO4 IA . -32.99 -29.87 -4.94
O2 SO4 IA . -31.94 -30.17 -7.05
O3 SO4 IA . -30.91 -28.79 -5.41
O4 SO4 IA . -32.91 -28.06 -6.49
S SO4 JA . -2.75 14.36 -15.41
O1 SO4 JA . -2.43 14.24 -16.83
O2 SO4 JA . -3.88 13.46 -15.11
O3 SO4 JA . -3.11 15.74 -15.09
O4 SO4 JA . -1.60 13.97 -14.61
S SO4 KA . -16.23 -50.57 -8.78
O1 SO4 KA . -17.44 -50.87 -8.02
O2 SO4 KA . -16.42 -50.99 -10.17
O3 SO4 KA . -15.96 -49.14 -8.73
O4 SO4 KA . -15.10 -51.30 -8.22
C1 EDO LA . -29.93 9.39 -19.82
O1 EDO LA . -29.92 8.80 -21.12
C2 EDO LA . -28.58 9.14 -19.15
O2 EDO LA . -28.35 7.73 -19.10
C1 EDO MA . -9.72 3.38 -9.06
O1 EDO MA . -9.34 4.75 -9.02
C2 EDO MA . -10.60 3.06 -7.86
O2 EDO MA . -10.90 1.67 -7.90
C1 EDO NA . -1.78 8.92 -23.11
O1 EDO NA . -1.53 8.91 -24.52
C2 EDO NA . -0.49 8.56 -22.37
O2 EDO NA . -0.76 8.46 -20.97
C1 EDO OA . 1.29 0.42 -20.54
O1 EDO OA . 0.60 1.52 -21.14
C2 EDO OA . 2.70 0.34 -21.10
O2 EDO OA . 3.39 1.55 -20.78
C1 EDO PA . -46.87 1.71 -25.47
O1 EDO PA . -47.38 1.93 -24.15
C2 EDO PA . -45.35 1.74 -25.40
O2 EDO PA . -44.92 0.75 -24.47
C1 EDO QA . 7.38 -15.03 -19.19
O1 EDO QA . 8.22 -14.85 -20.34
C2 EDO QA . 8.23 -15.35 -17.97
O2 EDO QA . 9.13 -14.26 -17.69
C1 EDO RA . -0.66 -7.99 -3.38
O1 EDO RA . -0.74 -6.87 -2.48
C2 EDO RA . 0.48 -8.91 -2.94
O2 EDO RA . 0.21 -9.41 -1.61
C1 EDO SA . -11.26 -29.18 -8.56
O1 EDO SA . -10.97 -28.41 -9.74
C2 EDO SA . -12.56 -29.97 -8.76
O2 EDO SA . -12.39 -30.93 -9.81
C1 EDO TA . -22.94 -50.09 -25.46
O1 EDO TA . -23.60 -48.94 -24.93
C2 EDO TA . -21.45 -49.98 -25.22
O2 EDO TA . -21.21 -49.86 -23.82
#